data_7X98
#
_entry.id   7X98
#
_cell.length_a   67.157
_cell.length_b   68.896
_cell.length_c   85.639
_cell.angle_alpha   82.020
_cell.angle_beta   85.260
_cell.angle_gamma   66.060
#
_symmetry.space_group_name_H-M   'P 1'
#
loop_
_entity.id
_entity.type
_entity.pdbx_description
1 polymer '5-aminolevulinate synthase'
2 water water
#
_entity_poly.entity_id   1
_entity_poly.type   'polypeptide(L)'
_entity_poly.pdbx_seq_one_letter_code
;MNYEAYFRRQLDGLHREGRYRVFADLERHAGSFPRATHHRPEGAGDVTVWCSNDYLGMGQHPAVLTAMHEALDSCGAGAG
GTRNIAGTNHYHVLLEQELAALHGKESALLFTSGYVSNWASLSTLASRMPGCVILSDELNHASMIEGIRHSRSETRIFAH
NDPRDLERKLADLDPHAPKLVAFESVYSMDGDIAPIAEICDVADAHNAMTYLDEVHGVGLYGPNGGGIADREGISHRLTI
IEGTLA(LLP)AFGVVGGYIAGSSAVCDFVRSFASGFIFSTSPPPAVAAGALASIRHLRASSAERERHQDRVARLRARLD
QAGVAHMPNPSHIVPVMVGDAALCKQISDELISRYGIYVQPINYPTVPRGTERLRITPSPQHTDADIEHLVQALSEIWTR
VGLAKAA
;
_entity_poly.pdbx_strand_id   A,B,C,D
#
# COMPACT_ATOMS: atom_id res chain seq x y z
N MET A 1 -7.09 -21.21 -1.20
CA MET A 1 -6.94 -20.36 -2.42
C MET A 1 -6.76 -21.26 -3.66
N ASN A 2 -7.79 -21.33 -4.51
CA ASN A 2 -7.66 -21.81 -5.91
C ASN A 2 -7.85 -20.60 -6.84
N TYR A 3 -6.83 -20.24 -7.60
CA TYR A 3 -6.83 -18.99 -8.40
C TYR A 3 -7.97 -19.05 -9.42
N GLU A 4 -8.05 -20.13 -10.18
CA GLU A 4 -9.10 -20.38 -11.21
C GLU A 4 -10.49 -20.20 -10.63
N ALA A 5 -10.76 -20.82 -9.48
CA ALA A 5 -12.11 -20.83 -8.87
C ALA A 5 -12.40 -19.43 -8.34
N TYR A 6 -11.38 -18.76 -7.80
CA TYR A 6 -11.52 -17.37 -7.31
C TYR A 6 -11.96 -16.48 -8.50
N PHE A 7 -11.26 -16.56 -9.63
CA PHE A 7 -11.51 -15.67 -10.81
C PHE A 7 -12.93 -15.94 -11.33
N ARG A 8 -13.31 -17.21 -11.50
CA ARG A 8 -14.66 -17.61 -11.96
C ARG A 8 -15.72 -17.04 -11.02
N ARG A 9 -15.54 -17.16 -9.70
CA ARG A 9 -16.52 -16.65 -8.70
C ARG A 9 -16.74 -15.15 -8.93
N GLN A 10 -15.68 -14.34 -9.05
CA GLN A 10 -15.81 -12.88 -9.35
C GLN A 10 -16.53 -12.70 -10.70
N LEU A 11 -16.21 -13.47 -11.74
CA LEU A 11 -16.94 -13.33 -13.04
C LEU A 11 -18.40 -13.73 -12.84
N ASP A 12 -18.71 -14.71 -11.99
CA ASP A 12 -20.11 -15.15 -11.74
C ASP A 12 -20.88 -14.01 -11.07
N GLY A 13 -20.17 -13.20 -10.29
CA GLY A 13 -20.72 -11.98 -9.65
C GLY A 13 -21.19 -10.99 -10.70
N LEU A 14 -20.36 -10.75 -11.73
CA LEU A 14 -20.73 -9.82 -12.83
C LEU A 14 -21.97 -10.35 -13.55
N HIS A 15 -22.05 -11.67 -13.83
CA HIS A 15 -23.24 -12.32 -14.44
C HIS A 15 -24.47 -12.11 -13.55
N ARG A 16 -24.37 -12.45 -12.26
CA ARG A 16 -25.45 -12.24 -11.23
C ARG A 16 -25.99 -10.80 -11.29
N GLU A 17 -25.13 -9.77 -11.25
CA GLU A 17 -25.55 -8.33 -11.30
C GLU A 17 -25.93 -7.91 -12.73
N GLY A 18 -25.74 -8.78 -13.73
CA GLY A 18 -26.11 -8.47 -15.11
C GLY A 18 -25.12 -7.49 -15.73
N ARG A 19 -23.87 -7.42 -15.31
CA ARG A 19 -22.91 -6.48 -15.96
C ARG A 19 -21.73 -7.23 -16.58
N TYR A 20 -21.77 -8.55 -16.66
CA TYR A 20 -20.83 -9.33 -17.52
C TYR A 20 -21.08 -8.96 -18.99
N ARG A 21 -20.02 -8.68 -19.73
CA ARG A 21 -20.12 -8.14 -21.10
C ARG A 21 -19.56 -9.16 -22.09
N VAL A 22 -20.33 -9.49 -23.13
CA VAL A 22 -19.84 -10.25 -24.31
C VAL A 22 -19.54 -9.23 -25.42
N PHE A 23 -18.29 -9.20 -25.88
CA PHE A 23 -17.84 -8.38 -27.02
C PHE A 23 -18.57 -8.81 -28.30
N ALA A 24 -18.94 -7.83 -29.11
CA ALA A 24 -19.42 -8.05 -30.49
C ALA A 24 -18.21 -8.01 -31.43
N ASP A 25 -18.00 -9.09 -32.18
CA ASP A 25 -16.91 -9.21 -33.19
C ASP A 25 -17.38 -8.53 -34.47
N LEU A 26 -16.91 -7.30 -34.74
CA LEU A 26 -17.34 -6.46 -35.89
C LEU A 26 -16.19 -6.29 -36.87
N GLU A 27 -16.52 -6.09 -38.16
CA GLU A 27 -15.63 -5.42 -39.15
C GLU A 27 -16.40 -4.26 -39.77
N ARG A 28 -16.06 -3.05 -39.37
CA ARG A 28 -16.56 -1.81 -39.99
C ARG A 28 -16.14 -1.81 -41.47
N HIS A 29 -17.07 -1.45 -42.34
CA HIS A 29 -16.86 -1.40 -43.81
C HIS A 29 -16.29 -0.04 -44.20
N ALA A 30 -14.97 0.10 -44.26
CA ALA A 30 -14.31 1.34 -44.70
C ALA A 30 -14.85 1.69 -46.08
N GLY A 31 -15.30 2.93 -46.24
CA GLY A 31 -15.97 3.44 -47.46
C GLY A 31 -17.48 3.38 -47.29
N SER A 32 -17.99 2.61 -46.31
CA SER A 32 -19.44 2.34 -46.15
C SER A 32 -19.88 2.51 -44.69
N PHE A 33 -19.12 3.26 -43.87
CA PHE A 33 -19.55 3.59 -42.48
C PHE A 33 -20.95 4.18 -42.64
N PRO A 34 -21.93 3.86 -41.76
CA PRO A 34 -21.68 3.12 -40.51
C PRO A 34 -21.96 1.62 -40.52
N ARG A 35 -21.93 0.96 -41.69
CA ARG A 35 -22.16 -0.50 -41.79
C ARG A 35 -20.96 -1.26 -41.19
N ALA A 36 -21.25 -2.38 -40.56
CA ALA A 36 -20.25 -3.36 -40.08
C ALA A 36 -20.75 -4.77 -40.37
N THR A 37 -19.84 -5.73 -40.58
CA THR A 37 -20.24 -7.15 -40.48
C THR A 37 -20.09 -7.53 -39.01
N HIS A 38 -21.05 -8.31 -38.54
CA HIS A 38 -21.09 -8.83 -37.16
C HIS A 38 -20.91 -10.34 -37.28
N HIS A 39 -19.78 -10.88 -36.79
CA HIS A 39 -19.52 -12.34 -36.73
C HIS A 39 -20.15 -12.91 -35.45
N ARG A 40 -21.17 -13.76 -35.60
CA ARG A 40 -21.87 -14.48 -34.50
C ARG A 40 -21.65 -15.98 -34.68
N PRO A 41 -21.99 -16.82 -33.68
CA PRO A 41 -22.11 -18.27 -33.90
C PRO A 41 -22.98 -18.63 -35.11
N GLU A 42 -24.10 -17.92 -35.30
CA GLU A 42 -25.03 -18.08 -36.44
C GLU A 42 -24.30 -17.79 -37.77
N GLY A 43 -23.31 -16.90 -37.76
CA GLY A 43 -22.51 -16.51 -38.94
C GLY A 43 -22.36 -15.01 -39.05
N ALA A 44 -22.30 -14.48 -40.28
CA ALA A 44 -22.02 -13.06 -40.58
C ALA A 44 -23.31 -12.38 -41.05
N GLY A 45 -23.68 -11.28 -40.36
CA GLY A 45 -24.78 -10.39 -40.74
C GLY A 45 -24.29 -8.95 -40.74
N ASP A 46 -24.90 -8.09 -41.55
CA ASP A 46 -24.56 -6.66 -41.60
C ASP A 46 -25.37 -5.96 -40.52
N VAL A 47 -24.72 -5.08 -39.76
CA VAL A 47 -25.38 -4.20 -38.74
C VAL A 47 -25.05 -2.75 -39.03
N THR A 48 -25.87 -1.87 -38.46
CA THR A 48 -25.63 -0.40 -38.43
C THR A 48 -25.04 -0.12 -37.06
N VAL A 49 -23.82 0.42 -37.04
CA VAL A 49 -23.14 0.82 -35.78
C VAL A 49 -23.66 2.20 -35.34
N TRP A 50 -24.10 2.29 -34.09
CA TRP A 50 -24.70 3.52 -33.53
C TRP A 50 -24.05 3.96 -32.22
N CYS A 51 -22.93 3.39 -31.80
CA CYS A 51 -22.25 3.78 -30.53
C CYS A 51 -20.72 3.87 -30.71
N SER A 52 -20.22 3.98 -31.93
CA SER A 52 -18.79 4.24 -32.21
C SER A 52 -18.41 5.66 -31.77
N ASN A 53 -17.20 5.82 -31.26
CA ASN A 53 -16.67 7.16 -30.89
C ASN A 53 -15.76 7.70 -32.01
N ASP A 54 -15.76 7.07 -33.18
CA ASP A 54 -15.14 7.63 -34.41
C ASP A 54 -16.14 8.65 -34.95
N TYR A 55 -16.35 9.74 -34.20
CA TYR A 55 -17.56 10.59 -34.27
C TYR A 55 -17.82 11.15 -35.68
N LEU A 56 -16.80 11.48 -36.48
CA LEU A 56 -16.96 12.13 -37.82
C LEU A 56 -16.68 11.12 -38.94
N GLY A 57 -16.42 9.86 -38.61
CA GLY A 57 -16.04 8.83 -39.60
C GLY A 57 -14.66 9.09 -40.19
N MET A 58 -13.77 9.80 -39.48
CA MET A 58 -12.38 10.05 -39.98
C MET A 58 -11.62 8.73 -40.16
N GLY A 59 -12.05 7.66 -39.48
CA GLY A 59 -11.60 6.27 -39.65
C GLY A 59 -11.59 5.79 -41.09
N GLN A 60 -12.47 6.29 -41.96
CA GLN A 60 -12.49 5.93 -43.41
C GLN A 60 -12.12 7.14 -44.28
N HIS A 61 -11.54 8.21 -43.74
CA HIS A 61 -11.26 9.41 -44.56
C HIS A 61 -10.10 9.08 -45.49
N PRO A 62 -10.26 9.37 -46.81
CA PRO A 62 -9.26 8.97 -47.79
C PRO A 62 -7.91 9.66 -47.57
N ALA A 63 -7.86 10.86 -46.99
CA ALA A 63 -6.57 11.53 -46.74
C ALA A 63 -5.87 10.85 -45.57
N VAL A 64 -6.65 10.35 -44.60
CA VAL A 64 -6.11 9.60 -43.43
C VAL A 64 -5.52 8.28 -43.94
N LEU A 65 -6.27 7.57 -44.77
CA LEU A 65 -5.85 6.23 -45.26
C LEU A 65 -4.63 6.40 -46.18
N THR A 66 -4.60 7.42 -47.03
CA THR A 66 -3.46 7.68 -47.96
C THR A 66 -2.16 7.81 -47.16
N ALA A 67 -2.21 8.60 -46.09
CA ALA A 67 -1.06 8.98 -45.24
C ALA A 67 -0.56 7.73 -44.53
N MET A 68 -1.50 6.88 -44.09
CA MET A 68 -1.15 5.62 -43.36
C MET A 68 -0.50 4.62 -44.34
N HIS A 69 -1.08 4.38 -45.50
CA HIS A 69 -0.46 3.54 -46.56
C HIS A 69 0.96 4.03 -46.87
N GLU A 70 1.12 5.34 -47.05
CA GLU A 70 2.44 5.99 -47.38
C GLU A 70 3.44 5.71 -46.27
N ALA A 71 3.03 5.96 -45.04
CA ALA A 71 3.92 5.85 -43.85
C ALA A 71 4.38 4.39 -43.71
N LEU A 72 3.49 3.41 -43.92
CA LEU A 72 3.84 1.98 -43.85
C LEU A 72 4.97 1.69 -44.84
N ASP A 73 4.81 2.11 -46.10
CA ASP A 73 5.76 1.75 -47.18
C ASP A 73 7.07 2.51 -46.98
N SER A 74 7.05 3.68 -46.35
CA SER A 74 8.29 4.44 -46.12
C SER A 74 9.04 3.89 -44.89
N CYS A 75 8.34 3.79 -43.77
CA CYS A 75 9.00 3.64 -42.43
C CYS A 75 8.78 2.25 -41.84
N GLY A 76 7.83 1.48 -42.37
CA GLY A 76 7.57 0.12 -41.85
C GLY A 76 6.43 0.10 -40.86
N ALA A 77 6.29 -1.01 -40.14
CA ALA A 77 5.04 -1.41 -39.45
C ALA A 77 5.00 -0.73 -38.09
N GLY A 78 6.17 -0.46 -37.52
CA GLY A 78 6.30 0.02 -36.14
C GLY A 78 7.47 0.96 -35.96
N ALA A 79 7.58 1.57 -34.79
CA ALA A 79 8.62 2.58 -34.50
C ALA A 79 9.97 1.88 -34.29
N GLY A 80 9.93 0.66 -33.74
CA GLY A 80 11.14 -0.16 -33.47
C GLY A 80 11.96 0.36 -32.29
N GLY A 81 11.35 1.19 -31.44
CA GLY A 81 11.94 1.62 -30.17
C GLY A 81 11.06 2.57 -29.38
N THR A 82 11.56 3.00 -28.25
CA THR A 82 10.96 4.09 -27.44
C THR A 82 11.36 5.42 -28.08
N ARG A 83 10.68 6.51 -27.74
CA ARG A 83 11.01 7.85 -28.31
C ARG A 83 12.48 8.15 -28.01
N ASN A 84 12.99 7.72 -26.86
CA ASN A 84 14.40 7.98 -26.44
C ASN A 84 15.41 7.11 -27.22
N ILE A 85 15.00 5.91 -27.63
CA ILE A 85 15.95 4.89 -28.16
C ILE A 85 15.40 4.32 -29.47
N ALA A 86 15.77 5.01 -30.57
CA ALA A 86 15.60 4.60 -31.99
C ALA A 86 14.15 4.76 -32.47
N GLY A 87 13.18 5.05 -31.57
CA GLY A 87 11.75 5.04 -31.92
C GLY A 87 11.11 6.40 -32.08
N THR A 88 11.88 7.48 -32.19
CA THR A 88 11.34 8.80 -32.65
C THR A 88 11.44 8.86 -34.17
N ASN A 89 10.29 8.97 -34.80
CA ASN A 89 10.09 9.08 -36.26
C ASN A 89 9.59 10.50 -36.55
N HIS A 90 9.92 11.04 -37.71
CA HIS A 90 9.56 12.40 -38.13
C HIS A 90 8.04 12.63 -38.05
N TYR A 91 7.19 11.62 -38.29
CA TYR A 91 5.72 11.78 -38.18
C TYR A 91 5.35 12.15 -36.74
N HIS A 92 6.06 11.61 -35.75
CA HIS A 92 5.79 11.90 -34.31
C HIS A 92 6.02 13.39 -34.08
N VAL A 93 7.10 13.91 -34.69
CA VAL A 93 7.52 15.33 -34.54
C VAL A 93 6.46 16.22 -35.19
N LEU A 94 6.07 15.95 -36.44
CA LEU A 94 5.08 16.76 -37.17
C LEU A 94 3.75 16.70 -36.42
N LEU A 95 3.42 15.54 -35.84
CA LEU A 95 2.15 15.35 -35.10
C LEU A 95 2.19 16.19 -33.82
N GLU A 96 3.29 16.23 -33.09
CA GLU A 96 3.37 17.00 -31.82
C GLU A 96 3.30 18.51 -32.15
N GLN A 97 3.90 18.94 -33.26
CA GLN A 97 3.83 20.34 -33.75
C GLN A 97 2.38 20.65 -34.13
N GLU A 98 1.70 19.73 -34.83
CA GLU A 98 0.29 19.96 -35.23
C GLU A 98 -0.58 20.11 -33.97
N LEU A 99 -0.43 19.25 -32.98
CA LEU A 99 -1.25 19.30 -31.74
C LEU A 99 -0.97 20.59 -30.95
N ALA A 100 0.28 21.03 -30.81
CA ALA A 100 0.62 22.34 -30.22
C ALA A 100 -0.21 23.45 -30.91
N ALA A 101 -0.18 23.49 -32.25
CA ALA A 101 -0.84 24.54 -33.07
C ALA A 101 -2.38 24.45 -32.88
N LEU A 102 -2.94 23.24 -32.93
CA LEU A 102 -4.40 23.00 -32.75
C LEU A 102 -4.89 23.76 -31.51
N HIS A 103 -4.16 23.70 -30.39
CA HIS A 103 -4.61 24.25 -29.06
C HIS A 103 -3.92 25.59 -28.75
N GLY A 104 -3.23 26.16 -29.75
CA GLY A 104 -2.43 27.40 -29.59
C GLY A 104 -1.43 27.33 -28.45
N LYS A 105 -0.78 26.19 -28.23
CA LYS A 105 0.23 26.03 -27.14
C LYS A 105 1.64 25.96 -27.74
N GLU A 106 2.65 26.21 -26.92
CA GLU A 106 4.09 26.12 -27.30
C GLU A 106 4.45 24.70 -27.74
N SER A 107 3.90 23.66 -27.11
CA SER A 107 4.37 22.28 -27.31
C SER A 107 3.24 21.24 -27.13
N ALA A 108 3.49 20.02 -27.56
CA ALA A 108 2.59 18.85 -27.37
C ALA A 108 3.46 17.59 -27.20
N LEU A 109 2.93 16.61 -26.49
CA LEU A 109 3.63 15.35 -26.16
C LEU A 109 2.67 14.22 -26.54
N LEU A 110 3.15 13.30 -27.38
CA LEU A 110 2.35 12.16 -27.90
C LEU A 110 2.52 10.97 -26.94
N PHE A 111 1.40 10.35 -26.57
CA PHE A 111 1.38 9.06 -25.85
C PHE A 111 0.68 8.00 -26.72
N THR A 112 0.82 6.75 -26.28
CA THR A 112 0.33 5.55 -26.97
C THR A 112 -1.22 5.54 -26.94
N SER A 113 -1.85 6.18 -25.96
CA SER A 113 -3.33 6.24 -25.82
C SER A 113 -3.75 7.49 -25.05
N GLY A 114 -5.01 7.91 -25.21
CA GLY A 114 -5.60 8.90 -24.31
C GLY A 114 -5.48 8.45 -22.87
N TYR A 115 -5.77 7.17 -22.61
CA TYR A 115 -5.79 6.62 -21.23
C TYR A 115 -4.43 6.88 -20.59
N VAL A 116 -3.35 6.53 -21.28
CA VAL A 116 -1.96 6.66 -20.77
C VAL A 116 -1.58 8.16 -20.64
N SER A 117 -2.06 9.02 -21.54
CA SER A 117 -1.73 10.46 -21.47
C SER A 117 -2.23 10.99 -20.13
N ASN A 118 -3.42 10.54 -19.70
CA ASN A 118 -4.04 11.00 -18.43
C ASN A 118 -3.34 10.38 -17.23
N TRP A 119 -3.24 9.05 -17.20
CA TRP A 119 -2.60 8.28 -16.11
C TRP A 119 -1.16 8.77 -15.89
N ALA A 120 -0.36 8.83 -16.96
CA ALA A 120 1.07 9.24 -16.87
C ALA A 120 1.22 10.72 -16.51
N SER A 121 0.52 11.63 -17.20
CA SER A 121 0.70 13.10 -16.99
C SER A 121 0.25 13.48 -15.56
N LEU A 122 -0.94 13.05 -15.15
CA LEU A 122 -1.51 13.47 -13.84
C LEU A 122 -0.65 12.84 -12.73
N SER A 123 -0.22 11.58 -12.88
CA SER A 123 0.61 10.91 -11.84
C SER A 123 1.94 11.66 -11.72
N THR A 124 2.57 11.99 -12.83
CA THR A 124 3.91 12.62 -12.87
C THR A 124 3.81 14.04 -12.32
N LEU A 125 2.83 14.81 -12.79
CA LEU A 125 2.69 16.24 -12.41
C LEU A 125 2.49 16.34 -10.89
N ALA A 126 1.56 15.57 -10.33
CA ALA A 126 1.18 15.62 -8.89
C ALA A 126 2.30 15.06 -8.00
N SER A 127 2.80 13.88 -8.35
CA SER A 127 3.97 13.18 -7.76
C SER A 127 5.08 14.18 -7.41
N ARG A 128 5.49 14.94 -8.40
CA ARG A 128 6.73 15.73 -8.39
C ARG A 128 6.46 17.16 -7.92
N MET A 129 5.26 17.45 -7.43
CA MET A 129 4.98 18.75 -6.75
C MET A 129 4.67 18.41 -5.31
N PRO A 130 5.66 18.54 -4.40
CA PRO A 130 5.44 18.14 -3.00
C PRO A 130 4.25 18.92 -2.43
N GLY A 131 3.38 18.22 -1.70
CA GLY A 131 2.23 18.84 -1.02
C GLY A 131 1.12 19.25 -1.96
N CYS A 132 1.20 18.89 -3.25
CA CYS A 132 0.17 19.15 -4.30
C CYS A 132 -1.16 18.62 -3.79
N VAL A 133 -2.24 19.39 -3.94
CA VAL A 133 -3.61 18.87 -3.72
C VAL A 133 -4.26 18.81 -5.11
N ILE A 134 -4.79 17.66 -5.51
CA ILE A 134 -5.54 17.48 -6.79
C ILE A 134 -7.03 17.67 -6.50
N LEU A 135 -7.68 18.56 -7.24
CA LEU A 135 -9.13 18.76 -7.15
C LEU A 135 -9.72 18.20 -8.44
N SER A 136 -10.55 17.17 -8.31
CA SER A 136 -11.00 16.31 -9.42
C SER A 136 -12.52 16.43 -9.52
N ASP A 137 -13.03 16.69 -10.71
CA ASP A 137 -14.48 16.68 -10.93
C ASP A 137 -14.98 15.27 -10.54
N GLU A 138 -16.04 15.25 -9.76
CA GLU A 138 -16.84 14.06 -9.38
C GLU A 138 -16.80 13.01 -10.50
N LEU A 139 -17.04 13.41 -11.75
CA LEU A 139 -17.33 12.44 -12.85
C LEU A 139 -16.15 12.28 -13.81
N ASN A 140 -14.92 12.56 -13.35
CA ASN A 140 -13.70 12.39 -14.18
C ASN A 140 -13.61 10.93 -14.66
N HIS A 141 -13.13 10.75 -15.90
CA HIS A 141 -12.83 9.44 -16.52
C HIS A 141 -11.89 8.59 -15.66
N ALA A 142 -12.03 7.28 -15.76
CA ALA A 142 -11.20 6.28 -15.05
C ALA A 142 -9.71 6.61 -15.23
N SER A 143 -9.29 7.05 -16.40
CA SER A 143 -7.85 7.28 -16.70
C SER A 143 -7.33 8.41 -15.81
N MET A 144 -8.17 9.41 -15.56
CA MET A 144 -7.79 10.58 -14.74
C MET A 144 -7.77 10.14 -13.28
N ILE A 145 -8.78 9.39 -12.84
CA ILE A 145 -8.85 8.82 -11.45
C ILE A 145 -7.58 8.03 -11.19
N GLU A 146 -7.19 7.12 -12.11
CA GLU A 146 -6.05 6.21 -11.88
C GLU A 146 -4.75 7.03 -11.85
N GLY A 147 -4.62 8.06 -12.68
CA GLY A 147 -3.46 8.97 -12.64
C GLY A 147 -3.37 9.62 -11.28
N ILE A 148 -4.49 10.15 -10.80
CA ILE A 148 -4.59 10.83 -9.48
C ILE A 148 -4.23 9.83 -8.37
N ARG A 149 -4.82 8.63 -8.39
CA ARG A 149 -4.54 7.56 -7.38
C ARG A 149 -3.04 7.23 -7.41
N HIS A 150 -2.45 7.07 -8.59
CA HIS A 150 -1.04 6.62 -8.76
C HIS A 150 -0.07 7.67 -8.18
N SER A 151 -0.40 8.97 -8.30
CA SER A 151 0.38 10.12 -7.73
C SER A 151 0.59 9.98 -6.22
N ARG A 152 -0.41 9.43 -5.50
CA ARG A 152 -0.43 9.33 -4.02
C ARG A 152 -0.62 10.71 -3.38
N SER A 153 -0.83 11.75 -4.21
CA SER A 153 -1.08 13.14 -3.75
C SER A 153 -2.43 13.22 -3.02
N GLU A 154 -2.54 14.21 -2.15
CA GLU A 154 -3.80 14.55 -1.45
C GLU A 154 -4.80 14.99 -2.52
N THR A 155 -6.00 14.47 -2.44
CA THR A 155 -7.04 14.62 -3.48
C THR A 155 -8.31 15.14 -2.83
N ARG A 156 -8.96 16.12 -3.44
CA ARG A 156 -10.35 16.51 -3.11
C ARG A 156 -11.22 16.29 -4.34
N ILE A 157 -12.36 15.69 -4.17
CA ILE A 157 -13.40 15.62 -5.22
C ILE A 157 -14.34 16.82 -5.06
N PHE A 158 -14.63 17.55 -6.13
CA PHE A 158 -15.67 18.62 -6.13
C PHE A 158 -16.90 18.17 -6.93
N ALA A 159 -18.06 18.67 -6.53
CA ALA A 159 -19.36 18.27 -7.09
C ALA A 159 -19.35 18.61 -8.59
N HIS A 160 -19.98 17.76 -9.37
CA HIS A 160 -19.93 17.79 -10.86
C HIS A 160 -20.23 19.19 -11.41
N ASN A 161 -19.31 19.72 -12.22
CA ASN A 161 -19.42 21.03 -12.92
C ASN A 161 -19.82 22.16 -11.95
N ASP A 162 -19.42 22.09 -10.67
CA ASP A 162 -19.87 23.08 -9.66
C ASP A 162 -18.70 23.94 -9.21
N PRO A 163 -18.50 25.14 -9.79
CA PRO A 163 -17.37 25.98 -9.40
C PRO A 163 -17.47 26.48 -7.95
N ARG A 164 -18.68 26.49 -7.37
CA ARG A 164 -18.92 26.96 -5.98
C ARG A 164 -18.40 25.87 -5.03
N ASP A 165 -18.61 24.61 -5.39
CA ASP A 165 -18.07 23.49 -4.60
C ASP A 165 -16.55 23.44 -4.78
N LEU A 166 -16.03 23.77 -5.97
CA LEU A 166 -14.56 23.85 -6.18
C LEU A 166 -13.99 24.94 -5.27
N GLU A 167 -14.66 26.09 -5.21
CA GLU A 167 -14.29 27.22 -4.31
C GLU A 167 -14.20 26.68 -2.87
N ARG A 168 -15.27 26.06 -2.36
CA ARG A 168 -15.34 25.54 -0.96
C ARG A 168 -14.19 24.56 -0.71
N LYS A 169 -13.91 23.64 -1.63
CA LYS A 169 -12.83 22.63 -1.45
C LYS A 169 -11.44 23.32 -1.50
N LEU A 170 -11.25 24.36 -2.32
CA LEU A 170 -9.94 25.06 -2.41
C LEU A 170 -9.72 25.96 -1.19
N ALA A 171 -10.80 26.47 -0.58
CA ALA A 171 -10.78 27.55 0.43
C ALA A 171 -10.02 27.11 1.69
N ASP A 172 -10.24 25.87 2.15
CA ASP A 172 -9.74 25.32 3.42
C ASP A 172 -8.28 24.85 3.31
N LEU A 173 -7.64 25.00 2.14
CA LEU A 173 -6.29 24.43 1.83
C LEU A 173 -5.20 25.41 2.23
N ASP A 174 -4.08 24.86 2.71
CA ASP A 174 -2.80 25.61 2.82
C ASP A 174 -2.64 26.46 1.57
N PRO A 175 -2.59 27.80 1.68
CA PRO A 175 -2.48 28.67 0.51
C PRO A 175 -1.15 28.55 -0.27
N HIS A 176 -0.08 28.02 0.37
CA HIS A 176 1.26 27.87 -0.24
C HIS A 176 1.38 26.57 -1.04
N ALA A 177 0.51 25.58 -0.82
CA ALA A 177 0.60 24.25 -1.47
C ALA A 177 0.28 24.38 -2.95
N PRO A 178 0.95 23.59 -3.84
CA PRO A 178 0.60 23.56 -5.25
C PRO A 178 -0.79 22.93 -5.37
N LYS A 179 -1.55 23.34 -6.38
CA LYS A 179 -2.97 22.92 -6.57
C LYS A 179 -3.19 22.70 -8.07
N LEU A 180 -3.92 21.63 -8.42
CA LEU A 180 -4.18 21.24 -9.82
C LEU A 180 -5.66 20.86 -9.91
N VAL A 181 -6.43 21.54 -10.75
CA VAL A 181 -7.86 21.27 -10.97
C VAL A 181 -7.94 20.46 -12.27
N ALA A 182 -8.41 19.21 -12.16
CA ALA A 182 -8.54 18.23 -13.27
C ALA A 182 -10.03 18.02 -13.58
N PHE A 183 -10.42 18.22 -14.84
CA PHE A 183 -11.83 18.19 -15.27
C PHE A 183 -11.86 17.95 -16.79
N GLU A 184 -13.07 17.66 -17.30
CA GLU A 184 -13.30 17.41 -18.73
C GLU A 184 -14.13 18.56 -19.29
N SER A 185 -13.99 18.80 -20.60
CA SER A 185 -14.79 19.78 -21.36
C SER A 185 -16.19 19.22 -21.61
N VAL A 186 -16.25 17.97 -22.13
CA VAL A 186 -17.52 17.26 -22.48
C VAL A 186 -17.52 15.89 -21.79
N TYR A 187 -18.51 15.63 -20.93
CA TYR A 187 -18.62 14.36 -20.18
C TYR A 187 -19.42 13.37 -21.03
N SER A 188 -18.87 12.15 -21.21
CA SER A 188 -19.36 11.11 -22.17
C SER A 188 -20.78 10.67 -21.81
N MET A 189 -21.09 10.50 -20.54
CA MET A 189 -22.26 9.64 -20.23
C MET A 189 -23.52 10.50 -20.17
N ASP A 190 -23.44 11.76 -19.78
CA ASP A 190 -24.61 12.69 -19.80
C ASP A 190 -24.52 13.65 -21.01
N GLY A 191 -23.32 13.81 -21.59
CA GLY A 191 -23.05 14.76 -22.71
C GLY A 191 -23.08 16.21 -22.28
N ASP A 192 -22.94 16.49 -20.98
CA ASP A 192 -22.93 17.86 -20.46
C ASP A 192 -21.58 18.52 -20.76
N ILE A 193 -21.55 19.87 -20.87
CA ILE A 193 -20.33 20.67 -21.17
C ILE A 193 -19.95 21.43 -19.90
N ALA A 194 -18.68 21.36 -19.49
CA ALA A 194 -18.17 22.05 -18.29
C ALA A 194 -18.21 23.56 -18.46
N PRO A 195 -18.52 24.29 -17.38
CA PRO A 195 -18.41 25.74 -17.34
C PRO A 195 -16.93 26.11 -17.16
N ILE A 196 -16.15 25.94 -18.23
CA ILE A 196 -14.67 26.00 -18.22
C ILE A 196 -14.21 27.37 -17.72
N ALA A 197 -14.79 28.45 -18.27
CA ALA A 197 -14.47 29.85 -17.90
C ALA A 197 -14.65 30.08 -16.39
N GLU A 198 -15.74 29.64 -15.79
CA GLU A 198 -16.03 29.84 -14.34
C GLU A 198 -15.07 28.97 -13.50
N ILE A 199 -14.82 27.72 -13.92
CA ILE A 199 -13.84 26.85 -13.23
C ILE A 199 -12.43 27.51 -13.29
N CYS A 200 -12.03 28.03 -14.44
CA CYS A 200 -10.75 28.74 -14.64
C CYS A 200 -10.70 30.00 -13.76
N ASP A 201 -11.81 30.72 -13.60
CA ASP A 201 -11.87 31.90 -12.70
C ASP A 201 -11.51 31.46 -11.27
N VAL A 202 -12.10 30.37 -10.77
CA VAL A 202 -11.86 29.88 -9.39
C VAL A 202 -10.42 29.36 -9.28
N ALA A 203 -9.92 28.66 -10.29
CA ALA A 203 -8.52 28.16 -10.29
C ALA A 203 -7.55 29.35 -10.15
N ASP A 204 -7.73 30.41 -10.95
CA ASP A 204 -6.86 31.63 -10.97
C ASP A 204 -6.87 32.32 -9.59
N ALA A 205 -8.03 32.47 -8.97
CA ALA A 205 -8.20 33.17 -7.68
C ALA A 205 -7.52 32.38 -6.57
N HIS A 206 -7.11 31.12 -6.82
CA HIS A 206 -6.43 30.27 -5.81
C HIS A 206 -5.05 29.81 -6.30
N ASN A 207 -4.48 30.40 -7.34
CA ASN A 207 -3.15 30.03 -7.89
C ASN A 207 -3.08 28.53 -8.22
N ALA A 208 -4.08 27.98 -8.91
CA ALA A 208 -4.16 26.54 -9.27
C ALA A 208 -3.88 26.35 -10.77
N MET A 209 -3.12 25.30 -11.11
CA MET A 209 -2.98 24.79 -12.49
C MET A 209 -4.33 24.23 -12.91
N THR A 210 -4.60 24.24 -14.20
CA THR A 210 -5.81 23.59 -14.77
C THR A 210 -5.35 22.55 -15.79
N TYR A 211 -5.99 21.38 -15.69
CA TYR A 211 -5.79 20.21 -16.57
C TYR A 211 -7.15 19.84 -17.15
N LEU A 212 -7.33 20.01 -18.47
CA LEU A 212 -8.62 19.83 -19.19
C LEU A 212 -8.50 18.69 -20.18
N ASP A 213 -9.19 17.60 -19.90
CA ASP A 213 -9.42 16.48 -20.84
C ASP A 213 -10.50 16.90 -21.85
N GLU A 214 -10.13 17.10 -23.14
CA GLU A 214 -11.02 17.51 -24.24
C GLU A 214 -11.30 16.31 -25.15
N VAL A 215 -11.23 15.09 -24.61
CA VAL A 215 -11.38 13.86 -25.41
C VAL A 215 -12.67 13.90 -26.25
N HIS A 216 -13.80 14.37 -25.71
CA HIS A 216 -15.11 14.35 -26.42
C HIS A 216 -15.45 15.73 -26.99
N GLY A 217 -14.46 16.62 -27.01
CA GLY A 217 -14.58 17.98 -27.59
C GLY A 217 -13.70 18.15 -28.80
N VAL A 218 -12.46 17.67 -28.73
CA VAL A 218 -11.44 18.03 -29.74
C VAL A 218 -11.84 17.37 -31.05
N GLY A 219 -11.69 18.09 -32.16
CA GLY A 219 -12.12 17.70 -33.50
C GLY A 219 -13.57 18.07 -33.79
N LEU A 220 -14.39 18.40 -32.78
CA LEU A 220 -15.88 18.44 -32.94
C LEU A 220 -16.48 19.84 -32.70
N TYR A 221 -15.73 20.75 -32.09
CA TYR A 221 -16.17 22.11 -31.69
C TYR A 221 -15.03 23.07 -31.94
N GLY A 222 -15.36 24.35 -32.18
CA GLY A 222 -14.38 25.44 -32.20
C GLY A 222 -14.04 25.87 -33.61
N PRO A 223 -13.56 27.13 -33.78
CA PRO A 223 -13.18 27.63 -35.10
C PRO A 223 -12.04 26.80 -35.70
N ASN A 224 -11.20 26.16 -34.87
CA ASN A 224 -9.97 25.42 -35.29
C ASN A 224 -10.19 23.91 -35.15
N GLY A 225 -11.41 23.51 -34.79
CA GLY A 225 -11.69 22.14 -34.33
C GLY A 225 -10.92 21.77 -33.07
N GLY A 226 -10.60 22.73 -32.19
CA GLY A 226 -9.76 22.50 -31.01
C GLY A 226 -10.57 21.98 -29.81
N GLY A 227 -11.91 22.07 -29.88
CA GLY A 227 -12.82 21.61 -28.82
C GLY A 227 -13.56 22.77 -28.16
N ILE A 228 -14.03 22.57 -26.92
CA ILE A 228 -14.88 23.56 -26.22
C ILE A 228 -14.03 24.78 -25.86
N ALA A 229 -12.81 24.61 -25.35
CA ALA A 229 -11.98 25.77 -24.93
C ALA A 229 -11.72 26.65 -26.17
N ASP A 230 -11.45 26.04 -27.32
CA ASP A 230 -11.30 26.72 -28.64
C ASP A 230 -12.60 27.47 -28.93
N ARG A 231 -13.75 26.81 -28.81
CA ARG A 231 -15.05 27.44 -29.15
C ARG A 231 -15.29 28.68 -28.28
N GLU A 232 -14.94 28.60 -27.01
CA GLU A 232 -15.16 29.68 -26.03
C GLU A 232 -14.01 30.71 -26.08
N GLY A 233 -12.96 30.49 -26.86
CA GLY A 233 -11.81 31.41 -27.00
C GLY A 233 -10.95 31.47 -25.76
N ILE A 234 -10.86 30.39 -25.00
CA ILE A 234 -10.15 30.40 -23.68
C ILE A 234 -9.08 29.30 -23.59
N SER A 235 -8.61 28.74 -24.71
CA SER A 235 -7.56 27.70 -24.74
C SER A 235 -6.37 28.17 -23.89
N HIS A 236 -6.06 29.47 -23.99
CA HIS A 236 -4.90 30.15 -23.35
C HIS A 236 -5.01 30.08 -21.82
N ARG A 237 -6.19 29.81 -21.29
CA ARG A 237 -6.41 29.84 -19.81
C ARG A 237 -6.04 28.52 -19.13
N LEU A 238 -5.96 27.44 -19.89
CA LEU A 238 -5.66 26.10 -19.34
C LEU A 238 -4.15 25.86 -19.38
N THR A 239 -3.63 25.36 -18.26
CA THR A 239 -2.21 24.96 -18.12
C THR A 239 -1.94 23.78 -19.06
N ILE A 240 -2.84 22.80 -19.10
CA ILE A 240 -2.73 21.61 -20.00
C ILE A 240 -4.08 21.31 -20.61
N ILE A 241 -4.08 21.07 -21.92
CA ILE A 241 -5.23 20.49 -22.63
C ILE A 241 -4.80 19.08 -23.04
N GLU A 242 -5.61 18.09 -22.70
CA GLU A 242 -5.31 16.69 -23.05
C GLU A 242 -6.35 16.25 -24.05
N GLY A 243 -6.00 15.29 -24.91
CA GLY A 243 -6.98 14.71 -25.82
C GLY A 243 -6.56 13.34 -26.31
N THR A 244 -7.37 12.80 -27.21
CA THR A 244 -7.17 11.48 -27.84
C THR A 244 -7.09 11.70 -29.35
N LEU A 245 -6.43 10.78 -30.01
CA LEU A 245 -6.39 10.73 -31.49
C LEU A 245 -7.35 9.65 -31.97
N ALA A 246 -8.07 9.01 -31.07
CA ALA A 246 -8.79 7.75 -31.32
C ALA A 246 -10.26 8.00 -31.64
N ALA A 248 -12.78 11.55 -32.46
CA ALA A 248 -13.05 12.41 -33.63
C ALA A 248 -11.93 12.26 -34.67
N PHE A 249 -10.67 12.17 -34.26
CA PHE A 249 -9.53 12.07 -35.23
C PHE A 249 -9.43 10.65 -35.83
N GLY A 250 -10.02 9.62 -35.21
CA GLY A 250 -10.39 8.34 -35.89
C GLY A 250 -9.24 7.34 -36.03
N VAL A 251 -8.17 7.51 -35.26
CA VAL A 251 -7.02 6.57 -35.33
C VAL A 251 -6.81 5.98 -33.93
N VAL A 252 -5.74 6.40 -33.26
CA VAL A 252 -5.38 5.89 -31.91
C VAL A 252 -4.26 6.80 -31.38
N GLY A 253 -4.11 6.91 -30.07
CA GLY A 253 -3.07 7.71 -29.41
C GLY A 253 -3.64 8.72 -28.44
N GLY A 254 -2.79 9.29 -27.62
CA GLY A 254 -3.16 10.36 -26.67
C GLY A 254 -2.16 11.48 -26.74
N TYR A 255 -2.50 12.64 -26.18
CA TYR A 255 -1.51 13.75 -26.10
C TYR A 255 -1.85 14.68 -24.97
N ILE A 256 -0.87 15.50 -24.57
CA ILE A 256 -1.13 16.75 -23.82
C ILE A 256 -0.54 17.90 -24.64
N ALA A 257 -1.06 19.10 -24.43
CA ALA A 257 -0.57 20.35 -25.06
C ALA A 257 -0.48 21.40 -23.97
N GLY A 258 0.64 22.12 -23.95
CA GLY A 258 0.93 23.13 -22.93
C GLY A 258 2.24 23.81 -23.25
N SER A 259 2.82 24.46 -22.26
CA SER A 259 4.12 25.16 -22.42
C SER A 259 5.17 24.12 -22.79
N SER A 260 6.25 24.58 -23.41
CA SER A 260 7.45 23.74 -23.68
C SER A 260 7.88 23.10 -22.36
N ALA A 261 7.79 23.84 -21.25
CA ALA A 261 8.32 23.41 -19.93
C ALA A 261 7.46 22.28 -19.37
N VAL A 262 6.14 22.42 -19.37
CA VAL A 262 5.27 21.34 -18.79
C VAL A 262 5.38 20.08 -19.66
N CYS A 263 5.37 20.20 -20.98
CA CYS A 263 5.47 19.04 -21.91
C CYS A 263 6.85 18.39 -21.74
N ASP A 264 7.91 19.18 -21.67
CA ASP A 264 9.28 18.63 -21.51
C ASP A 264 9.38 17.92 -20.15
N PHE A 265 8.76 18.48 -19.12
CA PHE A 265 8.71 17.94 -17.75
C PHE A 265 8.11 16.53 -17.76
N VAL A 266 6.91 16.36 -18.33
CA VAL A 266 6.22 15.04 -18.44
C VAL A 266 7.05 14.11 -19.33
N ARG A 267 7.56 14.59 -20.45
CA ARG A 267 8.42 13.79 -21.38
C ARG A 267 9.60 13.22 -20.61
N SER A 268 10.22 14.00 -19.72
CA SER A 268 11.49 13.61 -19.05
C SER A 268 11.26 12.68 -17.85
N PHE A 269 10.05 12.60 -17.27
CA PHE A 269 9.87 11.92 -15.96
C PHE A 269 8.82 10.80 -16.02
N ALA A 270 7.90 10.81 -16.99
CA ALA A 270 6.72 9.91 -16.91
C ALA A 270 7.11 8.54 -17.46
N SER A 271 7.15 7.53 -16.57
CA SER A 271 7.42 6.10 -16.86
C SER A 271 6.57 5.62 -18.04
N GLY A 272 5.27 5.92 -18.05
CA GLY A 272 4.31 5.40 -19.05
C GLY A 272 4.55 6.00 -20.43
N PHE A 273 5.31 7.09 -20.50
CA PHE A 273 5.78 7.66 -21.77
C PHE A 273 7.14 7.05 -22.15
N ILE A 274 8.07 7.06 -21.22
CA ILE A 274 9.51 6.74 -21.47
C ILE A 274 9.69 5.26 -21.84
N PHE A 275 9.07 4.34 -21.09
CA PHE A 275 9.39 2.89 -21.15
C PHE A 275 8.38 2.09 -21.99
N SER A 276 7.82 2.69 -23.03
CA SER A 276 6.86 2.02 -23.95
C SER A 276 7.16 2.42 -25.39
N THR A 277 7.17 1.43 -26.29
CA THR A 277 7.39 1.63 -27.74
C THR A 277 6.51 2.79 -28.21
N SER A 278 7.09 3.65 -29.06
CA SER A 278 6.41 4.79 -29.70
C SER A 278 5.28 4.25 -30.57
N PRO A 279 4.25 5.08 -30.83
CA PRO A 279 3.21 4.68 -31.76
C PRO A 279 3.83 4.38 -33.12
N PRO A 280 3.25 3.43 -33.89
CA PRO A 280 3.69 3.19 -35.26
C PRO A 280 3.67 4.47 -36.07
N PRO A 281 4.67 4.68 -36.96
CA PRO A 281 4.71 5.83 -37.86
C PRO A 281 3.41 6.02 -38.63
N ALA A 282 2.79 4.94 -39.08
CA ALA A 282 1.51 4.96 -39.84
C ALA A 282 0.40 5.56 -38.97
N VAL A 283 0.38 5.23 -37.68
CA VAL A 283 -0.62 5.81 -36.75
C VAL A 283 -0.39 7.32 -36.64
N ALA A 284 0.85 7.76 -36.47
CA ALA A 284 1.20 9.17 -36.37
C ALA A 284 0.87 9.90 -37.68
N ALA A 285 1.14 9.30 -38.82
CA ALA A 285 0.88 9.90 -40.14
C ALA A 285 -0.63 10.03 -40.33
N GLY A 286 -1.39 9.01 -39.97
CA GLY A 286 -2.87 9.09 -40.03
C GLY A 286 -3.43 10.19 -39.14
N ALA A 287 -3.09 10.20 -37.85
CA ALA A 287 -3.58 11.22 -36.88
C ALA A 287 -3.20 12.61 -37.40
N LEU A 288 -1.99 12.77 -37.99
CA LEU A 288 -1.53 14.07 -38.54
C LEU A 288 -2.45 14.51 -39.69
N ALA A 289 -2.77 13.62 -40.63
CA ALA A 289 -3.67 13.96 -41.75
C ALA A 289 -5.08 14.28 -41.23
N SER A 290 -5.55 13.55 -40.21
CA SER A 290 -6.89 13.75 -39.59
C SER A 290 -6.99 15.16 -39.04
N ILE A 291 -6.01 15.58 -38.24
CA ILE A 291 -6.00 16.92 -37.59
C ILE A 291 -5.92 18.00 -38.69
N ARG A 292 -5.00 17.89 -39.65
CA ARG A 292 -4.85 18.92 -40.71
C ARG A 292 -6.20 19.03 -41.41
N HIS A 293 -6.88 17.91 -41.67
CA HIS A 293 -8.21 17.94 -42.32
C HIS A 293 -9.19 18.73 -41.44
N LEU A 294 -9.33 18.39 -40.15
CA LEU A 294 -10.42 18.96 -39.29
C LEU A 294 -10.06 20.37 -38.80
N ARG A 295 -8.79 20.78 -38.89
CA ARG A 295 -8.44 22.20 -38.68
C ARG A 295 -8.97 23.06 -39.83
N ALA A 296 -8.99 22.57 -41.06
CA ALA A 296 -9.27 23.36 -42.27
C ALA A 296 -10.76 23.24 -42.65
N SER A 297 -11.45 22.21 -42.17
CA SER A 297 -12.82 21.85 -42.64
C SER A 297 -13.78 21.76 -41.46
N SER A 298 -14.91 22.47 -41.56
CA SER A 298 -16.02 22.43 -40.57
CA SER A 298 -16.03 22.44 -40.58
C SER A 298 -17.21 21.65 -41.15
N ALA A 299 -17.13 21.16 -42.38
CA ALA A 299 -18.30 20.53 -43.08
C ALA A 299 -18.74 19.23 -42.41
N GLU A 300 -17.81 18.37 -41.98
CA GLU A 300 -18.11 17.14 -41.20
C GLU A 300 -18.78 17.51 -39.85
N ARG A 301 -18.22 18.44 -39.07
CA ARG A 301 -18.85 18.96 -37.81
C ARG A 301 -20.30 19.43 -38.05
N GLU A 302 -20.54 20.17 -39.13
CA GLU A 302 -21.89 20.69 -39.45
C GLU A 302 -22.79 19.48 -39.73
N ARG A 303 -22.33 18.51 -40.50
CA ARG A 303 -23.14 17.31 -40.84
C ARG A 303 -23.39 16.46 -39.57
N HIS A 304 -22.37 16.31 -38.73
CA HIS A 304 -22.45 15.67 -37.40
C HIS A 304 -23.60 16.29 -36.56
N GLN A 305 -23.59 17.60 -36.34
CA GLN A 305 -24.65 18.23 -35.49
C GLN A 305 -26.03 18.08 -36.18
N ASP A 306 -26.07 18.13 -37.53
CA ASP A 306 -27.34 17.95 -38.31
C ASP A 306 -27.95 16.58 -37.95
N ARG A 307 -27.16 15.51 -38.04
CA ARG A 307 -27.61 14.12 -37.74
C ARG A 307 -28.04 14.00 -36.26
N VAL A 308 -27.30 14.65 -35.35
CA VAL A 308 -27.62 14.64 -33.90
C VAL A 308 -29.00 15.28 -33.70
N ALA A 309 -29.21 16.49 -34.21
CA ALA A 309 -30.49 17.20 -34.03
C ALA A 309 -31.63 16.37 -34.65
N ARG A 310 -31.39 15.76 -35.82
CA ARG A 310 -32.44 14.98 -36.54
C ARG A 310 -32.82 13.77 -35.68
N LEU A 311 -31.85 13.03 -35.15
CA LEU A 311 -32.17 11.87 -34.28
C LEU A 311 -32.92 12.32 -33.03
N ARG A 312 -32.44 13.37 -32.34
CA ARG A 312 -33.12 13.87 -31.10
C ARG A 312 -34.59 14.20 -31.41
N ALA A 313 -34.87 14.92 -32.49
CA ALA A 313 -36.24 15.33 -32.89
C ALA A 313 -37.13 14.10 -33.14
N ARG A 314 -36.63 13.11 -33.87
CA ARG A 314 -37.38 11.87 -34.20
C ARG A 314 -37.57 11.05 -32.91
N LEU A 315 -36.56 10.92 -32.06
CA LEU A 315 -36.81 10.24 -30.75
C LEU A 315 -37.96 10.91 -29.99
N ASP A 316 -37.93 12.24 -29.80
CA ASP A 316 -38.99 12.95 -29.06
C ASP A 316 -40.36 12.67 -29.70
N GLN A 317 -40.43 12.69 -31.02
CA GLN A 317 -41.70 12.55 -31.77
C GLN A 317 -42.29 11.15 -31.54
N ALA A 318 -41.45 10.13 -31.46
CA ALA A 318 -41.88 8.74 -31.25
C ALA A 318 -42.03 8.43 -29.74
N GLY A 319 -41.78 9.39 -28.84
CA GLY A 319 -41.99 9.16 -27.39
C GLY A 319 -40.88 8.35 -26.74
N VAL A 320 -39.67 8.34 -27.31
CA VAL A 320 -38.50 7.66 -26.72
C VAL A 320 -37.60 8.73 -26.08
N ALA A 321 -37.57 8.78 -24.75
CA ALA A 321 -36.91 9.82 -23.96
C ALA A 321 -35.40 9.68 -24.11
N HIS A 322 -34.70 10.77 -24.33
CA HIS A 322 -33.22 10.85 -24.32
C HIS A 322 -32.83 11.99 -23.38
N MET A 323 -31.58 11.97 -22.93
CA MET A 323 -31.07 13.00 -21.99
C MET A 323 -30.58 14.19 -22.81
N PRO A 324 -31.31 15.32 -22.79
CA PRO A 324 -30.96 16.44 -23.66
C PRO A 324 -29.63 17.02 -23.17
N ASN A 325 -28.84 17.57 -24.08
CA ASN A 325 -27.55 18.16 -23.69
C ASN A 325 -27.04 19.04 -24.82
N PRO A 326 -26.00 19.87 -24.59
CA PRO A 326 -25.47 20.73 -25.63
C PRO A 326 -24.46 20.10 -26.60
N SER A 327 -24.08 18.83 -26.39
CA SER A 327 -23.03 18.14 -27.18
C SER A 327 -23.72 17.23 -28.22
N HIS A 328 -23.02 16.18 -28.65
CA HIS A 328 -23.37 15.30 -29.82
C HIS A 328 -23.79 13.90 -29.37
N ILE A 329 -23.81 13.67 -28.06
CA ILE A 329 -24.05 12.35 -27.41
C ILE A 329 -25.54 12.29 -27.04
N VAL A 330 -26.22 11.23 -27.47
CA VAL A 330 -27.69 11.04 -27.30
C VAL A 330 -27.90 9.84 -26.38
N PRO A 331 -27.99 10.06 -25.05
CA PRO A 331 -28.20 8.96 -24.11
C PRO A 331 -29.69 8.67 -23.99
N VAL A 332 -30.09 7.44 -24.32
CA VAL A 332 -31.49 6.96 -24.15
C VAL A 332 -31.51 6.19 -22.83
N MET A 333 -32.18 6.72 -21.80
CA MET A 333 -32.17 6.13 -20.43
C MET A 333 -33.10 4.91 -20.42
N VAL A 334 -32.73 3.87 -19.68
CA VAL A 334 -33.52 2.62 -19.59
C VAL A 334 -33.94 2.41 -18.12
N GLY A 335 -33.01 2.11 -17.21
CA GLY A 335 -33.29 1.88 -15.78
C GLY A 335 -32.43 0.77 -15.16
N ASP A 336 -32.26 -0.37 -15.86
CA ASP A 336 -31.79 -1.64 -15.27
C ASP A 336 -30.73 -2.29 -16.16
N ALA A 337 -29.64 -2.80 -15.56
CA ALA A 337 -28.54 -3.49 -16.28
C ALA A 337 -29.08 -4.64 -17.17
N ALA A 338 -29.99 -5.47 -16.66
CA ALA A 338 -30.48 -6.67 -17.38
C ALA A 338 -31.43 -6.23 -18.50
N LEU A 339 -32.35 -5.32 -18.25
CA LEU A 339 -33.27 -4.81 -19.29
C LEU A 339 -32.47 -4.12 -20.40
N CYS A 340 -31.66 -3.13 -20.02
CA CYS A 340 -30.76 -2.39 -20.93
C CYS A 340 -30.02 -3.39 -21.81
N LYS A 341 -29.46 -4.47 -21.23
CA LYS A 341 -28.72 -5.52 -21.97
C LYS A 341 -29.65 -6.24 -22.95
N GLN A 342 -30.90 -6.50 -22.53
CA GLN A 342 -31.94 -7.20 -23.34
C GLN A 342 -32.32 -6.32 -24.54
N ILE A 343 -32.56 -5.03 -24.30
CA ILE A 343 -32.88 -4.03 -25.37
C ILE A 343 -31.71 -4.02 -26.35
N SER A 344 -30.48 -3.96 -25.84
CA SER A 344 -29.27 -3.97 -26.69
C SER A 344 -29.21 -5.29 -27.47
N ASP A 345 -29.48 -6.43 -26.82
CA ASP A 345 -29.45 -7.76 -27.51
C ASP A 345 -30.55 -7.81 -28.58
N GLU A 346 -31.71 -7.23 -28.30
CA GLU A 346 -32.85 -7.24 -29.26
C GLU A 346 -32.56 -6.31 -30.43
N LEU A 347 -31.93 -5.14 -30.20
CA LEU A 347 -31.58 -4.25 -31.32
C LEU A 347 -30.68 -4.99 -32.32
N ILE A 348 -29.70 -5.78 -31.87
CA ILE A 348 -28.80 -6.52 -32.81
C ILE A 348 -29.62 -7.62 -33.49
N SER A 349 -30.28 -8.49 -32.74
CA SER A 349 -30.83 -9.78 -33.26
C SER A 349 -32.06 -9.51 -34.12
N ARG A 350 -32.94 -8.60 -33.71
CA ARG A 350 -34.17 -8.29 -34.48
C ARG A 350 -33.98 -7.16 -35.51
N TYR A 351 -33.11 -6.16 -35.28
CA TYR A 351 -33.11 -4.92 -36.08
C TYR A 351 -31.76 -4.62 -36.76
N GLY A 352 -30.69 -5.37 -36.49
CA GLY A 352 -29.39 -5.14 -37.15
C GLY A 352 -28.82 -3.80 -36.72
N ILE A 353 -29.13 -3.40 -35.49
CA ILE A 353 -28.71 -2.12 -34.86
C ILE A 353 -27.76 -2.46 -33.72
N TYR A 354 -26.56 -1.85 -33.71
CA TYR A 354 -25.54 -2.09 -32.68
C TYR A 354 -25.43 -0.86 -31.77
N VAL A 355 -25.88 -1.00 -30.52
CA VAL A 355 -25.84 0.03 -29.45
C VAL A 355 -25.56 -0.68 -28.11
N GLN A 356 -24.53 -0.28 -27.38
CA GLN A 356 -24.06 -1.04 -26.18
C GLN A 356 -24.73 -0.46 -24.94
N PRO A 357 -25.09 -1.30 -23.93
CA PRO A 357 -25.59 -0.79 -22.66
C PRO A 357 -24.44 -0.08 -21.95
N ILE A 358 -24.75 0.94 -21.18
CA ILE A 358 -23.79 1.57 -20.22
C ILE A 358 -24.20 1.10 -18.81
N ASN A 359 -23.31 0.32 -18.16
CA ASN A 359 -23.55 -0.52 -16.96
C ASN A 359 -23.27 0.26 -15.66
N TYR A 360 -22.86 -0.44 -14.59
CA TYR A 360 -22.99 -0.01 -13.17
C TYR A 360 -21.65 0.40 -12.52
N PRO A 361 -20.47 0.30 -13.18
CA PRO A 361 -19.34 1.15 -12.83
C PRO A 361 -19.37 2.53 -13.53
N THR A 362 -19.23 2.53 -14.87
CA THR A 362 -19.26 3.70 -15.78
C THR A 362 -20.27 4.75 -15.31
N VAL A 363 -21.56 4.40 -15.23
CA VAL A 363 -22.63 5.29 -14.75
C VAL A 363 -23.07 4.79 -13.40
N PRO A 364 -24.00 5.46 -12.71
CA PRO A 364 -24.58 4.93 -11.48
C PRO A 364 -25.47 3.75 -11.90
N ARG A 365 -26.10 3.08 -10.91
CA ARG A 365 -27.06 1.95 -11.09
C ARG A 365 -28.48 2.51 -10.92
N GLY A 366 -29.48 1.92 -11.58
CA GLY A 366 -30.80 2.56 -11.79
C GLY A 366 -30.71 3.63 -12.86
N THR A 367 -29.52 3.75 -13.50
CA THR A 367 -29.13 4.76 -14.53
C THR A 367 -28.21 4.10 -15.59
N GLU A 368 -28.53 2.85 -15.99
CA GLU A 368 -28.00 2.18 -17.20
C GLU A 368 -28.76 2.79 -18.39
N ARG A 369 -28.10 2.97 -19.51
CA ARG A 369 -28.67 3.76 -20.63
C ARG A 369 -28.11 3.19 -21.92
N LEU A 370 -28.69 3.60 -23.04
CA LEU A 370 -28.14 3.36 -24.39
C LEU A 370 -27.48 4.67 -24.82
N ARG A 371 -26.17 4.65 -24.94
CA ARG A 371 -25.39 5.79 -25.50
C ARG A 371 -25.34 5.67 -27.01
N ILE A 372 -26.00 6.60 -27.70
CA ILE A 372 -26.03 6.65 -29.18
C ILE A 372 -25.20 7.84 -29.67
N THR A 373 -24.38 7.61 -30.70
CA THR A 373 -23.42 8.59 -31.26
C THR A 373 -23.66 8.72 -32.76
N PRO A 374 -24.66 9.53 -33.19
CA PRO A 374 -24.87 9.78 -34.61
C PRO A 374 -23.60 10.43 -35.19
N SER A 375 -23.27 10.04 -36.41
CA SER A 375 -22.09 10.48 -37.19
C SER A 375 -22.59 11.14 -38.46
N PRO A 376 -21.76 11.90 -39.20
CA PRO A 376 -22.18 12.42 -40.50
C PRO A 376 -22.68 11.34 -41.46
N GLN A 377 -22.26 10.09 -41.31
CA GLN A 377 -22.57 9.06 -42.33
C GLN A 377 -23.95 8.43 -42.09
N HIS A 378 -24.56 8.62 -40.94
CA HIS A 378 -25.92 8.08 -40.64
C HIS A 378 -26.92 8.85 -41.51
N THR A 379 -27.69 8.14 -42.33
CA THR A 379 -28.69 8.72 -43.25
C THR A 379 -30.03 8.91 -42.54
N ASP A 380 -30.91 9.66 -43.18
CA ASP A 380 -32.28 9.89 -42.66
C ASP A 380 -32.95 8.52 -42.50
N ALA A 381 -32.75 7.59 -43.45
CA ALA A 381 -33.31 6.21 -43.45
C ALA A 381 -32.73 5.42 -42.27
N ASP A 382 -31.42 5.50 -42.01
CA ASP A 382 -30.81 4.88 -40.79
C ASP A 382 -31.53 5.44 -39.54
N ILE A 383 -31.77 6.75 -39.47
CA ILE A 383 -32.39 7.38 -38.27
C ILE A 383 -33.84 6.85 -38.11
N GLU A 384 -34.60 6.78 -39.19
CA GLU A 384 -36.00 6.24 -39.14
C GLU A 384 -35.98 4.79 -38.64
N HIS A 385 -35.07 3.96 -39.16
CA HIS A 385 -34.93 2.54 -38.75
C HIS A 385 -34.61 2.48 -37.25
N LEU A 386 -33.60 3.20 -36.78
CA LEU A 386 -33.28 3.26 -35.34
C LEU A 386 -34.51 3.64 -34.51
N VAL A 387 -35.13 4.77 -34.82
CA VAL A 387 -36.24 5.36 -34.01
C VAL A 387 -37.44 4.39 -34.03
N GLN A 388 -37.78 3.79 -35.18
CA GLN A 388 -38.95 2.86 -35.22
C GLN A 388 -38.60 1.59 -34.42
N ALA A 389 -37.35 1.12 -34.48
CA ALA A 389 -36.89 -0.03 -33.69
C ALA A 389 -37.09 0.26 -32.19
N LEU A 390 -36.57 1.39 -31.71
CA LEU A 390 -36.67 1.80 -30.28
C LEU A 390 -38.14 2.01 -29.93
N SER A 391 -38.92 2.60 -30.82
CA SER A 391 -40.36 2.80 -30.56
C SER A 391 -41.01 1.44 -30.30
N GLU A 392 -40.74 0.44 -31.14
CA GLU A 392 -41.41 -0.89 -31.06
C GLU A 392 -41.03 -1.55 -29.73
N ILE A 393 -39.74 -1.54 -29.40
CA ILE A 393 -39.22 -2.11 -28.13
C ILE A 393 -39.84 -1.38 -26.94
N TRP A 394 -39.91 -0.03 -26.99
CA TRP A 394 -40.36 0.83 -25.86
C TRP A 394 -41.81 0.48 -25.46
N THR A 395 -42.72 0.20 -26.39
CA THR A 395 -44.11 -0.22 -26.03
C THR A 395 -44.03 -1.61 -25.38
N ARG A 396 -43.31 -2.56 -25.99
CA ARG A 396 -43.18 -3.95 -25.49
C ARG A 396 -42.61 -3.98 -24.07
N VAL A 397 -41.70 -3.07 -23.76
CA VAL A 397 -40.87 -3.08 -22.52
C VAL A 397 -41.46 -2.07 -21.51
N GLY A 398 -42.55 -1.38 -21.85
CA GLY A 398 -43.31 -0.46 -20.99
C GLY A 398 -42.59 0.87 -20.74
N LEU A 399 -41.57 1.23 -21.52
CA LEU A 399 -40.96 2.58 -21.44
C LEU A 399 -41.76 3.56 -22.33
N ALA A 400 -42.88 3.10 -22.90
CA ALA A 400 -44.02 3.92 -23.39
C ALA A 400 -45.34 3.16 -23.13
N MET B 1 3.10 30.41 -6.19
CA MET B 1 3.45 29.19 -6.97
C MET B 1 3.43 29.56 -8.46
N ASN B 2 4.61 29.75 -9.04
CA ASN B 2 4.85 29.87 -10.51
C ASN B 2 5.07 28.44 -11.04
N TYR B 3 4.05 27.82 -11.62
CA TYR B 3 4.10 26.42 -12.17
C TYR B 3 5.11 26.39 -13.32
N GLU B 4 4.95 27.25 -14.33
CA GLU B 4 5.89 27.40 -15.48
C GLU B 4 7.37 27.36 -15.03
N ALA B 5 7.73 28.27 -14.12
CA ALA B 5 9.10 28.41 -13.55
C ALA B 5 9.47 27.12 -12.80
N TYR B 6 8.51 26.51 -12.09
CA TYR B 6 8.76 25.28 -11.30
C TYR B 6 9.20 24.15 -12.24
N PHE B 7 8.44 23.89 -13.31
CA PHE B 7 8.73 22.81 -14.28
C PHE B 7 10.10 23.04 -14.92
N ARG B 8 10.37 24.25 -15.42
CA ARG B 8 11.68 24.71 -15.97
C ARG B 8 12.84 24.36 -15.01
N ARG B 9 12.71 24.62 -13.70
CA ARG B 9 13.82 24.40 -12.72
C ARG B 9 14.05 22.89 -12.55
N GLN B 10 12.99 22.09 -12.54
CA GLN B 10 13.11 20.61 -12.47
C GLN B 10 13.97 20.11 -13.63
N LEU B 11 13.79 20.71 -14.81
CA LEU B 11 14.51 20.32 -16.06
C LEU B 11 15.98 20.76 -15.96
N ASP B 12 16.24 21.96 -15.42
CA ASP B 12 17.63 22.48 -15.24
C ASP B 12 18.43 21.50 -14.39
N GLY B 13 17.82 20.97 -13.33
CA GLY B 13 18.37 19.84 -12.54
C GLY B 13 18.83 18.67 -13.43
N LEU B 14 17.96 18.18 -14.31
CA LEU B 14 18.29 17.05 -15.24
C LEU B 14 19.44 17.47 -16.19
N HIS B 15 19.43 18.69 -16.71
CA HIS B 15 20.53 19.22 -17.57
C HIS B 15 21.84 19.17 -16.78
N ARG B 16 21.84 19.72 -15.58
CA ARG B 16 23.03 19.80 -14.69
C ARG B 16 23.59 18.39 -14.44
N GLU B 17 22.72 17.43 -14.09
CA GLU B 17 23.14 16.04 -13.71
C GLU B 17 23.54 15.25 -14.98
N GLY B 18 23.42 15.83 -16.18
CA GLY B 18 23.78 15.16 -17.45
C GLY B 18 22.79 14.05 -17.84
N ARG B 19 21.53 14.12 -17.40
CA ARG B 19 20.51 13.07 -17.70
C ARG B 19 19.38 13.62 -18.58
N TYR B 20 19.45 14.88 -19.03
CA TYR B 20 18.47 15.45 -19.98
C TYR B 20 18.73 14.83 -21.35
N ARG B 21 17.67 14.33 -22.00
CA ARG B 21 17.79 13.54 -23.25
C ARG B 21 16.89 14.15 -24.32
N VAL B 22 17.45 14.28 -25.51
CA VAL B 22 16.77 14.84 -26.72
C VAL B 22 16.57 13.66 -27.68
N PHE B 23 15.46 13.62 -28.38
CA PHE B 23 15.16 12.49 -29.31
C PHE B 23 15.92 12.69 -30.63
N ALA B 24 16.42 11.60 -31.20
CA ALA B 24 16.90 11.60 -32.60
C ALA B 24 15.71 11.38 -33.53
N ASP B 25 15.51 12.29 -34.47
CA ASP B 25 14.44 12.21 -35.47
C ASP B 25 14.94 11.33 -36.62
N LEU B 26 14.51 10.06 -36.63
CA LEU B 26 14.93 9.03 -37.62
C LEU B 26 13.76 8.71 -38.55
N GLU B 27 14.08 8.32 -39.78
CA GLU B 27 13.14 7.58 -40.65
C GLU B 27 13.84 6.31 -41.10
N ARG B 28 13.49 5.20 -40.48
CA ARG B 28 13.98 3.88 -40.93
C ARG B 28 13.54 3.73 -42.39
N HIS B 29 14.38 3.11 -43.22
CA HIS B 29 14.10 2.88 -44.65
C HIS B 29 13.52 1.48 -44.83
N ALA B 30 12.19 1.35 -44.84
CA ALA B 30 11.50 0.05 -45.07
C ALA B 30 12.02 -0.58 -46.36
N GLY B 31 12.53 -1.81 -46.26
CA GLY B 31 13.15 -2.50 -47.40
C GLY B 31 14.67 -2.39 -47.34
N SER B 32 15.19 -1.43 -46.58
CA SER B 32 16.64 -1.20 -46.45
C SER B 32 17.06 -1.12 -44.98
N PHE B 33 16.39 -1.87 -44.10
CA PHE B 33 16.84 -1.93 -42.69
C PHE B 33 18.27 -2.53 -42.64
N PRO B 34 19.27 -2.11 -41.81
CA PRO B 34 19.07 -1.26 -40.64
C PRO B 34 19.31 0.23 -40.90
N ARG B 35 19.15 0.67 -42.15
CA ARG B 35 19.44 2.08 -42.52
C ARG B 35 18.27 2.99 -42.15
N ALA B 36 18.60 4.21 -41.74
CA ALA B 36 17.65 5.25 -41.36
C ALA B 36 18.19 6.59 -41.85
N THR B 37 17.28 7.51 -42.13
CA THR B 37 17.61 8.94 -42.29
C THR B 37 17.57 9.53 -40.89
N HIS B 38 18.64 10.22 -40.49
CA HIS B 38 18.69 11.03 -39.26
C HIS B 38 18.47 12.49 -39.65
N HIS B 39 17.35 13.08 -39.24
CA HIS B 39 16.99 14.51 -39.49
C HIS B 39 17.72 15.37 -38.46
N ARG B 40 18.80 16.02 -38.88
CA ARG B 40 19.59 16.95 -38.02
C ARG B 40 19.26 18.37 -38.44
N PRO B 41 19.45 19.39 -37.57
CA PRO B 41 19.12 20.77 -37.93
C PRO B 41 19.68 21.13 -39.32
N GLU B 42 20.96 20.83 -39.55
CA GLU B 42 21.68 21.07 -40.83
C GLU B 42 21.46 19.90 -41.78
N GLY B 43 20.20 19.54 -42.06
CA GLY B 43 19.81 18.58 -43.11
C GLY B 43 20.04 17.11 -42.77
N ALA B 44 19.39 16.22 -43.55
CA ALA B 44 19.40 14.75 -43.40
C ALA B 44 20.80 14.19 -43.64
N GLY B 45 21.06 13.02 -43.05
CA GLY B 45 22.21 12.15 -43.33
C GLY B 45 21.88 10.72 -42.92
N ASP B 46 22.44 9.71 -43.59
CA ASP B 46 22.09 8.29 -43.31
C ASP B 46 22.85 7.84 -42.06
N VAL B 47 22.21 6.98 -41.27
CA VAL B 47 22.83 6.22 -40.15
C VAL B 47 22.48 4.74 -40.26
N THR B 48 23.28 3.95 -39.56
CA THR B 48 22.98 2.54 -39.26
C THR B 48 22.46 2.46 -37.83
N VAL B 49 21.23 1.99 -37.68
CA VAL B 49 20.57 1.82 -36.35
C VAL B 49 21.12 0.53 -35.73
N TRP B 50 21.68 0.62 -34.52
CA TRP B 50 22.30 -0.53 -33.81
C TRP B 50 21.67 -0.78 -32.43
N CYS B 51 20.63 -0.04 -32.04
CA CYS B 51 20.01 -0.19 -30.70
C CYS B 51 18.48 -0.28 -30.82
N SER B 52 17.93 -0.65 -31.96
CA SER B 52 16.47 -0.92 -32.14
C SER B 52 16.07 -2.27 -31.48
N ASN B 53 14.86 -2.35 -30.92
CA ASN B 53 14.32 -3.59 -30.32
C ASN B 53 13.41 -4.29 -31.34
N ASP B 54 13.41 -3.85 -32.61
CA ASP B 54 12.74 -4.58 -33.73
C ASP B 54 13.70 -5.69 -34.15
N TYR B 55 13.85 -6.67 -33.27
CA TYR B 55 15.05 -7.55 -33.23
C TYR B 55 15.25 -8.31 -34.54
N LEU B 56 14.17 -8.65 -35.26
CA LEU B 56 14.26 -9.51 -36.48
C LEU B 56 13.96 -8.70 -37.75
N GLY B 57 13.87 -7.39 -37.63
CA GLY B 57 13.45 -6.53 -38.73
C GLY B 57 12.04 -6.85 -39.22
N MET B 58 11.17 -7.42 -38.39
CA MET B 58 9.79 -7.76 -38.86
C MET B 58 9.04 -6.48 -39.18
N GLY B 59 9.55 -5.34 -38.69
CA GLY B 59 9.10 -3.98 -39.05
C GLY B 59 9.00 -3.76 -40.56
N GLN B 60 9.84 -4.38 -41.37
CA GLN B 60 9.80 -4.21 -42.85
C GLN B 60 9.33 -5.51 -43.51
N HIS B 61 8.90 -6.51 -42.76
CA HIS B 61 8.61 -7.82 -43.40
C HIS B 61 7.44 -7.64 -44.36
N PRO B 62 7.57 -8.04 -45.65
CA PRO B 62 6.48 -7.87 -46.63
C PRO B 62 5.13 -8.46 -46.21
N ALA B 63 5.10 -9.60 -45.49
CA ALA B 63 3.82 -10.24 -45.12
C ALA B 63 3.09 -9.33 -44.09
N VAL B 64 3.86 -8.71 -43.21
CA VAL B 64 3.37 -7.77 -42.15
C VAL B 64 2.84 -6.52 -42.83
N LEU B 65 3.61 -5.94 -43.76
CA LEU B 65 3.15 -4.73 -44.48
C LEU B 65 1.85 -5.04 -45.27
N THR B 66 1.79 -6.15 -46.03
CA THR B 66 0.59 -6.54 -46.82
C THR B 66 -0.62 -6.66 -45.89
N ALA B 67 -0.51 -7.38 -44.78
CA ALA B 67 -1.63 -7.56 -43.83
C ALA B 67 -2.11 -6.19 -43.33
N MET B 68 -1.20 -5.24 -43.09
CA MET B 68 -1.59 -3.93 -42.55
C MET B 68 -2.29 -3.11 -43.65
N HIS B 69 -1.79 -3.13 -44.89
CA HIS B 69 -2.44 -2.44 -46.03
C HIS B 69 -3.86 -2.97 -46.22
N GLU B 70 -4.05 -4.29 -46.21
CA GLU B 70 -5.37 -4.90 -46.48
C GLU B 70 -6.33 -4.55 -45.33
N ALA B 71 -5.85 -4.54 -44.09
CA ALA B 71 -6.69 -4.22 -42.91
C ALA B 71 -7.11 -2.74 -42.97
N LEU B 72 -6.22 -1.83 -43.37
CA LEU B 72 -6.57 -0.39 -43.52
C LEU B 72 -7.71 -0.24 -44.52
N ASP B 73 -7.64 -0.93 -45.64
CA ASP B 73 -8.66 -0.76 -46.72
C ASP B 73 -9.97 -1.48 -46.36
N SER B 74 -9.96 -2.58 -45.62
CA SER B 74 -11.22 -3.28 -45.23
C SER B 74 -11.88 -2.53 -44.05
N CYS B 75 -11.13 -2.18 -43.00
CA CYS B 75 -11.71 -1.72 -41.70
C CYS B 75 -11.39 -0.26 -41.32
N GLY B 76 -10.51 0.44 -42.04
CA GLY B 76 -10.22 1.87 -41.78
C GLY B 76 -9.05 2.03 -40.85
N ALA B 77 -8.81 3.25 -40.38
CA ALA B 77 -7.60 3.69 -39.68
C ALA B 77 -7.55 3.18 -38.24
N GLY B 78 -8.72 3.08 -37.60
CA GLY B 78 -8.84 2.82 -36.15
C GLY B 78 -9.98 1.89 -35.80
N ALA B 79 -10.03 1.49 -34.53
CA ALA B 79 -11.02 0.52 -34.02
C ALA B 79 -12.37 1.21 -33.89
N GLY B 80 -12.34 2.49 -33.48
CA GLY B 80 -13.51 3.36 -33.37
C GLY B 80 -14.33 3.04 -32.13
N GLY B 81 -13.70 2.44 -31.12
CA GLY B 81 -14.27 2.26 -29.78
C GLY B 81 -13.38 1.40 -28.91
N THR B 82 -13.79 1.22 -27.66
CA THR B 82 -13.19 0.26 -26.72
C THR B 82 -13.57 -1.14 -27.21
N ARG B 83 -12.94 -2.19 -26.69
CA ARG B 83 -13.34 -3.56 -27.02
C ARG B 83 -14.83 -3.76 -26.66
N ASN B 84 -15.32 -3.10 -25.59
CA ASN B 84 -16.71 -3.24 -25.07
CA ASN B 84 -16.72 -3.29 -25.11
C ASN B 84 -17.67 -2.54 -26.04
N ILE B 85 -17.29 -1.35 -26.51
CA ILE B 85 -18.23 -0.46 -27.25
C ILE B 85 -17.70 -0.21 -28.66
N ALA B 86 -18.06 -1.10 -29.59
CA ALA B 86 -17.90 -1.01 -31.06
C ALA B 86 -16.44 -1.20 -31.50
N GLY B 87 -15.49 -1.38 -30.59
CA GLY B 87 -14.07 -1.46 -30.95
C GLY B 87 -13.52 -2.86 -30.94
N THR B 88 -14.36 -3.91 -30.84
CA THR B 88 -13.86 -5.31 -31.07
C THR B 88 -13.92 -5.62 -32.56
N ASN B 89 -12.75 -5.88 -33.14
CA ASN B 89 -12.59 -6.10 -34.59
C ASN B 89 -12.13 -7.55 -34.77
N HIS B 90 -12.47 -8.16 -35.90
CA HIS B 90 -12.21 -9.59 -36.14
C HIS B 90 -10.70 -9.83 -36.01
N TYR B 91 -9.84 -8.91 -36.46
CA TYR B 91 -8.38 -9.08 -36.34
C TYR B 91 -7.96 -9.17 -34.87
N HIS B 92 -8.62 -8.45 -33.95
CA HIS B 92 -8.34 -8.57 -32.48
C HIS B 92 -8.58 -10.03 -32.06
N VAL B 93 -9.72 -10.58 -32.47
CA VAL B 93 -10.15 -11.96 -32.14
C VAL B 93 -9.13 -12.95 -32.72
N LEU B 94 -8.72 -12.80 -33.99
CA LEU B 94 -7.76 -13.77 -34.58
C LEU B 94 -6.42 -13.66 -33.86
N LEU B 95 -6.03 -12.45 -33.47
CA LEU B 95 -4.73 -12.18 -32.83
C LEU B 95 -4.70 -12.84 -31.43
N GLU B 96 -5.78 -12.74 -30.66
CA GLU B 96 -5.90 -13.35 -29.31
C GLU B 96 -5.89 -14.87 -29.43
N GLN B 97 -6.56 -15.42 -30.44
CA GLN B 97 -6.48 -16.89 -30.73
C GLN B 97 -5.04 -17.26 -31.07
N GLU B 98 -4.35 -16.47 -31.90
CA GLU B 98 -2.99 -16.82 -32.34
C GLU B 98 -2.06 -16.79 -31.13
N LEU B 99 -2.23 -15.82 -30.23
CA LEU B 99 -1.32 -15.63 -29.08
C LEU B 99 -1.54 -16.76 -28.07
N ALA B 100 -2.80 -17.16 -27.88
CA ALA B 100 -3.16 -18.29 -27.00
C ALA B 100 -2.42 -19.53 -27.53
N ALA B 101 -2.48 -19.79 -28.84
CA ALA B 101 -1.90 -21.02 -29.45
C ALA B 101 -0.38 -20.94 -29.30
N LEU B 102 0.22 -19.79 -29.53
CA LEU B 102 1.70 -19.61 -29.49
C LEU B 102 2.21 -20.16 -28.17
N HIS B 103 1.52 -19.84 -27.06
CA HIS B 103 1.99 -20.12 -25.68
C HIS B 103 1.30 -21.38 -25.16
N GLY B 104 0.47 -22.03 -25.98
CA GLY B 104 -0.25 -23.27 -25.62
C GLY B 104 -1.26 -23.00 -24.52
N LYS B 105 -1.88 -21.83 -24.49
CA LYS B 105 -2.79 -21.44 -23.39
C LYS B 105 -4.22 -21.54 -23.92
N GLU B 106 -5.20 -21.56 -23.04
CA GLU B 106 -6.64 -21.55 -23.42
C GLU B 106 -7.01 -20.21 -24.07
N SER B 107 -6.46 -19.08 -23.60
CA SER B 107 -6.88 -17.74 -24.07
CA SER B 107 -6.88 -17.73 -24.04
C SER B 107 -5.72 -16.74 -23.97
N ALA B 108 -5.96 -15.57 -24.54
CA ALA B 108 -5.05 -14.42 -24.56
C ALA B 108 -5.89 -13.16 -24.53
N LEU B 109 -5.28 -12.07 -24.10
CA LEU B 109 -5.96 -10.78 -24.07
C LEU B 109 -5.00 -9.74 -24.64
N LEU B 110 -5.50 -8.95 -25.58
CA LEU B 110 -4.72 -7.91 -26.28
C LEU B 110 -4.86 -6.58 -25.53
N PHE B 111 -3.76 -5.89 -25.34
CA PHE B 111 -3.74 -4.52 -24.76
C PHE B 111 -3.14 -3.54 -25.76
N THR B 112 -3.21 -2.26 -25.44
CA THR B 112 -2.70 -1.16 -26.31
C THR B 112 -1.16 -1.22 -26.38
N SER B 113 -0.47 -1.70 -25.34
CA SER B 113 1.01 -1.82 -25.32
C SER B 113 1.46 -2.91 -24.37
N GLY B 114 2.72 -3.31 -24.48
CA GLY B 114 3.37 -4.16 -23.47
C GLY B 114 3.31 -3.51 -22.09
N TYR B 115 3.62 -2.22 -22.02
CA TYR B 115 3.65 -1.48 -20.74
C TYR B 115 2.29 -1.64 -20.05
N VAL B 116 1.21 -1.31 -20.75
CA VAL B 116 -0.16 -1.36 -20.18
C VAL B 116 -0.52 -2.81 -19.84
N SER B 117 -0.16 -3.78 -20.68
CA SER B 117 -0.44 -5.22 -20.36
C SER B 117 0.11 -5.53 -18.96
N ASN B 118 1.33 -5.11 -18.62
CA ASN B 118 1.91 -5.38 -17.26
C ASN B 118 1.26 -4.48 -16.20
N TRP B 119 1.13 -3.18 -16.45
CA TRP B 119 0.54 -2.23 -15.49
C TRP B 119 -0.87 -2.66 -15.10
N ALA B 120 -1.72 -2.88 -16.09
CA ALA B 120 -3.15 -3.25 -15.95
C ALA B 120 -3.28 -4.64 -15.33
N SER B 121 -2.60 -5.64 -15.88
CA SER B 121 -2.71 -7.06 -15.44
C SER B 121 -2.23 -7.21 -13.98
N LEU B 122 -1.02 -6.77 -13.67
CA LEU B 122 -0.46 -6.95 -12.32
C LEU B 122 -1.29 -6.16 -11.31
N SER B 123 -1.69 -4.91 -11.59
CA SER B 123 -2.44 -4.10 -10.61
C SER B 123 -3.82 -4.73 -10.36
N THR B 124 -4.50 -5.24 -11.39
CA THR B 124 -5.86 -5.82 -11.29
C THR B 124 -5.83 -7.19 -10.58
N LEU B 125 -4.91 -8.07 -10.95
CA LEU B 125 -4.80 -9.41 -10.35
C LEU B 125 -4.53 -9.27 -8.84
N ALA B 126 -3.51 -8.51 -8.42
CA ALA B 126 -3.08 -8.40 -7.00
C ALA B 126 -4.12 -7.62 -6.17
N SER B 127 -4.64 -6.49 -6.66
CA SER B 127 -5.59 -5.62 -5.91
C SER B 127 -6.93 -6.33 -5.68
N ARG B 128 -7.31 -7.27 -6.53
CA ARG B 128 -8.62 -7.98 -6.39
C ARG B 128 -8.47 -9.32 -5.67
N MET B 129 -7.27 -9.67 -5.18
CA MET B 129 -7.03 -10.83 -4.29
C MET B 129 -6.56 -10.30 -2.94
N PRO B 130 -7.48 -10.06 -1.97
CA PRO B 130 -7.10 -9.48 -0.69
C PRO B 130 -6.00 -10.28 0.02
N GLY B 131 -4.94 -9.61 0.47
CA GLY B 131 -3.84 -10.23 1.23
C GLY B 131 -2.83 -10.88 0.30
N CYS B 132 -2.95 -10.66 -1.01
CA CYS B 132 -1.94 -11.07 -2.03
C CYS B 132 -0.57 -10.55 -1.61
N VAL B 133 0.43 -11.41 -1.55
CA VAL B 133 1.85 -11.00 -1.48
C VAL B 133 2.49 -11.18 -2.86
N ILE B 134 3.03 -10.11 -3.39
CA ILE B 134 3.76 -10.12 -4.68
C ILE B 134 5.22 -10.34 -4.39
N LEU B 135 5.81 -11.29 -5.11
CA LEU B 135 7.28 -11.51 -5.11
C LEU B 135 7.78 -11.12 -6.48
N SER B 136 8.51 -10.02 -6.48
CA SER B 136 8.99 -9.30 -7.69
C SER B 136 10.51 -9.45 -7.77
N ASP B 137 11.02 -9.93 -8.91
CA ASP B 137 12.47 -9.93 -9.20
C ASP B 137 12.95 -8.48 -9.13
N GLU B 138 14.06 -8.20 -8.42
CA GLU B 138 14.56 -6.81 -8.23
C GLU B 138 14.85 -6.07 -9.55
N LEU B 139 15.11 -6.76 -10.66
CA LEU B 139 15.40 -6.12 -11.97
C LEU B 139 14.18 -6.17 -12.90
N ASN B 140 12.96 -6.39 -12.37
CA ASN B 140 11.74 -6.28 -13.21
C ASN B 140 11.65 -4.90 -13.87
N HIS B 141 11.11 -4.87 -15.09
CA HIS B 141 10.90 -3.66 -15.90
C HIS B 141 9.95 -2.67 -15.20
N ALA B 142 10.13 -1.38 -15.50
CA ALA B 142 9.32 -0.26 -14.96
C ALA B 142 7.82 -0.59 -15.04
N SER B 143 7.34 -1.22 -16.12
CA SER B 143 5.88 -1.50 -16.31
C SER B 143 5.40 -2.45 -15.23
N MET B 144 6.24 -3.40 -14.80
CA MET B 144 5.87 -4.41 -13.78
C MET B 144 5.90 -3.76 -12.39
N ILE B 145 6.97 -3.02 -12.13
CA ILE B 145 7.11 -2.23 -10.88
C ILE B 145 5.89 -1.32 -10.71
N GLU B 146 5.42 -0.65 -11.76
CA GLU B 146 4.30 0.32 -11.64
C GLU B 146 2.99 -0.46 -11.47
N GLY B 147 2.80 -1.58 -12.14
CA GLY B 147 1.60 -2.41 -11.92
C GLY B 147 1.55 -2.91 -10.48
N ILE B 148 2.69 -3.39 -9.98
CA ILE B 148 2.83 -3.90 -8.59
C ILE B 148 2.57 -2.74 -7.61
N ARG B 149 3.17 -1.56 -7.86
CA ARG B 149 2.97 -0.34 -7.01
C ARG B 149 1.48 0.05 -7.03
N HIS B 150 0.89 0.11 -8.21
CA HIS B 150 -0.53 0.53 -8.38
C HIS B 150 -1.47 -0.44 -7.65
N SER B 151 -1.11 -1.72 -7.47
CA SER B 151 -1.97 -2.73 -6.78
C SER B 151 -2.13 -2.37 -5.30
N ARG B 152 -1.15 -1.67 -4.71
CA ARG B 152 -1.04 -1.36 -3.27
C ARG B 152 -0.88 -2.65 -2.44
N SER B 153 -0.64 -3.78 -3.10
CA SER B 153 -0.50 -5.11 -2.45
C SER B 153 0.85 -5.20 -1.75
N GLU B 154 0.91 -5.93 -0.64
CA GLU B 154 2.20 -6.23 0.04
C GLU B 154 3.18 -6.86 -0.97
N THR B 155 4.39 -6.33 -1.06
CA THR B 155 5.35 -6.83 -2.08
C THR B 155 6.67 -7.10 -1.41
N ARG B 156 7.27 -8.24 -1.77
CA ARG B 156 8.62 -8.63 -1.33
C ARG B 156 9.49 -8.73 -2.60
N ILE B 157 10.66 -8.11 -2.54
CA ILE B 157 11.65 -8.09 -3.65
C ILE B 157 12.59 -9.27 -3.43
N PHE B 158 12.73 -10.17 -4.41
CA PHE B 158 13.72 -11.27 -4.29
C PHE B 158 14.89 -10.99 -5.22
N ALA B 159 16.04 -11.54 -4.82
CA ALA B 159 17.34 -11.27 -5.45
C ALA B 159 17.27 -11.80 -6.89
N HIS B 160 17.86 -11.05 -7.78
CA HIS B 160 17.78 -11.26 -9.25
C HIS B 160 18.04 -12.72 -9.58
N ASN B 161 17.06 -13.39 -10.20
CA ASN B 161 17.26 -14.76 -10.74
C ASN B 161 17.65 -15.75 -9.63
N ASP B 162 17.27 -15.51 -8.37
CA ASP B 162 17.71 -16.34 -7.21
C ASP B 162 16.52 -17.07 -6.60
N PRO B 163 16.25 -18.32 -7.04
CA PRO B 163 15.14 -19.12 -6.49
C PRO B 163 15.28 -19.49 -5.01
N ARG B 164 16.50 -19.52 -4.48
CA ARG B 164 16.74 -19.78 -3.03
C ARG B 164 16.21 -18.57 -2.26
N ASP B 165 16.44 -17.36 -2.75
CA ASP B 165 15.98 -16.13 -2.08
C ASP B 165 14.45 -16.05 -2.22
N LEU B 166 13.94 -16.38 -3.40
CA LEU B 166 12.48 -16.49 -3.60
C LEU B 166 11.91 -17.45 -2.56
N GLU B 167 12.53 -18.62 -2.39
CA GLU B 167 12.02 -19.64 -1.45
C GLU B 167 11.97 -19.05 -0.04
N ARG B 168 13.02 -18.32 0.36
CA ARG B 168 13.14 -17.73 1.72
C ARG B 168 12.04 -16.69 1.91
N LYS B 169 11.66 -15.98 0.85
CA LYS B 169 10.65 -14.92 0.96
C LYS B 169 9.24 -15.47 0.75
N LEU B 170 9.09 -16.75 0.42
CA LEU B 170 7.78 -17.46 0.42
C LEU B 170 7.55 -18.30 1.70
N ALA B 171 8.62 -18.70 2.40
CA ALA B 171 8.61 -19.83 3.40
C ALA B 171 7.65 -19.54 4.56
N ASP B 172 7.53 -18.29 5.02
CA ASP B 172 6.67 -17.94 6.19
C ASP B 172 5.19 -17.74 5.82
N LEU B 173 4.80 -17.73 4.54
CA LEU B 173 3.41 -17.41 4.14
C LEU B 173 2.50 -18.64 4.27
N ASP B 174 1.26 -18.45 4.72
CA ASP B 174 0.22 -19.50 4.77
C ASP B 174 -0.12 -19.93 3.35
N PRO B 175 -0.33 -21.24 3.08
CA PRO B 175 -0.71 -21.72 1.75
C PRO B 175 -2.03 -21.15 1.19
N HIS B 176 -2.91 -20.69 2.08
CA HIS B 176 -4.23 -20.13 1.69
C HIS B 176 -4.02 -18.70 1.19
N ALA B 177 -2.92 -18.06 1.59
CA ALA B 177 -2.58 -16.69 1.16
C ALA B 177 -2.39 -16.69 -0.36
N PRO B 178 -3.03 -15.75 -1.08
CA PRO B 178 -2.74 -15.52 -2.48
C PRO B 178 -1.30 -15.00 -2.59
N LYS B 179 -0.55 -15.52 -3.56
CA LYS B 179 0.85 -15.09 -3.86
C LYS B 179 1.02 -15.00 -5.37
N LEU B 180 1.78 -14.01 -5.82
CA LEU B 180 2.05 -13.84 -7.27
C LEU B 180 3.53 -13.58 -7.45
N VAL B 181 4.17 -14.43 -8.25
CA VAL B 181 5.64 -14.34 -8.51
C VAL B 181 5.77 -13.75 -9.92
N ALA B 182 6.31 -12.53 -9.99
CA ALA B 182 6.42 -11.70 -11.19
C ALA B 182 7.89 -11.59 -11.58
N PHE B 183 8.23 -12.03 -12.79
CA PHE B 183 9.65 -12.08 -13.24
C PHE B 183 9.67 -12.12 -14.76
N GLU B 184 10.84 -11.92 -15.35
CA GLU B 184 11.01 -11.92 -16.82
C GLU B 184 11.84 -13.13 -17.22
N SER B 185 11.71 -13.55 -18.48
CA SER B 185 12.49 -14.64 -19.08
C SER B 185 13.88 -14.14 -19.47
N VAL B 186 13.96 -12.97 -20.12
CA VAL B 186 15.23 -12.35 -20.61
C VAL B 186 15.29 -10.91 -20.11
N TYR B 187 16.33 -10.55 -19.38
CA TYR B 187 16.47 -9.22 -18.75
C TYR B 187 17.34 -8.37 -19.69
N SER B 188 16.85 -7.18 -20.03
CA SER B 188 17.33 -6.31 -21.15
C SER B 188 18.75 -5.74 -20.93
N MET B 189 19.11 -5.34 -19.73
CA MET B 189 20.41 -4.62 -19.53
C MET B 189 21.58 -5.60 -19.58
N ASP B 190 21.50 -6.75 -18.90
CA ASP B 190 22.62 -7.72 -18.77
C ASP B 190 22.39 -8.88 -19.76
N GLY B 191 21.17 -9.04 -20.26
CA GLY B 191 20.85 -10.07 -21.25
C GLY B 191 20.87 -11.44 -20.60
N ASP B 192 20.70 -11.51 -19.29
CA ASP B 192 20.70 -12.80 -18.56
C ASP B 192 19.32 -13.46 -18.75
N ILE B 193 19.25 -14.78 -18.61
CA ILE B 193 17.99 -15.57 -18.81
C ILE B 193 17.59 -16.16 -17.45
N ALA B 194 16.32 -16.06 -17.09
CA ALA B 194 15.82 -16.53 -15.78
C ALA B 194 15.84 -18.06 -15.71
N PRO B 195 16.12 -18.64 -14.52
CA PRO B 195 15.96 -20.08 -14.27
C PRO B 195 14.47 -20.37 -14.04
N ILE B 196 13.67 -20.29 -15.10
CA ILE B 196 12.19 -20.35 -15.07
C ILE B 196 11.71 -21.61 -14.36
N ALA B 197 12.27 -22.78 -14.68
CA ALA B 197 11.83 -24.09 -14.13
C ALA B 197 12.06 -24.11 -12.61
N GLU B 198 13.22 -23.63 -12.15
CA GLU B 198 13.59 -23.63 -10.72
C GLU B 198 12.63 -22.69 -9.98
N ILE B 199 12.30 -21.57 -10.60
CA ILE B 199 11.38 -20.56 -10.02
C ILE B 199 9.97 -21.15 -9.98
N CYS B 200 9.54 -21.84 -11.02
CA CYS B 200 8.22 -22.53 -11.01
C CYS B 200 8.17 -23.66 -9.95
N ASP B 201 9.28 -24.36 -9.71
CA ASP B 201 9.40 -25.41 -8.66
C ASP B 201 9.12 -24.78 -7.29
N VAL B 202 9.69 -23.61 -7.00
CA VAL B 202 9.48 -22.92 -5.71
C VAL B 202 8.05 -22.39 -5.67
N ALA B 203 7.56 -21.79 -6.75
CA ALA B 203 6.19 -21.22 -6.80
C ALA B 203 5.17 -22.32 -6.50
N ASP B 204 5.32 -23.50 -7.10
CA ASP B 204 4.38 -24.65 -6.94
C ASP B 204 4.43 -25.22 -5.52
N ALA B 205 5.56 -25.16 -4.84
CA ALA B 205 5.66 -25.60 -3.44
C ALA B 205 4.82 -24.68 -2.52
N HIS B 206 4.43 -23.48 -2.97
CA HIS B 206 3.78 -22.50 -2.08
C HIS B 206 2.44 -22.04 -2.65
N ASN B 207 1.89 -22.75 -3.63
CA ASN B 207 0.60 -22.38 -4.25
C ASN B 207 0.62 -20.90 -4.66
N ALA B 208 1.71 -20.44 -5.30
CA ALA B 208 1.84 -19.10 -5.93
C ALA B 208 1.53 -19.15 -7.42
N MET B 209 0.76 -18.19 -7.95
CA MET B 209 0.72 -17.85 -9.39
C MET B 209 2.09 -17.39 -9.90
N THR B 210 2.37 -17.69 -11.16
CA THR B 210 3.62 -17.25 -11.82
C THR B 210 3.21 -16.36 -12.99
N TYR B 211 3.86 -15.21 -13.10
CA TYR B 211 3.61 -14.18 -14.13
C TYR B 211 4.96 -13.90 -14.79
N LEU B 212 5.11 -14.31 -16.05
CA LEU B 212 6.40 -14.27 -16.78
C LEU B 212 6.30 -13.29 -17.94
N ASP B 213 7.05 -12.20 -17.87
CA ASP B 213 7.19 -11.22 -18.98
C ASP B 213 8.25 -11.79 -19.93
N GLU B 214 7.82 -12.19 -21.14
CA GLU B 214 8.71 -12.76 -22.19
C GLU B 214 8.98 -11.72 -23.28
N VAL B 215 8.89 -10.44 -22.95
CA VAL B 215 9.05 -9.35 -23.95
C VAL B 215 10.33 -9.55 -24.76
N HIS B 216 11.43 -9.98 -24.13
CA HIS B 216 12.77 -10.06 -24.78
C HIS B 216 13.07 -11.50 -25.18
N GLY B 217 12.08 -12.39 -25.12
CA GLY B 217 12.26 -13.77 -25.60
C GLY B 217 11.32 -14.11 -26.73
N VAL B 218 10.08 -13.61 -26.65
CA VAL B 218 9.01 -14.06 -27.58
C VAL B 218 9.38 -13.64 -29.01
N GLY B 219 9.21 -14.58 -29.94
CA GLY B 219 9.61 -14.43 -31.35
C GLY B 219 11.06 -14.85 -31.60
N LEU B 220 11.88 -14.94 -30.56
CA LEU B 220 13.37 -15.01 -30.71
C LEU B 220 13.92 -16.39 -30.36
N TYR B 221 13.17 -17.18 -29.58
CA TYR B 221 13.57 -18.49 -29.01
C TYR B 221 12.40 -19.46 -29.06
N GLY B 222 12.72 -20.75 -29.08
CA GLY B 222 11.77 -21.86 -28.92
C GLY B 222 11.35 -22.45 -30.26
N PRO B 223 10.86 -23.71 -30.30
CA PRO B 223 10.45 -24.35 -31.55
C PRO B 223 9.30 -23.64 -32.25
N ASN B 224 8.47 -22.87 -31.50
CA ASN B 224 7.28 -22.16 -32.05
C ASN B 224 7.58 -20.66 -32.09
N GLY B 225 8.79 -20.25 -31.67
CA GLY B 225 9.10 -18.82 -31.51
C GLY B 225 8.34 -18.23 -30.33
N GLY B 226 8.06 -19.04 -29.31
CA GLY B 226 7.27 -18.66 -28.12
C GLY B 226 8.11 -17.98 -27.05
N GLY B 227 9.44 -18.09 -27.10
CA GLY B 227 10.33 -17.51 -26.07
C GLY B 227 11.01 -18.58 -25.26
N ILE B 228 11.50 -18.26 -24.07
CA ILE B 228 12.40 -19.18 -23.31
C ILE B 228 11.56 -20.35 -22.80
N ALA B 229 10.39 -20.09 -22.23
CA ALA B 229 9.53 -21.14 -21.65
C ALA B 229 9.24 -22.16 -22.76
N ASP B 230 8.93 -21.69 -23.97
CA ASP B 230 8.69 -22.52 -25.19
C ASP B 230 9.96 -23.35 -25.44
N ARG B 231 11.11 -22.70 -25.40
CA ARG B 231 12.42 -23.39 -25.62
C ARG B 231 12.62 -24.53 -24.59
N GLU B 232 12.30 -24.27 -23.31
CA GLU B 232 12.50 -25.22 -22.20
C GLU B 232 11.34 -26.22 -22.11
N GLY B 233 10.31 -26.07 -22.95
CA GLY B 233 9.09 -26.92 -22.92
C GLY B 233 8.28 -26.81 -21.63
N ILE B 234 8.26 -25.63 -20.97
CA ILE B 234 7.60 -25.45 -19.63
C ILE B 234 6.54 -24.34 -19.66
N SER B 235 6.12 -23.90 -20.85
CA SER B 235 5.02 -22.92 -21.06
C SER B 235 3.85 -23.25 -20.13
N HIS B 236 3.45 -24.52 -20.07
CA HIS B 236 2.28 -25.00 -19.30
C HIS B 236 2.48 -24.68 -17.81
N ARG B 237 3.71 -24.49 -17.33
CA ARG B 237 3.94 -24.27 -15.88
C ARG B 237 3.60 -22.83 -15.41
N LEU B 238 3.60 -21.83 -16.29
CA LEU B 238 3.30 -20.44 -15.89
C LEU B 238 1.81 -20.18 -15.88
N THR B 239 1.33 -19.50 -14.86
CA THR B 239 -0.10 -19.07 -14.81
C THR B 239 -0.32 -18.08 -15.97
N ILE B 240 0.57 -17.10 -16.11
CA ILE B 240 0.44 -16.05 -17.17
C ILE B 240 1.80 -15.89 -17.86
N ILE B 241 1.75 -15.86 -19.18
CA ILE B 241 2.89 -15.38 -20.02
C ILE B 241 2.45 -14.05 -20.61
N GLU B 242 3.26 -13.04 -20.39
CA GLU B 242 3.03 -11.71 -20.95
C GLU B 242 4.05 -11.45 -22.05
N GLY B 243 3.65 -10.62 -23.00
CA GLY B 243 4.57 -10.19 -24.05
C GLY B 243 4.17 -8.88 -24.70
N THR B 244 4.98 -8.50 -25.68
CA THR B 244 4.80 -7.30 -26.52
C THR B 244 4.68 -7.76 -27.97
N LEU B 245 4.01 -6.95 -28.78
CA LEU B 245 3.96 -7.12 -30.26
C LEU B 245 4.92 -6.13 -30.95
N ALA B 246 5.64 -5.31 -30.16
CA ALA B 246 6.41 -4.14 -30.62
C ALA B 246 7.90 -4.46 -30.86
N ALA B 248 10.29 -8.17 -31.15
CA ALA B 248 10.53 -9.19 -32.18
C ALA B 248 9.39 -9.19 -33.21
N PHE B 249 8.14 -8.98 -32.81
CA PHE B 249 7.01 -9.02 -33.77
C PHE B 249 6.93 -7.73 -34.60
N GLY B 250 7.63 -6.67 -34.19
CA GLY B 250 7.94 -5.46 -35.00
C GLY B 250 6.77 -4.52 -35.25
N VAL B 251 5.72 -4.52 -34.44
CA VAL B 251 4.55 -3.64 -34.67
C VAL B 251 4.31 -2.82 -33.39
N VAL B 252 3.24 -3.08 -32.64
CA VAL B 252 2.95 -2.39 -31.34
C VAL B 252 1.84 -3.19 -30.66
N GLY B 253 1.67 -3.05 -29.35
CA GLY B 253 0.67 -3.80 -28.59
C GLY B 253 1.31 -4.66 -27.53
N GLY B 254 0.50 -5.08 -26.56
CA GLY B 254 0.90 -6.04 -25.54
C GLY B 254 -0.14 -7.12 -25.42
N TYR B 255 0.14 -8.17 -24.67
CA TYR B 255 -0.86 -9.21 -24.37
C TYR B 255 -0.47 -9.93 -23.08
N ILE B 256 -1.45 -10.66 -22.57
CA ILE B 256 -1.22 -11.81 -21.67
C ILE B 256 -1.87 -13.05 -22.29
N ALA B 257 -1.33 -14.21 -21.91
CA ALA B 257 -1.81 -15.55 -22.32
C ALA B 257 -1.90 -16.41 -21.06
N GLY B 258 -3.05 -17.08 -20.89
CA GLY B 258 -3.32 -17.97 -19.75
C GLY B 258 -4.63 -18.68 -19.91
N SER B 259 -5.18 -19.14 -18.79
CA SER B 259 -6.50 -19.81 -18.74
C SER B 259 -7.59 -18.84 -19.17
N SER B 260 -8.73 -19.38 -19.62
CA SER B 260 -9.95 -18.61 -19.95
C SER B 260 -10.33 -17.75 -18.76
N ALA B 261 -10.29 -18.33 -17.56
CA ALA B 261 -10.72 -17.64 -16.33
C ALA B 261 -9.82 -16.43 -16.08
N VAL B 262 -8.50 -16.59 -16.18
CA VAL B 262 -7.63 -15.44 -15.74
C VAL B 262 -7.75 -14.33 -16.78
N CYS B 263 -7.76 -14.65 -18.07
CA CYS B 263 -7.84 -13.64 -19.16
C CYS B 263 -9.19 -12.94 -19.07
N ASP B 264 -10.26 -13.68 -18.83
CA ASP B 264 -11.64 -13.12 -18.68
C ASP B 264 -11.67 -12.19 -17.47
N PHE B 265 -11.00 -12.58 -16.40
CA PHE B 265 -10.93 -11.80 -15.13
C PHE B 265 -10.29 -10.44 -15.44
N VAL B 266 -9.12 -10.42 -16.10
CA VAL B 266 -8.40 -9.15 -16.40
C VAL B 266 -9.26 -8.38 -17.40
N ARG B 267 -9.78 -9.07 -18.42
CA ARG B 267 -10.65 -8.43 -19.46
C ARG B 267 -11.83 -7.70 -18.80
N SER B 268 -12.43 -8.30 -17.76
CA SER B 268 -13.68 -7.82 -17.13
C SER B 268 -13.42 -6.77 -16.04
N PHE B 269 -12.18 -6.65 -15.52
CA PHE B 269 -11.92 -5.80 -14.33
C PHE B 269 -10.82 -4.76 -14.56
N ALA B 270 -9.97 -4.88 -15.60
CA ALA B 270 -8.76 -4.03 -15.68
C ALA B 270 -9.12 -2.73 -16.37
N SER B 271 -9.03 -1.65 -15.61
CA SER B 271 -9.34 -0.25 -16.02
C SER B 271 -8.57 0.10 -17.32
N GLY B 272 -7.25 -0.13 -17.35
CA GLY B 272 -6.35 0.15 -18.48
C GLY B 272 -6.65 -0.66 -19.74
N PHE B 273 -7.43 -1.75 -19.62
CA PHE B 273 -7.94 -2.51 -20.78
C PHE B 273 -9.31 -1.94 -21.20
N ILE B 274 -10.25 -1.81 -20.25
CA ILE B 274 -11.68 -1.47 -20.51
C ILE B 274 -11.86 -0.08 -21.15
N PHE B 275 -11.18 0.94 -20.60
CA PHE B 275 -11.46 2.38 -20.79
C PHE B 275 -10.44 3.02 -21.75
N SER B 276 -9.98 2.26 -22.73
CA SER B 276 -9.04 2.76 -23.78
C SER B 276 -9.40 2.14 -25.12
N THR B 277 -9.35 2.96 -26.15
CA THR B 277 -9.66 2.56 -27.54
C THR B 277 -8.78 1.35 -27.91
N SER B 278 -9.40 0.36 -28.55
CA SER B 278 -8.69 -0.87 -28.94
CA SER B 278 -8.73 -0.88 -29.01
C SER B 278 -7.61 -0.53 -29.99
N PRO B 279 -6.56 -1.37 -30.14
CA PRO B 279 -5.54 -1.09 -31.13
C PRO B 279 -6.18 -1.08 -32.52
N PRO B 280 -5.62 -0.28 -33.43
CA PRO B 280 -6.13 -0.23 -34.80
C PRO B 280 -6.16 -1.61 -35.43
N PRO B 281 -7.21 -1.94 -36.22
CA PRO B 281 -7.26 -3.21 -36.93
C PRO B 281 -5.97 -3.54 -37.67
N ALA B 282 -5.34 -2.53 -38.27
CA ALA B 282 -4.13 -2.72 -39.09
C ALA B 282 -2.99 -3.13 -38.16
N VAL B 283 -2.97 -2.61 -36.94
CA VAL B 283 -1.94 -3.04 -35.95
C VAL B 283 -2.16 -4.52 -35.59
N ALA B 284 -3.42 -4.93 -35.33
CA ALA B 284 -3.78 -6.32 -35.01
C ALA B 284 -3.41 -7.21 -36.19
N ALA B 285 -3.66 -6.76 -37.43
CA ALA B 285 -3.46 -7.59 -38.65
C ALA B 285 -1.97 -7.79 -38.92
N GLY B 286 -1.14 -6.77 -38.72
CA GLY B 286 0.32 -6.85 -38.83
C GLY B 286 0.90 -7.81 -37.82
N ALA B 287 0.55 -7.67 -36.54
CA ALA B 287 1.01 -8.56 -35.44
C ALA B 287 0.64 -9.99 -35.77
N LEU B 288 -0.61 -10.22 -36.23
CA LEU B 288 -1.12 -11.57 -36.55
C LEU B 288 -0.20 -12.19 -37.61
N ALA B 289 0.12 -11.44 -38.65
CA ALA B 289 0.95 -11.93 -39.78
C ALA B 289 2.39 -12.17 -39.28
N SER B 290 2.87 -11.32 -38.37
CA SER B 290 4.24 -11.41 -37.81
C SER B 290 4.38 -12.71 -37.00
N ILE B 291 3.43 -12.97 -36.09
CA ILE B 291 3.38 -14.18 -35.24
C ILE B 291 3.26 -15.41 -36.16
N ARG B 292 2.28 -15.45 -37.07
CA ARG B 292 2.09 -16.60 -37.99
C ARG B 292 3.41 -16.91 -38.70
N HIS B 293 4.10 -15.89 -39.17
CA HIS B 293 5.36 -16.08 -39.93
C HIS B 293 6.43 -16.66 -38.99
N LEU B 294 6.58 -16.13 -37.78
CA LEU B 294 7.69 -16.51 -36.88
C LEU B 294 7.40 -17.85 -36.20
N ARG B 295 6.15 -18.29 -36.21
CA ARG B 295 5.77 -19.66 -35.76
C ARG B 295 6.21 -20.69 -36.82
N ALA B 296 6.11 -20.37 -38.10
CA ALA B 296 6.38 -21.31 -39.23
C ALA B 296 7.84 -21.23 -39.71
N SER B 297 8.56 -20.15 -39.40
CA SER B 297 9.90 -19.90 -39.98
C SER B 297 10.93 -19.60 -38.88
N SER B 298 12.06 -20.29 -38.99
CA SER B 298 13.24 -20.23 -38.10
CA SER B 298 13.21 -20.16 -38.07
C SER B 298 14.38 -19.43 -38.76
N ALA B 299 14.26 -19.10 -40.05
CA ALA B 299 15.37 -18.50 -40.84
C ALA B 299 15.83 -17.17 -40.24
N GLU B 300 14.89 -16.36 -39.77
CA GLU B 300 15.20 -15.02 -39.22
C GLU B 300 15.92 -15.20 -37.87
N ARG B 301 15.43 -16.08 -37.00
CA ARG B 301 16.12 -16.32 -35.71
C ARG B 301 17.54 -16.85 -35.98
N GLU B 302 17.72 -17.71 -36.99
CA GLU B 302 19.04 -18.31 -37.26
C GLU B 302 20.02 -17.22 -37.69
N ARG B 303 19.58 -16.33 -38.57
CA ARG B 303 20.36 -15.18 -39.08
C ARG B 303 20.64 -14.20 -37.93
N HIS B 304 19.64 -13.96 -37.08
CA HIS B 304 19.76 -13.11 -35.87
C HIS B 304 20.94 -13.60 -35.02
N GLN B 305 20.95 -14.90 -34.69
CA GLN B 305 21.94 -15.49 -33.74
C GLN B 305 23.35 -15.44 -34.38
N ASP B 306 23.43 -15.65 -35.69
CA ASP B 306 24.72 -15.57 -36.45
C ASP B 306 25.30 -14.15 -36.37
N ARG B 307 24.46 -13.12 -36.59
CA ARG B 307 24.88 -11.69 -36.52
C ARG B 307 25.37 -11.39 -35.11
N VAL B 308 24.58 -11.77 -34.09
CA VAL B 308 24.96 -11.62 -32.65
C VAL B 308 26.33 -12.32 -32.44
N ALA B 309 26.47 -13.57 -32.88
CA ALA B 309 27.70 -14.35 -32.63
C ALA B 309 28.89 -13.74 -33.38
N ARG B 310 28.68 -13.28 -34.60
CA ARG B 310 29.77 -12.70 -35.42
C ARG B 310 30.25 -11.42 -34.75
N LEU B 311 29.33 -10.55 -34.32
CA LEU B 311 29.74 -9.30 -33.63
C LEU B 311 30.59 -9.65 -32.40
N ARG B 312 30.14 -10.62 -31.59
CA ARG B 312 30.85 -10.92 -30.31
C ARG B 312 32.28 -11.40 -30.62
N ALA B 313 32.44 -12.25 -31.64
CA ALA B 313 33.73 -12.84 -32.07
C ALA B 313 34.68 -11.73 -32.49
N ARG B 314 34.19 -10.79 -33.27
CA ARG B 314 34.98 -9.65 -33.81
C ARG B 314 35.33 -8.70 -32.66
N LEU B 315 34.40 -8.40 -31.75
CA LEU B 315 34.72 -7.53 -30.60
C LEU B 315 35.84 -8.19 -29.78
N ASP B 316 35.75 -9.52 -29.62
CA ASP B 316 36.74 -10.27 -28.81
C ASP B 316 38.12 -10.10 -29.44
N GLN B 317 38.23 -10.27 -30.76
CA GLN B 317 39.52 -10.14 -31.50
C GLN B 317 40.01 -8.69 -31.35
N ALA B 318 39.10 -7.71 -31.35
CA ALA B 318 39.46 -6.28 -31.35
C ALA B 318 39.74 -5.79 -29.93
N GLY B 319 39.47 -6.60 -28.92
CA GLY B 319 39.79 -6.22 -27.53
C GLY B 319 38.75 -5.29 -26.94
N VAL B 320 37.56 -5.27 -27.51
CA VAL B 320 36.46 -4.37 -27.07
C VAL B 320 35.59 -5.17 -26.09
N ALA B 321 35.54 -4.73 -24.83
CA ALA B 321 34.84 -5.45 -23.75
C ALA B 321 33.32 -5.41 -23.99
N HIS B 322 32.66 -6.56 -23.90
CA HIS B 322 31.18 -6.65 -23.83
C HIS B 322 30.84 -7.67 -22.75
N MET B 323 29.66 -7.54 -22.18
CA MET B 323 29.17 -8.36 -21.07
C MET B 323 28.66 -9.68 -21.65
N PRO B 324 29.28 -10.82 -21.25
CA PRO B 324 28.94 -12.12 -21.78
C PRO B 324 27.54 -12.50 -21.31
N ASN B 325 26.76 -13.16 -22.16
CA ASN B 325 25.40 -13.57 -21.79
C ASN B 325 24.87 -14.51 -22.84
N PRO B 326 23.86 -15.32 -22.49
CA PRO B 326 23.33 -16.31 -23.41
C PRO B 326 22.22 -15.78 -24.34
N SER B 327 21.91 -14.48 -24.32
CA SER B 327 20.82 -13.93 -25.16
C SER B 327 21.44 -13.27 -26.41
N HIS B 328 20.66 -12.41 -27.04
CA HIS B 328 20.95 -11.74 -28.33
C HIS B 328 21.39 -10.28 -28.10
N ILE B 329 21.58 -9.86 -26.85
CA ILE B 329 21.87 -8.44 -26.51
C ILE B 329 23.37 -8.33 -26.26
N VAL B 330 24.03 -7.34 -26.84
CA VAL B 330 25.49 -7.17 -26.74
C VAL B 330 25.79 -5.88 -26.01
N PRO B 331 25.93 -5.91 -24.67
CA PRO B 331 26.16 -4.69 -23.90
C PRO B 331 27.66 -4.38 -23.98
N VAL B 332 28.03 -3.38 -24.79
CA VAL B 332 29.45 -2.94 -24.90
C VAL B 332 29.77 -2.05 -23.70
N MET B 333 30.77 -2.43 -22.91
CA MET B 333 30.98 -1.88 -21.56
C MET B 333 31.89 -0.64 -21.65
N VAL B 334 31.52 0.45 -20.98
CA VAL B 334 32.28 1.73 -21.02
C VAL B 334 32.79 2.06 -19.62
N GLY B 335 31.91 2.01 -18.62
CA GLY B 335 32.33 2.11 -17.20
C GLY B 335 32.45 3.53 -16.69
N ASP B 336 32.03 4.53 -17.49
CA ASP B 336 32.08 5.95 -17.10
C ASP B 336 30.95 6.68 -17.84
N ALA B 337 30.14 7.45 -17.11
CA ALA B 337 28.92 8.11 -17.61
C ALA B 337 29.31 9.14 -18.70
N ALA B 338 30.28 10.01 -18.41
CA ALA B 338 30.71 11.08 -19.33
C ALA B 338 31.27 10.42 -20.59
N LEU B 339 32.11 9.40 -20.46
CA LEU B 339 32.74 8.72 -21.62
C LEU B 339 31.65 8.00 -22.44
N CYS B 340 30.70 7.35 -21.78
CA CYS B 340 29.60 6.63 -22.49
C CYS B 340 28.91 7.58 -23.46
N LYS B 341 28.55 8.77 -22.98
CA LYS B 341 27.85 9.80 -23.77
C LYS B 341 28.79 10.25 -24.89
N GLN B 342 30.06 10.53 -24.59
CA GLN B 342 31.06 10.97 -25.61
C GLN B 342 31.16 9.92 -26.69
N ILE B 343 31.16 8.64 -26.36
CA ILE B 343 31.32 7.56 -27.38
C ILE B 343 30.04 7.49 -28.22
N SER B 344 28.86 7.52 -27.59
CA SER B 344 27.56 7.50 -28.31
C SER B 344 27.54 8.66 -29.35
N ASP B 345 27.90 9.87 -28.92
CA ASP B 345 27.94 11.09 -29.77
C ASP B 345 28.90 10.91 -30.94
N GLU B 346 30.12 10.45 -30.69
CA GLU B 346 31.15 10.21 -31.74
C GLU B 346 30.66 9.13 -32.72
N LEU B 347 30.08 8.04 -32.23
CA LEU B 347 29.56 7.01 -33.16
C LEU B 347 28.52 7.65 -34.09
N ILE B 348 27.57 8.42 -33.57
CA ILE B 348 26.50 9.04 -34.42
C ILE B 348 27.11 10.07 -35.39
N SER B 349 27.95 11.00 -34.94
CA SER B 349 28.33 12.16 -35.79
C SER B 349 29.56 11.85 -36.65
N ARG B 350 30.47 10.98 -36.23
CA ARG B 350 31.69 10.66 -37.03
C ARG B 350 31.51 9.40 -37.87
N TYR B 351 30.71 8.41 -37.43
CA TYR B 351 30.69 7.05 -38.04
C TYR B 351 29.29 6.69 -38.57
N GLY B 352 28.28 7.54 -38.40
CA GLY B 352 26.91 7.28 -38.87
C GLY B 352 26.36 6.00 -38.22
N ILE B 353 26.69 5.79 -36.95
CA ILE B 353 26.28 4.62 -36.13
C ILE B 353 25.40 5.14 -34.99
N TYR B 354 24.14 4.70 -34.96
CA TYR B 354 23.16 5.13 -33.93
C TYR B 354 23.05 4.07 -32.83
N VAL B 355 23.60 4.42 -31.66
CA VAL B 355 23.54 3.65 -30.38
C VAL B 355 23.22 4.68 -29.30
N GLN B 356 22.71 4.27 -28.15
CA GLN B 356 22.39 5.22 -27.06
C GLN B 356 23.21 4.85 -25.84
N PRO B 357 23.70 5.83 -25.05
CA PRO B 357 24.40 5.53 -23.81
C PRO B 357 23.39 4.99 -22.78
N ILE B 358 23.83 4.03 -21.97
CA ILE B 358 23.04 3.55 -20.82
C ILE B 358 23.85 3.82 -19.55
N ASN B 359 23.34 4.74 -18.74
CA ASN B 359 24.03 5.30 -17.54
C ASN B 359 23.17 5.09 -16.30
N TYR B 360 23.73 5.39 -15.13
CA TYR B 360 22.99 5.46 -13.85
C TYR B 360 21.83 6.43 -14.04
N PRO B 361 20.60 6.18 -13.53
CA PRO B 361 20.28 5.03 -12.70
C PRO B 361 19.75 3.77 -13.41
N THR B 362 19.71 3.73 -14.74
CA THR B 362 19.24 2.55 -15.53
C THR B 362 20.13 1.34 -15.18
N VAL B 363 21.39 1.61 -14.87
CA VAL B 363 22.44 0.59 -14.67
C VAL B 363 23.36 1.10 -13.57
N PRO B 364 23.91 0.26 -12.67
CA PRO B 364 24.77 0.77 -11.59
C PRO B 364 25.97 1.60 -12.08
N ARG B 365 26.36 2.61 -11.28
CA ARG B 365 27.54 3.45 -11.57
C ARG B 365 28.75 2.53 -11.72
N GLY B 366 29.61 2.90 -12.67
CA GLY B 366 30.74 2.04 -13.07
C GLY B 366 30.37 0.97 -14.09
N THR B 367 29.09 0.74 -14.41
CA THR B 367 28.72 -0.30 -15.41
C THR B 367 28.00 0.35 -16.60
N GLU B 368 28.27 1.62 -16.86
CA GLU B 368 27.67 2.37 -18.00
C GLU B 368 28.04 1.62 -19.29
N ARG B 369 27.13 1.56 -20.26
CA ARG B 369 27.34 0.66 -21.42
C ARG B 369 26.60 1.22 -22.65
N LEU B 370 26.91 0.68 -23.81
CA LEU B 370 26.15 0.88 -25.06
C LEU B 370 25.44 -0.45 -25.37
N ARG B 371 24.12 -0.43 -25.37
CA ARG B 371 23.32 -1.67 -25.56
C ARG B 371 23.16 -1.84 -27.07
N ILE B 372 23.81 -2.85 -27.64
CA ILE B 372 23.81 -3.13 -29.09
C ILE B 372 22.92 -4.33 -29.36
N THR B 373 22.02 -4.21 -30.33
CA THR B 373 21.02 -5.24 -30.66
C THR B 373 21.17 -5.60 -32.14
N PRO B 374 22.15 -6.46 -32.50
CA PRO B 374 22.31 -6.89 -33.88
C PRO B 374 21.02 -7.55 -34.37
N SER B 375 20.71 -7.36 -35.63
CA SER B 375 19.48 -7.83 -36.33
C SER B 375 19.93 -8.74 -37.48
N PRO B 376 19.02 -9.54 -38.06
CA PRO B 376 19.32 -10.29 -39.28
C PRO B 376 19.77 -9.39 -40.45
N GLN B 377 19.38 -8.12 -40.44
CA GLN B 377 19.66 -7.22 -41.58
C GLN B 377 21.05 -6.57 -41.43
N HIS B 378 21.72 -6.64 -40.28
CA HIS B 378 23.11 -6.11 -40.15
C HIS B 378 24.04 -7.05 -40.93
N THR B 379 24.80 -6.50 -41.87
CA THR B 379 25.74 -7.24 -42.75
C THR B 379 27.11 -7.38 -42.06
N ASP B 380 27.99 -8.20 -42.62
CA ASP B 380 29.38 -8.38 -42.14
C ASP B 380 30.10 -7.02 -42.22
N ALA B 381 29.86 -6.25 -43.28
CA ALA B 381 30.40 -4.89 -43.48
C ALA B 381 29.88 -3.94 -42.41
N ASP B 382 28.58 -3.99 -42.07
CA ASP B 382 28.02 -3.22 -40.93
C ASP B 382 28.80 -3.56 -39.66
N ILE B 383 28.99 -4.86 -39.39
CA ILE B 383 29.70 -5.31 -38.16
C ILE B 383 31.15 -4.80 -38.19
N GLU B 384 31.86 -4.90 -39.33
CA GLU B 384 33.28 -4.42 -39.41
C GLU B 384 33.35 -2.91 -39.15
N HIS B 385 32.43 -2.11 -39.70
CA HIS B 385 32.36 -0.64 -39.48
C HIS B 385 32.19 -0.35 -37.97
N LEU B 386 31.26 -1.04 -37.29
CA LEU B 386 31.01 -0.84 -35.84
C LEU B 386 32.24 -1.26 -35.03
N VAL B 387 32.86 -2.39 -35.36
CA VAL B 387 34.02 -2.91 -34.58
C VAL B 387 35.22 -1.99 -34.78
N GLN B 388 35.44 -1.54 -36.01
CA GLN B 388 36.55 -0.60 -36.34
C GLN B 388 36.32 0.74 -35.64
N ALA B 389 35.08 1.25 -35.62
CA ALA B 389 34.71 2.50 -34.92
C ALA B 389 35.07 2.39 -33.45
N LEU B 390 34.60 1.35 -32.76
CA LEU B 390 34.84 1.16 -31.31
C LEU B 390 36.33 0.97 -31.06
N SER B 391 37.01 0.24 -31.93
CA SER B 391 38.46 -0.02 -31.80
C SER B 391 39.21 1.32 -31.91
N GLU B 392 38.88 2.13 -32.92
CA GLU B 392 39.52 3.46 -33.11
C GLU B 392 39.17 4.35 -31.90
N ILE B 393 37.93 4.29 -31.40
CA ILE B 393 37.54 5.14 -30.24
C ILE B 393 38.33 4.70 -28.99
N TRP B 394 38.39 3.41 -28.72
CA TRP B 394 39.09 2.88 -27.53
C TRP B 394 40.60 3.21 -27.60
N THR B 395 41.21 3.22 -28.79
CA THR B 395 42.65 3.56 -28.94
C THR B 395 42.84 5.02 -28.52
N ARG B 396 41.95 5.94 -28.94
CA ARG B 396 42.04 7.38 -28.55
C ARG B 396 41.82 7.54 -27.05
N VAL B 397 40.86 6.85 -26.45
CA VAL B 397 40.72 6.83 -24.97
C VAL B 397 42.07 6.44 -24.36
N GLY B 398 42.68 5.36 -24.88
CA GLY B 398 43.99 4.84 -24.45
C GLY B 398 45.08 5.91 -24.43
N LEU B 399 45.27 6.64 -25.55
CA LEU B 399 46.35 7.64 -25.72
C LEU B 399 46.10 8.86 -24.81
N MET C 1 15.52 14.31 1.23
CA MET C 1 14.66 14.94 2.26
C MET C 1 15.54 15.38 3.44
N ASN C 2 15.27 16.57 3.96
CA ASN C 2 15.76 17.02 5.29
C ASN C 2 14.72 16.56 6.31
N TYR C 3 14.99 15.44 7.00
CA TYR C 3 14.01 14.73 7.87
C TYR C 3 13.56 15.67 9.00
N GLU C 4 14.50 16.25 9.76
CA GLU C 4 14.25 17.23 10.85
C GLU C 4 13.26 18.28 10.39
N ALA C 5 13.58 18.97 9.30
CA ALA C 5 12.75 20.06 8.77
C ALA C 5 11.38 19.51 8.37
N TYR C 6 11.36 18.32 7.75
CA TYR C 6 10.10 17.76 7.20
C TYR C 6 9.15 17.49 8.37
N PHE C 7 9.65 16.93 9.46
CA PHE C 7 8.82 16.62 10.65
C PHE C 7 8.24 17.94 11.20
N ARG C 8 9.09 18.96 11.36
CA ARG C 8 8.68 20.31 11.85
C ARG C 8 7.60 20.88 10.94
N ARG C 9 7.73 20.73 9.62
CA ARG C 9 6.73 21.30 8.68
C ARG C 9 5.36 20.64 8.89
N GLN C 10 5.32 19.31 9.06
CA GLN C 10 4.06 18.56 9.36
C GLN C 10 3.49 19.07 10.71
N LEU C 11 4.34 19.34 11.70
CA LEU C 11 3.92 19.85 13.04
C LEU C 11 3.34 21.26 12.88
N ASP C 12 4.03 22.15 12.14
CA ASP C 12 3.49 23.48 11.74
C ASP C 12 2.07 23.36 11.18
N GLY C 13 1.77 22.41 10.29
CA GLY C 13 0.42 22.14 9.77
C GLY C 13 -0.59 21.96 10.90
N LEU C 14 -0.22 21.25 11.97
CA LEU C 14 -1.17 20.98 13.08
C LEU C 14 -1.45 22.29 13.83
N HIS C 15 -0.43 23.11 14.09
CA HIS C 15 -0.62 24.43 14.74
C HIS C 15 -1.59 25.29 13.90
N ARG C 16 -1.41 25.30 12.57
CA ARG C 16 -2.22 26.11 11.61
C ARG C 16 -3.69 25.66 11.71
N GLU C 17 -3.96 24.34 11.82
CA GLU C 17 -5.34 23.79 11.90
C GLU C 17 -5.97 24.02 13.27
N GLY C 18 -5.17 24.33 14.30
CA GLY C 18 -5.65 24.53 15.68
C GLY C 18 -5.74 23.25 16.49
N ARG C 19 -5.16 22.14 16.02
CA ARG C 19 -5.34 20.79 16.62
C ARG C 19 -4.03 20.25 17.18
N TYR C 20 -2.93 21.01 17.19
CA TYR C 20 -1.70 20.60 17.87
C TYR C 20 -2.00 20.42 19.36
N ARG C 21 -1.71 19.25 19.96
CA ARG C 21 -2.15 18.92 21.35
C ARG C 21 -1.06 19.26 22.38
N VAL C 22 -1.49 19.91 23.45
CA VAL C 22 -0.63 20.19 24.62
C VAL C 22 -1.17 19.33 25.76
N PHE C 23 -0.30 18.47 26.28
CA PHE C 23 -0.65 17.50 27.35
C PHE C 23 -0.59 18.28 28.66
N ALA C 24 -1.50 17.96 29.57
CA ALA C 24 -1.49 18.47 30.97
C ALA C 24 -0.72 17.48 31.85
N ASP C 25 0.38 17.92 32.45
CA ASP C 25 1.17 17.15 33.45
C ASP C 25 0.42 17.13 34.78
N LEU C 26 -0.27 16.03 35.07
CA LEU C 26 -1.13 15.86 36.27
C LEU C 26 -0.49 14.87 37.26
N GLU C 27 -0.83 15.03 38.54
CA GLU C 27 -0.69 13.93 39.53
C GLU C 27 -2.06 13.73 40.19
N ARG C 28 -2.83 12.73 39.80
CA ARG C 28 -4.12 12.44 40.48
C ARG C 28 -3.83 12.11 41.96
N HIS C 29 -4.65 12.63 42.89
CA HIS C 29 -4.47 12.40 44.35
C HIS C 29 -5.22 11.13 44.78
N ALA C 30 -4.56 9.98 44.78
CA ALA C 30 -5.13 8.69 45.20
C ALA C 30 -5.65 8.87 46.63
N GLY C 31 -6.89 8.45 46.88
CA GLY C 31 -7.58 8.71 48.16
C GLY C 31 -8.47 9.94 48.09
N SER C 32 -8.19 10.84 47.12
CA SER C 32 -8.89 12.15 46.99
C SER C 32 -9.35 12.41 45.56
N PHE C 33 -9.57 11.39 44.73
CA PHE C 33 -10.21 11.56 43.39
C PHE C 33 -11.50 12.36 43.66
N PRO C 34 -11.91 13.33 42.81
CA PRO C 34 -11.28 13.64 41.52
C PRO C 34 -10.20 14.74 41.51
N ARG C 35 -9.56 15.03 42.63
CA ARG C 35 -8.56 16.13 42.65
CA ARG C 35 -8.54 16.11 42.69
C ARG C 35 -7.23 15.61 42.07
N ALA C 36 -6.49 16.50 41.43
CA ALA C 36 -5.14 16.25 40.89
C ALA C 36 -4.28 17.50 41.08
N THR C 37 -2.96 17.33 41.15
CA THR C 37 -1.98 18.43 41.00
C THR C 37 -1.74 18.60 39.51
N HIS C 38 -1.75 19.84 39.04
CA HIS C 38 -1.42 20.23 37.64
C HIS C 38 -0.13 21.06 37.65
N HIS C 39 0.95 20.50 37.09
CA HIS C 39 2.29 21.16 36.98
C HIS C 39 2.28 22.03 35.74
N ARG C 40 2.46 23.34 35.93
CA ARG C 40 2.65 24.33 34.86
C ARG C 40 4.02 24.96 35.05
N PRO C 41 4.58 25.66 34.03
CA PRO C 41 5.85 26.36 34.18
C PRO C 41 5.81 27.40 35.32
N GLU C 42 4.62 27.97 35.58
CA GLU C 42 4.31 29.03 36.58
C GLU C 42 4.20 28.47 38.02
N GLY C 43 4.28 27.15 38.20
CA GLY C 43 4.13 26.44 39.50
C GLY C 43 2.97 25.43 39.49
N ALA C 44 2.77 24.74 40.62
CA ALA C 44 1.73 23.69 40.77
C ALA C 44 0.45 24.32 41.32
N GLY C 45 -0.70 23.82 40.86
CA GLY C 45 -2.06 24.25 41.26
C GLY C 45 -2.98 23.03 41.27
N ASP C 46 -3.96 23.00 42.15
CA ASP C 46 -4.86 21.84 42.27
C ASP C 46 -6.00 22.03 41.26
N VAL C 47 -6.44 20.95 40.61
CA VAL C 47 -7.59 20.94 39.67
C VAL C 47 -8.54 19.78 39.99
N THR C 48 -9.79 19.90 39.55
CA THR C 48 -10.79 18.79 39.54
C THR C 48 -10.74 18.16 38.14
N VAL C 49 -10.33 16.89 38.06
CA VAL C 49 -10.30 16.14 36.77
C VAL C 49 -11.74 15.79 36.40
N TRP C 50 -12.17 16.08 35.17
CA TRP C 50 -13.56 15.85 34.71
C TRP C 50 -13.60 15.08 33.36
N CYS C 51 -12.49 14.50 32.92
CA CYS C 51 -12.42 13.79 31.63
C CYS C 51 -11.66 12.47 31.73
N SER C 52 -11.42 11.95 32.92
CA SER C 52 -10.69 10.66 33.13
C SER C 52 -11.62 9.49 32.75
N ASN C 53 -11.04 8.42 32.17
CA ASN C 53 -11.79 7.21 31.79
C ASN C 53 -11.67 6.16 32.92
N ASP C 54 -11.08 6.54 34.07
CA ASP C 54 -11.13 5.76 35.34
C ASP C 54 -12.52 5.97 35.94
N TYR C 55 -13.54 5.47 35.23
CA TYR C 55 -14.95 5.91 35.39
C TYR C 55 -15.45 5.74 36.82
N LEU C 56 -15.07 4.70 37.55
CA LEU C 56 -15.63 4.46 38.92
C LEU C 56 -14.59 4.79 40.00
N GLY C 57 -13.44 5.37 39.63
CA GLY C 57 -12.32 5.63 40.55
C GLY C 57 -11.68 4.35 41.10
N MET C 58 -11.72 3.24 40.35
CA MET C 58 -11.08 2.00 40.80
C MET C 58 -9.55 2.21 40.86
N GLY C 59 -9.02 3.19 40.15
CA GLY C 59 -7.61 3.60 40.24
C GLY C 59 -7.19 3.84 41.69
N GLN C 60 -8.13 4.23 42.55
CA GLN C 60 -7.82 4.48 43.99
C GLN C 60 -8.51 3.44 44.88
N HIS C 61 -9.08 2.36 44.35
CA HIS C 61 -9.81 1.41 45.23
C HIS C 61 -8.80 0.69 46.13
N PRO C 62 -9.00 0.64 47.47
CA PRO C 62 -8.04 0.01 48.38
C PRO C 62 -7.72 -1.48 48.11
N ALA C 63 -8.68 -2.28 47.63
CA ALA C 63 -8.46 -3.71 47.27
C ALA C 63 -7.49 -3.81 46.09
N VAL C 64 -7.63 -2.90 45.12
CA VAL C 64 -6.77 -2.86 43.91
C VAL C 64 -5.35 -2.51 44.36
N LEU C 65 -5.21 -1.47 45.18
CA LEU C 65 -3.86 -1.00 45.61
C LEU C 65 -3.22 -2.01 46.57
N THR C 66 -3.98 -2.69 47.43
CA THR C 66 -3.45 -3.79 48.29
C THR C 66 -2.87 -4.91 47.41
N ALA C 67 -3.62 -5.34 46.40
CA ALA C 67 -3.19 -6.43 45.51
C ALA C 67 -1.91 -6.00 44.78
N MET C 68 -1.83 -4.75 44.35
CA MET C 68 -0.68 -4.30 43.54
C MET C 68 0.56 -4.27 44.45
N HIS C 69 0.48 -3.72 45.66
CA HIS C 69 1.64 -3.67 46.60
C HIS C 69 2.08 -5.09 46.98
N GLU C 70 1.14 -6.00 47.19
CA GLU C 70 1.43 -7.43 47.52
C GLU C 70 2.21 -8.08 46.36
N ALA C 71 1.75 -7.90 45.13
CA ALA C 71 2.34 -8.56 43.94
C ALA C 71 3.74 -7.98 43.68
N LEU C 72 3.96 -6.68 43.84
CA LEU C 72 5.29 -6.03 43.74
C LEU C 72 6.29 -6.75 44.65
N ASP C 73 5.94 -6.87 45.95
CA ASP C 73 6.84 -7.39 47.01
C ASP C 73 7.06 -8.89 46.83
N SER C 74 6.05 -9.61 46.36
CA SER C 74 6.14 -11.05 46.04
C SER C 74 6.96 -11.32 44.76
N CYS C 75 6.53 -10.78 43.62
CA CYS C 75 6.96 -11.20 42.25
C CYS C 75 7.92 -10.18 41.61
N GLY C 76 8.07 -8.98 42.20
CA GLY C 76 8.95 -7.94 41.67
C GLY C 76 8.24 -7.03 40.67
N ALA C 77 9.00 -6.21 39.96
CA ALA C 77 8.51 -5.03 39.22
C ALA C 77 7.84 -5.43 37.90
N GLY C 78 8.37 -6.43 37.19
CA GLY C 78 7.92 -6.85 35.85
C GLY C 78 7.84 -8.36 35.73
N ALA C 79 7.37 -8.85 34.58
CA ALA C 79 7.22 -10.29 34.25
C ALA C 79 8.61 -10.90 33.97
N GLY C 80 9.53 -10.14 33.37
CA GLY C 80 10.90 -10.58 33.07
C GLY C 80 10.93 -11.52 31.87
N GLY C 81 9.86 -11.55 31.08
CA GLY C 81 9.81 -12.33 29.84
C GLY C 81 8.46 -12.21 29.16
N THR C 82 8.34 -12.88 28.03
CA THR C 82 7.06 -12.99 27.29
C THR C 82 6.24 -14.07 27.98
N ARG C 83 4.98 -14.21 27.63
CA ARG C 83 4.17 -15.32 28.19
C ARG C 83 4.84 -16.66 27.86
N ASN C 84 5.43 -16.80 26.67
CA ASN C 84 6.02 -18.05 26.16
C ASN C 84 7.36 -18.34 26.86
N ILE C 85 8.11 -17.32 27.24
CA ILE C 85 9.51 -17.47 27.72
C ILE C 85 9.66 -16.71 29.05
N ALA C 86 9.44 -17.42 30.17
CA ALA C 86 9.69 -17.03 31.58
C ALA C 86 8.68 -16.01 32.13
N GLY C 87 7.85 -15.39 31.30
CA GLY C 87 7.00 -14.25 31.70
C GLY C 87 5.54 -14.61 31.93
N THR C 88 5.18 -15.89 32.10
CA THR C 88 3.83 -16.20 32.63
C THR C 88 3.91 -16.29 34.16
N ASN C 89 3.11 -15.46 34.84
CA ASN C 89 3.01 -15.35 36.31
C ASN C 89 1.62 -15.89 36.71
N HIS C 90 1.46 -16.44 37.91
CA HIS C 90 0.17 -17.00 38.37
C HIS C 90 -0.97 -15.96 38.26
N TYR C 91 -0.67 -14.69 38.45
CA TYR C 91 -1.69 -13.62 38.38
C TYR C 91 -2.23 -13.50 36.95
N HIS C 92 -1.40 -13.70 35.91
CA HIS C 92 -1.89 -13.72 34.51
C HIS C 92 -2.96 -14.81 34.39
N VAL C 93 -2.74 -15.97 35.03
CA VAL C 93 -3.61 -17.17 34.88
C VAL C 93 -4.93 -16.89 35.61
N LEU C 94 -4.85 -16.31 36.81
CA LEU C 94 -6.08 -16.00 37.58
C LEU C 94 -6.87 -14.92 36.83
N LEU C 95 -6.18 -13.90 36.30
CA LEU C 95 -6.83 -12.80 35.56
C LEU C 95 -7.58 -13.33 34.33
N GLU C 96 -6.98 -14.19 33.52
CA GLU C 96 -7.64 -14.79 32.33
C GLU C 96 -8.82 -15.65 32.79
N GLN C 97 -8.71 -16.32 33.94
CA GLN C 97 -9.82 -17.15 34.48
C GLN C 97 -10.96 -16.23 34.88
N GLU C 98 -10.64 -15.15 35.58
CA GLU C 98 -11.67 -14.18 36.04
C GLU C 98 -12.37 -13.54 34.84
N LEU C 99 -11.62 -13.16 33.81
CA LEU C 99 -12.19 -12.49 32.61
C LEU C 99 -13.15 -13.42 31.85
N ALA C 100 -12.79 -14.70 31.68
CA ALA C 100 -13.67 -15.68 31.01
C ALA C 100 -14.99 -15.75 31.78
N ALA C 101 -14.90 -15.84 33.12
CA ALA C 101 -16.10 -15.98 33.99
C ALA C 101 -16.94 -14.70 33.86
N LEU C 102 -16.27 -13.55 33.81
CA LEU C 102 -16.97 -12.23 33.73
C LEU C 102 -18.00 -12.28 32.58
N HIS C 103 -17.59 -12.78 31.42
CA HIS C 103 -18.34 -12.72 30.14
C HIS C 103 -19.01 -14.08 29.85
N GLY C 104 -18.99 -15.03 30.77
CA GLY C 104 -19.62 -16.35 30.59
C GLY C 104 -18.93 -17.13 29.46
N LYS C 105 -17.63 -16.94 29.25
CA LYS C 105 -16.93 -17.63 28.13
C LYS C 105 -16.04 -18.72 28.67
N GLU C 106 -15.67 -19.66 27.79
CA GLU C 106 -14.80 -20.81 28.15
C GLU C 106 -13.39 -20.30 28.45
N SER C 107 -12.95 -19.22 27.80
CA SER C 107 -11.54 -18.79 27.93
C SER C 107 -11.39 -17.26 27.79
N ALA C 108 -10.20 -16.76 28.07
CA ALA C 108 -9.86 -15.35 27.89
C ALA C 108 -8.35 -15.24 27.65
N LEU C 109 -7.92 -14.16 27.00
CA LEU C 109 -6.51 -13.95 26.66
C LEU C 109 -6.13 -12.52 27.05
N LEU C 110 -5.04 -12.37 27.78
CA LEU C 110 -4.58 -11.08 28.33
C LEU C 110 -3.56 -10.49 27.35
N PHE C 111 -3.69 -9.19 27.04
CA PHE C 111 -2.75 -8.41 26.21
C PHE C 111 -2.21 -7.23 27.02
N THR C 112 -1.14 -6.61 26.53
CA THR C 112 -0.47 -5.46 27.17
C THR C 112 -1.43 -4.24 27.25
N SER C 113 -2.40 -4.12 26.34
CA SER C 113 -3.37 -2.99 26.29
C SER C 113 -4.65 -3.43 25.57
N GLY C 114 -5.74 -2.66 25.76
CA GLY C 114 -6.94 -2.74 24.92
C GLY C 114 -6.59 -2.53 23.45
N TYR C 115 -5.70 -1.58 23.15
CA TYR C 115 -5.35 -1.18 21.76
C TYR C 115 -4.78 -2.43 21.08
N VAL C 116 -3.79 -3.07 21.71
CA VAL C 116 -3.13 -4.28 21.16
C VAL C 116 -4.11 -5.46 21.14
N SER C 117 -5.02 -5.58 22.12
CA SER C 117 -6.04 -6.66 22.12
C SER C 117 -6.81 -6.59 20.80
N ASN C 118 -7.20 -5.40 20.34
CA ASN C 118 -7.99 -5.22 19.09
C ASN C 118 -7.07 -5.35 17.86
N TRP C 119 -5.92 -4.70 17.88
CA TRP C 119 -4.99 -4.69 16.73
C TRP C 119 -4.53 -6.11 16.40
N ALA C 120 -4.06 -6.85 17.40
CA ALA C 120 -3.54 -8.23 17.24
C ALA C 120 -4.67 -9.22 16.95
N SER C 121 -5.78 -9.16 17.69
CA SER C 121 -6.84 -10.18 17.52
C SER C 121 -7.49 -10.06 16.13
N LEU C 122 -7.86 -8.84 15.78
CA LEU C 122 -8.60 -8.67 14.50
C LEU C 122 -7.63 -8.92 13.36
N SER C 123 -6.36 -8.53 13.48
CA SER C 123 -5.38 -8.79 12.41
C SER C 123 -5.25 -10.30 12.20
N THR C 124 -5.05 -11.03 13.30
CA THR C 124 -4.76 -12.48 13.25
C THR C 124 -5.98 -13.26 12.77
N LEU C 125 -7.17 -12.97 13.28
CA LEU C 125 -8.38 -13.73 12.88
C LEU C 125 -8.62 -13.51 11.38
N ALA C 126 -8.59 -12.26 10.94
CA ALA C 126 -8.98 -11.88 9.56
C ALA C 126 -7.95 -12.33 8.52
N SER C 127 -6.65 -12.34 8.82
CA SER C 127 -5.61 -12.69 7.82
C SER C 127 -5.49 -14.21 7.69
N ARG C 128 -5.73 -14.96 8.78
CA ARG C 128 -5.52 -16.42 8.84
C ARG C 128 -6.75 -17.19 8.33
N MET C 129 -7.96 -16.67 8.47
CA MET C 129 -9.15 -17.40 7.92
C MET C 129 -9.23 -17.13 6.43
N PRO C 130 -9.21 -18.15 5.54
CA PRO C 130 -9.08 -17.92 4.10
C PRO C 130 -10.29 -17.18 3.51
N GLY C 131 -10.06 -16.07 2.82
CA GLY C 131 -11.11 -15.27 2.16
C GLY C 131 -11.99 -14.53 3.15
N CYS C 132 -11.52 -14.29 4.38
CA CYS C 132 -12.33 -13.63 5.44
C CYS C 132 -12.75 -12.22 5.00
N VAL C 133 -14.03 -11.88 5.13
CA VAL C 133 -14.53 -10.48 4.93
C VAL C 133 -14.85 -9.87 6.29
N ILE C 134 -14.30 -8.68 6.55
CA ILE C 134 -14.54 -7.94 7.83
C ILE C 134 -15.59 -6.89 7.53
N LEU C 135 -16.67 -6.93 8.30
CA LEU C 135 -17.71 -5.89 8.30
C LEU C 135 -17.53 -5.06 9.56
N SER C 136 -17.19 -3.80 9.35
CA SER C 136 -16.70 -2.87 10.38
C SER C 136 -17.66 -1.69 10.49
N ASP C 137 -18.12 -1.38 11.70
CA ASP C 137 -18.92 -0.17 11.97
C ASP C 137 -18.06 1.06 11.65
N GLU C 138 -18.67 1.96 10.88
CA GLU C 138 -18.15 3.30 10.48
C GLU C 138 -17.37 3.96 11.60
N LEU C 139 -17.85 3.90 12.85
CA LEU C 139 -17.23 4.66 13.97
C LEU C 139 -16.38 3.76 14.88
N ASN C 140 -15.89 2.63 14.38
CA ASN C 140 -15.04 1.71 15.18
C ASN C 140 -13.77 2.45 15.60
N HIS C 141 -13.25 2.09 16.76
CA HIS C 141 -12.05 2.71 17.38
C HIS C 141 -10.82 2.54 16.48
N ALA C 142 -9.88 3.48 16.55
CA ALA C 142 -8.58 3.40 15.83
C ALA C 142 -7.97 2.00 15.98
N SER C 143 -7.93 1.42 17.18
CA SER C 143 -7.31 0.09 17.44
C SER C 143 -7.96 -0.99 16.57
N MET C 144 -9.29 -0.95 16.42
CA MET C 144 -10.01 -1.89 15.52
C MET C 144 -9.66 -1.58 14.05
N ILE C 145 -9.77 -0.33 13.62
CA ILE C 145 -9.51 0.03 12.19
C ILE C 145 -8.10 -0.47 11.81
N GLU C 146 -7.10 -0.27 12.67
CA GLU C 146 -5.69 -0.57 12.32
C GLU C 146 -5.50 -2.08 12.27
N GLY C 147 -6.13 -2.83 13.17
CA GLY C 147 -6.11 -4.29 13.13
C GLY C 147 -6.70 -4.79 11.81
N ILE C 148 -7.83 -4.22 11.41
CA ILE C 148 -8.51 -4.61 10.14
C ILE C 148 -7.61 -4.23 8.96
N ARG C 149 -7.01 -3.04 8.95
CA ARG C 149 -6.07 -2.64 7.87
C ARG C 149 -4.86 -3.60 7.86
N HIS C 150 -4.30 -3.90 9.03
CA HIS C 150 -3.08 -4.74 9.14
C HIS C 150 -3.36 -6.13 8.59
N SER C 151 -4.61 -6.62 8.68
CA SER C 151 -4.95 -7.97 8.17
C SER C 151 -4.76 -8.03 6.64
N ARG C 152 -5.03 -6.93 5.94
CA ARG C 152 -5.10 -6.80 4.46
C ARG C 152 -6.34 -7.53 3.93
N SER C 153 -7.20 -7.99 4.83
CA SER C 153 -8.41 -8.75 4.43
C SER C 153 -9.40 -7.78 3.77
N GLU C 154 -10.24 -8.30 2.89
CA GLU C 154 -11.38 -7.56 2.34
C GLU C 154 -12.18 -6.98 3.51
N THR C 155 -12.48 -5.69 3.47
CA THR C 155 -13.21 -4.93 4.53
C THR C 155 -14.43 -4.26 3.89
N ARG C 156 -15.60 -4.33 4.53
CA ARG C 156 -16.76 -3.46 4.17
C ARG C 156 -17.15 -2.63 5.38
N ILE C 157 -17.19 -1.30 5.24
CA ILE C 157 -17.64 -0.34 6.28
C ILE C 157 -19.16 -0.27 6.20
N PHE C 158 -19.86 -0.48 7.31
CA PHE C 158 -21.33 -0.32 7.37
C PHE C 158 -21.66 0.96 8.12
N ALA C 159 -22.76 1.59 7.73
CA ALA C 159 -23.30 2.80 8.37
C ALA C 159 -23.49 2.54 9.88
N HIS C 160 -23.14 3.53 10.68
CA HIS C 160 -23.06 3.45 12.15
C HIS C 160 -24.36 2.89 12.71
N ASN C 161 -24.26 1.79 13.44
CA ASN C 161 -25.37 1.24 14.26
C ASN C 161 -26.55 0.89 13.35
N ASP C 162 -26.31 0.62 12.06
CA ASP C 162 -27.35 0.36 11.04
C ASP C 162 -27.32 -1.11 10.62
N PRO C 163 -28.12 -1.98 11.26
CA PRO C 163 -28.24 -3.37 10.82
C PRO C 163 -28.73 -3.57 9.37
N ARG C 164 -29.57 -2.67 8.85
CA ARG C 164 -30.05 -2.78 7.43
C ARG C 164 -28.86 -2.57 6.48
N ASP C 165 -27.95 -1.62 6.80
CA ASP C 165 -26.75 -1.37 5.96
C ASP C 165 -25.78 -2.56 6.08
N LEU C 166 -25.62 -3.11 7.28
CA LEU C 166 -24.81 -4.32 7.52
C LEU C 166 -25.35 -5.45 6.63
N GLU C 167 -26.68 -5.64 6.64
CA GLU C 167 -27.40 -6.59 5.76
C GLU C 167 -27.01 -6.30 4.29
N ARG C 168 -27.14 -5.07 3.78
CA ARG C 168 -26.79 -4.73 2.38
C ARG C 168 -25.31 -5.11 2.10
N LYS C 169 -24.40 -4.84 3.05
CA LYS C 169 -22.94 -5.06 2.84
C LYS C 169 -22.64 -6.56 2.92
N LEU C 170 -23.49 -7.36 3.58
CA LEU C 170 -23.30 -8.83 3.65
C LEU C 170 -23.87 -9.51 2.40
N ALA C 171 -24.83 -8.89 1.71
CA ALA C 171 -25.80 -9.57 0.80
C ALA C 171 -25.07 -10.29 -0.34
N ASP C 172 -24.11 -9.64 -1.00
CA ASP C 172 -23.50 -10.14 -2.27
C ASP C 172 -22.14 -10.78 -2.00
N LEU C 173 -21.77 -11.00 -0.74
CA LEU C 173 -20.49 -11.68 -0.37
C LEU C 173 -20.60 -13.15 -0.82
N ASP C 174 -19.46 -13.81 -0.99
CA ASP C 174 -19.37 -15.29 -1.14
C ASP C 174 -19.97 -15.93 0.12
N PRO C 175 -21.04 -16.75 0.02
CA PRO C 175 -21.65 -17.36 1.22
C PRO C 175 -20.84 -18.48 1.88
N HIS C 176 -19.83 -19.03 1.19
CA HIS C 176 -18.80 -19.94 1.77
C HIS C 176 -17.89 -19.14 2.72
N ALA C 177 -17.50 -17.94 2.27
CA ALA C 177 -16.45 -17.09 2.89
C ALA C 177 -16.69 -16.92 4.38
N PRO C 178 -15.61 -16.98 5.19
CA PRO C 178 -15.70 -16.58 6.59
C PRO C 178 -15.99 -15.06 6.61
N LYS C 179 -16.78 -14.63 7.59
CA LYS C 179 -17.18 -13.22 7.76
C LYS C 179 -17.07 -12.88 9.25
N LEU C 180 -16.56 -11.68 9.55
CA LEU C 180 -16.36 -11.15 10.92
C LEU C 180 -17.00 -9.77 10.99
N VAL C 181 -18.01 -9.62 11.85
CA VAL C 181 -18.71 -8.34 12.15
C VAL C 181 -18.09 -7.76 13.42
N ALA C 182 -17.37 -6.66 13.26
CA ALA C 182 -16.63 -5.99 14.35
C ALA C 182 -17.34 -4.68 14.68
N PHE C 183 -17.67 -4.50 15.95
CA PHE C 183 -18.41 -3.30 16.41
C PHE C 183 -18.20 -3.12 17.91
N GLU C 184 -18.70 -1.99 18.44
CA GLU C 184 -18.56 -1.59 19.86
C GLU C 184 -19.94 -1.59 20.52
N SER C 185 -19.97 -1.83 21.82
CA SER C 185 -21.21 -1.74 22.64
C SER C 185 -21.56 -0.27 22.86
N VAL C 186 -20.59 0.50 23.34
CA VAL C 186 -20.73 1.93 23.72
C VAL C 186 -19.64 2.69 22.97
N TYR C 187 -20.03 3.61 22.09
CA TYR C 187 -19.10 4.43 21.28
C TYR C 187 -18.60 5.59 22.13
N SER C 188 -17.29 5.78 22.18
CA SER C 188 -16.60 6.63 23.19
C SER C 188 -16.94 8.09 23.04
N MET C 189 -17.18 8.59 21.82
CA MET C 189 -17.16 10.07 21.63
C MET C 189 -18.58 10.62 21.70
N ASP C 190 -19.56 9.89 21.15
CA ASP C 190 -20.99 10.33 21.14
C ASP C 190 -21.78 9.61 22.25
N GLY C 191 -21.28 8.48 22.79
CA GLY C 191 -21.86 7.73 23.93
C GLY C 191 -23.10 6.91 23.58
N ASP C 192 -23.34 6.67 22.30
CA ASP C 192 -24.51 5.87 21.85
C ASP C 192 -24.20 4.38 22.09
N ILE C 193 -25.24 3.58 22.28
CA ILE C 193 -25.18 2.13 22.57
C ILE C 193 -25.63 1.36 21.32
N ALA C 194 -24.85 0.37 20.90
CA ALA C 194 -25.12 -0.42 19.67
C ALA C 194 -26.40 -1.19 19.86
N PRO C 195 -27.20 -1.40 18.78
CA PRO C 195 -28.29 -2.38 18.80
C PRO C 195 -27.75 -3.81 18.67
N ILE C 196 -27.18 -4.32 19.78
CA ILE C 196 -26.34 -5.56 19.74
C ILE C 196 -27.18 -6.74 19.23
N ALA C 197 -28.38 -6.96 19.78
CA ALA C 197 -29.29 -8.07 19.40
C ALA C 197 -29.58 -8.03 17.88
N GLU C 198 -29.90 -6.85 17.35
CA GLU C 198 -30.27 -6.68 15.92
C GLU C 198 -29.05 -6.94 15.02
N ILE C 199 -27.85 -6.56 15.46
CA ILE C 199 -26.59 -6.84 14.72
C ILE C 199 -26.30 -8.35 14.78
N CYS C 200 -26.51 -9.00 15.92
CA CYS C 200 -26.32 -10.47 16.09
C CYS C 200 -27.33 -11.24 15.22
N ASP C 201 -28.58 -10.79 15.09
CA ASP C 201 -29.60 -11.45 14.21
C ASP C 201 -29.06 -11.42 12.76
N VAL C 202 -28.50 -10.29 12.31
CA VAL C 202 -27.96 -10.14 10.92
C VAL C 202 -26.71 -11.03 10.76
N ALA C 203 -25.77 -10.96 11.69
CA ALA C 203 -24.57 -11.84 11.71
C ALA C 203 -24.98 -13.32 11.61
N ASP C 204 -25.95 -13.75 12.41
CA ASP C 204 -26.43 -15.16 12.44
C ASP C 204 -27.00 -15.55 11.08
N ALA C 205 -27.77 -14.68 10.43
CA ALA C 205 -28.43 -15.01 9.14
C ALA C 205 -27.35 -15.18 8.04
N HIS C 206 -26.10 -14.75 8.27
CA HIS C 206 -25.02 -14.89 7.26
C HIS C 206 -23.85 -15.74 7.78
N ASN C 207 -24.00 -16.44 8.90
CA ASN C 207 -22.96 -17.31 9.51
C ASN C 207 -21.66 -16.52 9.71
N ALA C 208 -21.78 -15.34 10.32
CA ALA C 208 -20.67 -14.40 10.59
C ALA C 208 -20.28 -14.53 12.06
N MET C 209 -18.99 -14.55 12.36
CA MET C 209 -18.51 -14.34 13.74
C MET C 209 -18.87 -12.91 14.14
N THR C 210 -19.10 -12.64 15.41
CA THR C 210 -19.29 -11.29 15.95
C THR C 210 -18.14 -10.99 16.92
N TYR C 211 -17.60 -9.79 16.81
CA TYR C 211 -16.49 -9.27 17.64
C TYR C 211 -16.96 -7.96 18.27
N LEU C 212 -17.19 -7.97 19.59
CA LEU C 212 -17.76 -6.84 20.35
C LEU C 212 -16.73 -6.21 21.28
N ASP C 213 -16.33 -4.99 20.97
CA ASP C 213 -15.48 -4.14 21.84
C ASP C 213 -16.38 -3.49 22.89
N GLU C 214 -16.24 -3.92 24.15
CA GLU C 214 -17.06 -3.47 25.31
C GLU C 214 -16.23 -2.54 26.20
N VAL C 215 -15.20 -1.91 25.64
CA VAL C 215 -14.25 -1.06 26.43
C VAL C 215 -15.02 -0.04 27.30
N HIS C 216 -16.11 0.54 26.79
CA HIS C 216 -16.91 1.58 27.49
C HIS C 216 -18.17 0.98 28.11
N GLY C 217 -18.30 -0.35 28.10
CA GLY C 217 -19.39 -1.09 28.74
C GLY C 217 -18.93 -1.83 29.98
N VAL C 218 -17.79 -2.51 29.89
CA VAL C 218 -17.37 -3.51 30.89
C VAL C 218 -17.05 -2.76 32.19
N GLY C 219 -17.48 -3.33 33.31
CA GLY C 219 -17.40 -2.76 34.66
C GLY C 219 -18.56 -1.84 34.98
N LEU C 220 -19.28 -1.37 33.97
CA LEU C 220 -20.17 -0.19 34.13
C LEU C 220 -21.64 -0.56 33.99
N TYR C 221 -21.94 -1.73 33.46
CA TYR C 221 -23.35 -2.13 33.16
C TYR C 221 -23.54 -3.62 33.38
N GLY C 222 -24.79 -4.03 33.60
CA GLY C 222 -25.16 -5.47 33.61
C GLY C 222 -25.08 -6.08 35.00
N PRO C 223 -25.78 -7.21 35.23
CA PRO C 223 -25.83 -7.81 36.56
C PRO C 223 -24.46 -8.27 37.07
N ASN C 224 -23.53 -8.60 36.17
CA ASN C 224 -22.20 -9.12 36.57
C ASN C 224 -21.17 -8.03 36.37
N GLY C 225 -21.60 -6.82 36.00
CA GLY C 225 -20.66 -5.74 35.55
C GLY C 225 -19.92 -6.14 34.29
N GLY C 226 -20.53 -6.99 33.46
CA GLY C 226 -19.93 -7.46 32.20
C GLY C 226 -20.09 -6.48 31.05
N GLY C 227 -20.97 -5.49 31.15
CA GLY C 227 -21.20 -4.51 30.06
C GLY C 227 -22.58 -4.65 29.43
N ILE C 228 -22.72 -4.17 28.20
CA ILE C 228 -24.07 -4.05 27.58
C ILE C 228 -24.58 -5.46 27.23
N ALA C 229 -23.76 -6.31 26.62
CA ALA C 229 -24.21 -7.67 26.28
C ALA C 229 -24.69 -8.37 27.58
N ASP C 230 -23.91 -8.28 28.66
CA ASP C 230 -24.31 -8.79 30.00
C ASP C 230 -25.68 -8.22 30.36
N ARG C 231 -25.83 -6.90 30.34
CA ARG C 231 -27.12 -6.26 30.75
C ARG C 231 -28.29 -6.82 29.94
N GLU C 232 -28.06 -7.03 28.65
CA GLU C 232 -29.15 -7.48 27.75
C GLU C 232 -29.31 -9.01 27.81
N GLY C 233 -28.46 -9.71 28.59
CA GLY C 233 -28.44 -11.19 28.69
C GLY C 233 -28.15 -11.86 27.35
N ILE C 234 -27.28 -11.28 26.53
CA ILE C 234 -26.90 -11.87 25.20
C ILE C 234 -25.37 -11.99 25.04
N SER C 235 -24.58 -12.03 26.11
CA SER C 235 -23.14 -12.39 26.04
C SER C 235 -22.92 -13.62 25.16
N HIS C 236 -23.75 -14.64 25.33
CA HIS C 236 -23.61 -15.96 24.64
C HIS C 236 -23.67 -15.77 23.11
N ARG C 237 -24.28 -14.72 22.60
CA ARG C 237 -24.48 -14.53 21.13
C ARG C 237 -23.22 -14.00 20.44
N LEU C 238 -22.25 -13.49 21.20
CA LEU C 238 -21.02 -12.90 20.61
C LEU C 238 -19.92 -13.95 20.60
N THR C 239 -19.28 -14.11 19.46
CA THR C 239 -18.14 -15.05 19.35
C THR C 239 -17.04 -14.59 20.30
N ILE C 240 -16.75 -13.28 20.29
CA ILE C 240 -15.63 -12.67 21.06
C ILE C 240 -16.13 -11.42 21.76
N ILE C 241 -15.89 -11.29 23.06
CA ILE C 241 -16.04 -9.98 23.74
C ILE C 241 -14.63 -9.48 24.06
N GLU C 242 -14.31 -8.25 23.64
CA GLU C 242 -13.01 -7.59 23.93
C GLU C 242 -13.25 -6.45 24.94
N GLY C 243 -12.23 -6.21 25.76
CA GLY C 243 -12.29 -5.13 26.75
C GLY C 243 -10.92 -4.63 27.09
N THR C 244 -10.91 -3.64 27.97
CA THR C 244 -9.72 -2.98 28.53
C THR C 244 -9.78 -3.19 30.04
N LEU C 245 -8.62 -3.23 30.67
CA LEU C 245 -8.51 -3.20 32.15
C LEU C 245 -8.13 -1.79 32.61
N ALA C 246 -8.03 -0.83 31.69
CA ALA C 246 -7.50 0.54 31.93
C ALA C 246 -8.60 1.55 32.30
N ALA C 248 -12.93 1.39 33.28
CA ALA C 248 -13.71 1.07 34.49
C ALA C 248 -12.84 0.31 35.51
N PHE C 249 -11.97 -0.60 35.05
CA PHE C 249 -11.22 -1.46 36.01
C PHE C 249 -10.02 -0.69 36.54
N GLY C 250 -9.63 0.43 35.91
CA GLY C 250 -8.77 1.44 36.56
C GLY C 250 -7.29 1.09 36.60
N VAL C 251 -6.86 0.10 35.83
CA VAL C 251 -5.41 -0.26 35.82
C VAL C 251 -4.85 -0.11 34.40
N VAL C 252 -4.55 -1.20 33.71
CA VAL C 252 -3.99 -1.19 32.33
C VAL C 252 -4.03 -2.61 31.79
N GLY C 253 -3.99 -2.75 30.45
CA GLY C 253 -4.04 -4.04 29.77
C GLY C 253 -5.34 -4.20 29.02
N GLY C 254 -5.40 -5.20 28.15
CA GLY C 254 -6.60 -5.50 27.36
C GLY C 254 -6.80 -6.98 27.34
N TYR C 255 -7.91 -7.44 26.77
CA TYR C 255 -8.25 -8.86 26.71
C TYR C 255 -9.32 -9.12 25.66
N ILE C 256 -9.41 -10.39 25.27
CA ILE C 256 -10.59 -10.97 24.56
C ILE C 256 -11.03 -12.18 25.38
N ALA C 257 -12.31 -12.50 25.26
CA ALA C 257 -12.95 -13.63 25.95
C ALA C 257 -13.80 -14.35 24.92
N GLY C 258 -13.73 -15.67 24.92
CA GLY C 258 -14.42 -16.45 23.89
C GLY C 258 -14.21 -17.93 24.10
N SER C 259 -14.45 -18.70 23.07
CA SER C 259 -14.23 -20.17 23.12
C SER C 259 -12.74 -20.44 23.44
N SER C 260 -12.49 -21.60 24.02
CA SER C 260 -11.13 -22.15 24.24
C SER C 260 -10.32 -22.07 22.94
N ALA C 261 -10.93 -22.53 21.85
CA ALA C 261 -10.32 -22.69 20.52
C ALA C 261 -9.95 -21.31 19.97
N VAL C 262 -10.86 -20.32 20.04
CA VAL C 262 -10.54 -18.99 19.44
C VAL C 262 -9.45 -18.27 20.27
N CYS C 263 -9.51 -18.34 21.60
CA CYS C 263 -8.48 -17.71 22.47
C CYS C 263 -7.13 -18.40 22.24
N ASP C 264 -7.09 -19.72 22.07
CA ASP C 264 -5.83 -20.48 21.88
C ASP C 264 -5.29 -20.16 20.49
N PHE C 265 -6.18 -20.05 19.52
CA PHE C 265 -5.84 -19.62 18.13
C PHE C 265 -5.11 -18.27 18.16
N VAL C 266 -5.73 -17.27 18.80
CA VAL C 266 -5.12 -15.91 18.89
C VAL C 266 -3.83 -15.98 19.72
N ARG C 267 -3.83 -16.66 20.86
CA ARG C 267 -2.64 -16.85 21.74
C ARG C 267 -1.45 -17.40 20.91
N SER C 268 -1.73 -18.33 20.00
CA SER C 268 -0.76 -19.16 19.27
C SER C 268 -0.21 -18.46 18.02
N PHE C 269 -0.90 -17.48 17.45
CA PHE C 269 -0.55 -16.84 16.16
C PHE C 269 -0.33 -15.31 16.25
N ALA C 270 -0.81 -14.60 17.26
CA ALA C 270 -0.78 -13.12 17.23
C ALA C 270 0.61 -12.59 17.62
N SER C 271 1.35 -12.09 16.65
CA SER C 271 2.66 -11.41 16.82
C SER C 271 2.60 -10.44 18.03
N GLY C 272 1.58 -9.57 18.11
CA GLY C 272 1.46 -8.54 19.17
C GLY C 272 1.28 -9.10 20.58
N PHE C 273 0.80 -10.33 20.69
CA PHE C 273 0.77 -11.07 21.97
C PHE C 273 2.11 -11.76 22.27
N ILE C 274 2.63 -12.50 21.29
CA ILE C 274 3.74 -13.47 21.49
C ILE C 274 5.03 -12.70 21.79
N PHE C 275 5.31 -11.67 21.01
CA PHE C 275 6.65 -11.03 20.92
C PHE C 275 6.73 -9.73 21.73
N SER C 276 6.01 -9.66 22.85
CA SER C 276 6.01 -8.51 23.78
C SER C 276 5.98 -9.01 25.24
N THR C 277 6.82 -8.43 26.09
CA THR C 277 6.89 -8.70 27.54
C THR C 277 5.47 -8.71 28.14
N SER C 278 5.19 -9.68 29.00
CA SER C 278 3.88 -9.81 29.69
C SER C 278 3.65 -8.58 30.57
N PRO C 279 2.37 -8.25 30.83
CA PRO C 279 2.04 -7.20 31.80
C PRO C 279 2.74 -7.50 33.13
N PRO C 280 3.19 -6.47 33.87
CA PRO C 280 3.72 -6.69 35.21
C PRO C 280 2.76 -7.52 36.07
N PRO C 281 3.29 -8.40 36.94
CA PRO C 281 2.48 -9.11 37.92
C PRO C 281 1.51 -8.22 38.73
N ALA C 282 1.99 -7.07 39.23
CA ALA C 282 1.23 -6.05 39.99
C ALA C 282 0.04 -5.55 39.18
N VAL C 283 0.23 -5.39 37.86
CA VAL C 283 -0.85 -4.91 36.97
C VAL C 283 -1.93 -5.99 36.95
N ALA C 284 -1.53 -7.25 36.74
CA ALA C 284 -2.47 -8.38 36.68
C ALA C 284 -3.14 -8.52 38.05
N ALA C 285 -2.41 -8.32 39.14
CA ALA C 285 -2.98 -8.50 40.51
C ALA C 285 -4.02 -7.40 40.76
N GLY C 286 -3.70 -6.18 40.34
CA GLY C 286 -4.61 -5.02 40.50
C GLY C 286 -5.88 -5.26 39.73
N ALA C 287 -5.74 -5.60 38.45
CA ALA C 287 -6.90 -5.82 37.54
C ALA C 287 -7.80 -6.92 38.09
N LEU C 288 -7.20 -8.00 38.62
CA LEU C 288 -7.93 -9.15 39.17
C LEU C 288 -8.79 -8.65 40.34
N ALA C 289 -8.19 -7.93 41.29
CA ALA C 289 -8.93 -7.37 42.46
C ALA C 289 -10.05 -6.45 41.96
N SER C 290 -9.79 -5.67 40.92
CA SER C 290 -10.76 -4.68 40.39
C SER C 290 -11.99 -5.41 39.85
N ILE C 291 -11.77 -6.44 39.04
CA ILE C 291 -12.86 -7.19 38.36
C ILE C 291 -13.69 -7.88 39.44
N ARG C 292 -13.01 -8.59 40.36
CA ARG C 292 -13.69 -9.29 41.47
C ARG C 292 -14.58 -8.30 42.22
N HIS C 293 -14.09 -7.09 42.52
CA HIS C 293 -14.87 -6.09 43.30
C HIS C 293 -16.11 -5.74 42.48
N LEU C 294 -15.95 -5.40 41.21
CA LEU C 294 -17.09 -4.89 40.40
C LEU C 294 -18.03 -6.01 39.96
N ARG C 295 -17.61 -7.28 40.04
CA ARG C 295 -18.54 -8.40 39.80
C ARG C 295 -19.51 -8.52 40.99
N ALA C 296 -19.03 -8.22 42.21
CA ALA C 296 -19.74 -8.39 43.49
C ALA C 296 -20.57 -7.14 43.83
N SER C 297 -20.13 -5.95 43.42
CA SER C 297 -20.70 -4.66 43.88
C SER C 297 -21.28 -3.88 42.70
N SER C 298 -22.54 -3.48 42.86
CA SER C 298 -23.28 -2.56 41.94
C SER C 298 -23.24 -1.10 42.43
N ALA C 299 -22.78 -0.84 43.67
CA ALA C 299 -22.97 0.47 44.33
C ALA C 299 -22.24 1.56 43.53
N GLU C 300 -21.03 1.30 43.03
CA GLU C 300 -20.25 2.33 42.31
C GLU C 300 -20.98 2.65 40.98
N ARG C 301 -21.50 1.64 40.28
CA ARG C 301 -22.29 1.83 39.02
C ARG C 301 -23.50 2.74 39.31
N GLU C 302 -24.23 2.49 40.39
CA GLU C 302 -25.44 3.27 40.75
C GLU C 302 -25.03 4.72 41.02
N ARG C 303 -23.98 4.94 41.79
CA ARG C 303 -23.48 6.29 42.12
C ARG C 303 -23.00 6.99 40.83
N HIS C 304 -22.33 6.24 39.94
CA HIS C 304 -21.84 6.72 38.62
C HIS C 304 -23.05 7.26 37.82
N GLN C 305 -24.07 6.44 37.61
CA GLN C 305 -25.28 6.85 36.83
C GLN C 305 -25.95 8.07 37.49
N ASP C 306 -26.00 8.12 38.82
CA ASP C 306 -26.61 9.26 39.57
C ASP C 306 -25.85 10.57 39.25
N ARG C 307 -24.51 10.58 39.32
CA ARG C 307 -23.69 11.77 38.99
C ARG C 307 -23.90 12.24 37.53
N VAL C 308 -24.06 11.29 36.60
CA VAL C 308 -24.31 11.60 35.16
C VAL C 308 -25.68 12.27 35.03
N ALA C 309 -26.73 11.72 35.64
CA ALA C 309 -28.09 12.29 35.53
C ALA C 309 -28.08 13.71 36.09
N ARG C 310 -27.46 13.88 37.25
CA ARG C 310 -27.42 15.20 37.94
C ARG C 310 -26.67 16.22 37.04
N LEU C 311 -25.51 15.87 36.46
CA LEU C 311 -24.77 16.86 35.60
C LEU C 311 -25.63 17.22 34.39
N ARG C 312 -26.23 16.21 33.75
CA ARG C 312 -27.00 16.42 32.51
C ARG C 312 -28.13 17.41 32.81
N ALA C 313 -28.80 17.22 33.94
CA ALA C 313 -30.01 18.02 34.26
C ALA C 313 -29.53 19.45 34.50
N ARG C 314 -28.40 19.62 35.18
CA ARG C 314 -27.88 20.96 35.57
C ARG C 314 -27.36 21.66 34.30
N LEU C 315 -26.80 20.92 33.33
CA LEU C 315 -26.34 21.53 32.05
C LEU C 315 -27.54 22.03 31.26
N ASP C 316 -28.63 21.26 31.23
CA ASP C 316 -29.88 21.70 30.55
C ASP C 316 -30.38 23.01 31.18
N GLN C 317 -30.44 23.07 32.50
CA GLN C 317 -30.99 24.26 33.19
C GLN C 317 -30.12 25.47 32.83
N ALA C 318 -28.78 25.33 32.80
CA ALA C 318 -27.84 26.44 32.49
C ALA C 318 -27.74 26.72 30.99
N GLY C 319 -28.42 25.97 30.11
CA GLY C 319 -28.42 26.21 28.65
C GLY C 319 -27.07 25.90 28.01
N VAL C 320 -26.29 24.99 28.59
CA VAL C 320 -25.03 24.47 28.00
C VAL C 320 -25.37 23.19 27.27
N ALA C 321 -25.33 23.20 25.94
CA ALA C 321 -25.75 22.05 25.09
C ALA C 321 -24.77 20.87 25.24
N HIS C 322 -25.27 19.70 25.62
CA HIS C 322 -24.52 18.41 25.65
C HIS C 322 -25.29 17.42 24.77
N MET C 323 -24.64 16.35 24.31
CA MET C 323 -25.27 15.35 23.39
C MET C 323 -25.90 14.26 24.24
N PRO C 324 -27.25 14.15 24.29
CA PRO C 324 -27.89 13.17 25.15
C PRO C 324 -27.60 11.77 24.58
N ASN C 325 -27.53 10.79 25.46
CA ASN C 325 -27.27 9.38 25.04
C ASN C 325 -27.64 8.49 26.22
N PRO C 326 -27.71 7.15 26.03
CA PRO C 326 -28.08 6.24 27.12
C PRO C 326 -26.93 5.79 28.01
N SER C 327 -25.72 6.27 27.74
CA SER C 327 -24.51 5.84 28.50
C SER C 327 -24.16 6.92 29.52
N HIS C 328 -22.88 6.96 29.92
CA HIS C 328 -22.33 7.71 31.08
C HIS C 328 -21.45 8.87 30.62
N ILE C 329 -21.33 9.02 29.30
CA ILE C 329 -20.37 9.94 28.61
C ILE C 329 -21.14 11.21 28.28
N VAL C 330 -20.60 12.39 28.64
CA VAL C 330 -21.31 13.69 28.49
C VAL C 330 -20.50 14.57 27.54
N PRO C 331 -20.72 14.46 26.20
CA PRO C 331 -20.02 15.28 25.22
C PRO C 331 -20.63 16.68 25.16
N VAL C 332 -19.79 17.71 25.29
CA VAL C 332 -20.27 19.12 25.30
C VAL C 332 -19.65 19.77 24.08
N MET C 333 -20.47 20.05 23.08
CA MET C 333 -20.02 20.40 21.71
C MET C 333 -19.45 21.84 21.72
N VAL C 334 -18.32 22.04 21.04
CA VAL C 334 -17.68 23.37 20.82
C VAL C 334 -17.69 23.68 19.32
N GLY C 335 -17.14 22.79 18.48
CA GLY C 335 -17.27 22.92 17.02
C GLY C 335 -16.12 23.68 16.38
N ASP C 336 -15.06 24.02 17.12
CA ASP C 336 -13.82 24.59 16.53
C ASP C 336 -12.63 24.17 17.39
N ALA C 337 -11.55 23.74 16.76
CA ALA C 337 -10.33 23.21 17.44
C ALA C 337 -9.69 24.27 18.34
N ALA C 338 -9.36 25.46 17.80
CA ALA C 338 -8.66 26.52 18.57
C ALA C 338 -9.55 26.98 19.74
N LEU C 339 -10.84 27.20 19.47
CA LEU C 339 -11.78 27.61 20.54
C LEU C 339 -11.81 26.52 21.64
N CYS C 340 -11.90 25.24 21.27
CA CYS C 340 -11.96 24.15 22.26
C CYS C 340 -10.75 24.28 23.19
N LYS C 341 -9.56 24.51 22.62
CA LYS C 341 -8.34 24.64 23.41
C LYS C 341 -8.45 25.83 24.38
N GLN C 342 -8.87 27.00 23.87
CA GLN C 342 -9.02 28.26 24.64
C GLN C 342 -10.00 28.01 25.81
N ILE C 343 -11.12 27.33 25.56
CA ILE C 343 -12.13 26.98 26.61
C ILE C 343 -11.45 26.14 27.70
N SER C 344 -10.70 25.11 27.30
CA SER C 344 -10.03 24.17 28.22
C SER C 344 -8.98 24.91 29.03
N ASP C 345 -8.14 25.73 28.39
CA ASP C 345 -7.09 26.52 29.12
C ASP C 345 -7.77 27.47 30.12
N GLU C 346 -8.87 28.11 29.72
CA GLU C 346 -9.60 28.99 30.67
C GLU C 346 -10.14 28.12 31.84
N LEU C 347 -10.72 26.95 31.58
CA LEU C 347 -11.27 26.11 32.68
C LEU C 347 -10.15 25.77 33.66
N ILE C 348 -8.95 25.48 33.16
CA ILE C 348 -7.78 25.23 34.05
C ILE C 348 -7.44 26.50 34.83
N SER C 349 -7.12 27.63 34.18
CA SER C 349 -6.50 28.81 34.84
C SER C 349 -7.52 29.62 35.65
N ARG C 350 -8.78 29.75 35.19
CA ARG C 350 -9.80 30.58 35.88
C ARG C 350 -10.57 29.76 36.91
N TYR C 351 -10.78 28.46 36.66
CA TYR C 351 -11.73 27.65 37.46
C TYR C 351 -11.08 26.42 38.12
N GLY C 352 -9.81 26.12 37.89
CA GLY C 352 -9.23 24.91 38.47
C GLY C 352 -10.00 23.67 38.01
N ILE C 353 -10.51 23.68 36.76
CA ILE C 353 -11.25 22.54 36.17
C ILE C 353 -10.44 22.00 34.97
N TYR C 354 -10.27 20.66 34.91
CA TYR C 354 -9.50 19.95 33.86
C TYR C 354 -10.42 19.10 32.97
N VAL C 355 -10.67 19.58 31.75
CA VAL C 355 -11.36 18.88 30.65
C VAL C 355 -10.51 19.08 29.39
N GLN C 356 -9.83 18.04 28.91
CA GLN C 356 -8.91 18.17 27.75
C GLN C 356 -9.78 18.51 26.53
N PRO C 357 -9.33 19.41 25.64
CA PRO C 357 -10.05 19.64 24.39
C PRO C 357 -9.89 18.41 23.47
N ILE C 358 -11.01 17.93 22.93
CA ILE C 358 -11.03 16.75 22.03
C ILE C 358 -11.11 17.25 20.59
N ASN C 359 -10.11 16.88 19.78
CA ASN C 359 -10.03 17.32 18.37
C ASN C 359 -9.70 16.12 17.47
N TYR C 360 -9.59 16.37 16.17
CA TYR C 360 -9.08 15.39 15.18
C TYR C 360 -7.65 15.01 15.56
N PRO C 361 -7.24 13.71 15.52
CA PRO C 361 -8.03 12.60 14.93
C PRO C 361 -9.11 11.91 15.79
N THR C 362 -9.29 12.31 17.05
CA THR C 362 -10.14 11.56 18.03
C THR C 362 -11.61 11.75 17.63
N VAL C 363 -11.99 12.95 17.21
CA VAL C 363 -13.34 13.25 16.65
C VAL C 363 -13.15 13.89 15.30
N PRO C 364 -14.17 13.86 14.43
CA PRO C 364 -14.08 14.53 13.13
C PRO C 364 -13.90 16.04 13.28
N ARG C 365 -13.16 16.61 12.33
CA ARG C 365 -12.93 18.07 12.27
C ARG C 365 -14.26 18.80 12.22
N GLY C 366 -14.34 19.91 12.95
CA GLY C 366 -15.61 20.66 13.08
C GLY C 366 -16.54 20.10 14.16
N THR C 367 -16.23 18.97 14.80
CA THR C 367 -17.06 18.38 15.90
C THR C 367 -16.24 18.33 17.18
N GLU C 368 -15.26 19.21 17.30
CA GLU C 368 -14.38 19.32 18.47
C GLU C 368 -15.30 19.55 19.68
N ARG C 369 -14.92 19.04 20.83
CA ARG C 369 -15.86 19.04 21.98
C ARG C 369 -15.08 18.91 23.28
N LEU C 370 -15.78 19.13 24.38
CA LEU C 370 -15.33 18.67 25.70
C LEU C 370 -16.02 17.34 25.92
N ARG C 371 -15.27 16.33 26.39
CA ARG C 371 -15.82 15.01 26.75
C ARG C 371 -15.76 14.87 28.28
N ILE C 372 -16.90 15.06 28.94
CA ILE C 372 -16.95 15.04 30.43
C ILE C 372 -17.40 13.67 30.92
N THR C 373 -16.71 13.16 31.94
CA THR C 373 -16.87 11.79 32.48
C THR C 373 -17.12 11.88 33.99
N PRO C 374 -18.37 12.17 34.42
CA PRO C 374 -18.70 12.21 35.84
C PRO C 374 -18.39 10.83 36.42
N SER C 375 -17.93 10.82 37.65
CA SER C 375 -17.52 9.64 38.45
C SER C 375 -18.30 9.67 39.74
N PRO C 376 -18.38 8.53 40.46
CA PRO C 376 -19.04 8.48 41.77
C PRO C 376 -18.44 9.48 42.77
N GLN C 377 -17.18 9.85 42.58
CA GLN C 377 -16.44 10.75 43.50
C GLN C 377 -16.77 12.22 43.24
N HIS C 378 -17.38 12.59 42.09
CA HIS C 378 -17.80 13.99 41.84
C HIS C 378 -19.00 14.32 42.75
N THR C 379 -18.90 15.37 43.55
CA THR C 379 -20.00 15.78 44.49
C THR C 379 -20.98 16.70 43.76
N ASP C 380 -22.11 17.00 44.40
CA ASP C 380 -23.08 18.01 43.92
C ASP C 380 -22.35 19.35 43.79
N ALA C 381 -21.55 19.75 44.78
CA ALA C 381 -20.76 21.01 44.76
C ALA C 381 -19.83 21.03 43.52
N ASP C 382 -19.16 19.91 43.21
CA ASP C 382 -18.26 19.83 42.02
C ASP C 382 -19.12 20.06 40.77
N ILE C 383 -20.31 19.44 40.69
CA ILE C 383 -21.24 19.60 39.55
C ILE C 383 -21.62 21.09 39.43
N GLU C 384 -22.08 21.74 40.52
CA GLU C 384 -22.49 23.16 40.48
C GLU C 384 -21.33 24.02 39.98
N HIS C 385 -20.11 23.80 40.46
CA HIS C 385 -18.89 24.57 40.06
C HIS C 385 -18.60 24.37 38.57
N LEU C 386 -18.69 23.11 38.08
CA LEU C 386 -18.45 22.82 36.64
C LEU C 386 -19.51 23.55 35.80
N VAL C 387 -20.80 23.40 36.12
CA VAL C 387 -21.92 23.94 35.29
C VAL C 387 -21.84 25.48 35.31
N GLN C 388 -21.54 26.09 36.45
CA GLN C 388 -21.43 27.59 36.54
C GLN C 388 -20.26 28.08 35.68
N ALA C 389 -19.09 27.43 35.76
CA ALA C 389 -17.91 27.79 34.93
C ALA C 389 -18.28 27.62 33.45
N LEU C 390 -18.89 26.49 33.05
CA LEU C 390 -19.22 26.30 31.61
C LEU C 390 -20.23 27.39 31.20
N SER C 391 -21.21 27.72 32.06
CA SER C 391 -22.23 28.76 31.79
C SER C 391 -21.56 30.12 31.54
N GLU C 392 -20.57 30.51 32.37
CA GLU C 392 -19.88 31.82 32.24
C GLU C 392 -19.08 31.81 30.93
N ILE C 393 -18.31 30.76 30.64
CA ILE C 393 -17.46 30.70 29.42
C ILE C 393 -18.38 30.67 28.20
N TRP C 394 -19.46 29.88 28.24
CA TRP C 394 -20.42 29.73 27.12
C TRP C 394 -21.01 31.11 26.75
N THR C 395 -21.32 31.98 27.71
CA THR C 395 -21.80 33.36 27.43
C THR C 395 -20.69 34.17 26.74
N ARG C 396 -19.47 34.20 27.28
CA ARG C 396 -18.35 35.01 26.71
C ARG C 396 -18.03 34.59 25.28
N VAL C 397 -18.04 33.29 25.04
CA VAL C 397 -17.53 32.63 23.80
C VAL C 397 -18.66 32.54 22.78
N GLY C 398 -19.90 32.79 23.19
CA GLY C 398 -21.06 32.87 22.28
C GLY C 398 -21.65 31.51 21.93
N LEU C 399 -21.47 30.51 22.79
CA LEU C 399 -22.12 29.18 22.60
C LEU C 399 -23.39 29.06 23.44
N ALA C 400 -23.63 29.98 24.38
CA ALA C 400 -24.74 29.90 25.37
C ALA C 400 -26.09 29.94 24.66
N MET D 1 -19.01 -22.63 6.80
CA MET D 1 -17.90 -22.22 7.73
C MET D 1 -18.31 -22.57 9.17
N ASN D 2 -17.61 -23.55 9.75
CA ASN D 2 -17.60 -23.88 11.20
C ASN D 2 -16.32 -23.28 11.79
N TYR D 3 -16.44 -22.14 12.48
CA TYR D 3 -15.31 -21.32 12.97
C TYR D 3 -14.55 -22.13 14.03
N GLU D 4 -15.27 -22.72 14.98
CA GLU D 4 -14.71 -23.64 16.02
C GLU D 4 -13.84 -24.71 15.33
N ALA D 5 -14.37 -25.39 14.31
CA ALA D 5 -13.69 -26.54 13.68
C ALA D 5 -12.46 -25.97 12.96
N TYR D 6 -12.58 -24.78 12.34
CA TYR D 6 -11.42 -24.12 11.69
C TYR D 6 -10.29 -23.88 12.72
N PHE D 7 -10.61 -23.28 13.87
CA PHE D 7 -9.58 -22.93 14.89
C PHE D 7 -8.92 -24.19 15.44
N ARG D 8 -9.71 -25.24 15.72
CA ARG D 8 -9.19 -26.53 16.24
C ARG D 8 -8.32 -27.20 15.17
N ARG D 9 -8.66 -27.06 13.89
CA ARG D 9 -7.84 -27.60 12.76
C ARG D 9 -6.46 -26.92 12.77
N GLN D 10 -6.43 -25.58 12.81
CA GLN D 10 -5.16 -24.80 12.81
C GLN D 10 -4.35 -25.21 14.05
N LEU D 11 -5.00 -25.42 15.20
CA LEU D 11 -4.31 -25.79 16.47
C LEU D 11 -3.79 -27.23 16.37
N ASP D 12 -4.58 -28.16 15.83
CA ASP D 12 -4.09 -29.54 15.55
C ASP D 12 -2.81 -29.44 14.70
N GLY D 13 -2.78 -28.57 13.69
CA GLY D 13 -1.58 -28.39 12.84
C GLY D 13 -0.34 -28.07 13.67
N LEU D 14 -0.44 -27.08 14.56
CA LEU D 14 0.66 -26.64 15.45
C LEU D 14 1.13 -27.83 16.30
N HIS D 15 0.21 -28.59 16.89
CA HIS D 15 0.52 -29.81 17.69
C HIS D 15 1.34 -30.77 16.82
N ARG D 16 0.88 -31.08 15.61
CA ARG D 16 1.52 -32.05 14.68
C ARG D 16 2.92 -31.53 14.30
N GLU D 17 3.07 -30.24 13.99
CA GLU D 17 4.38 -29.62 13.61
C GLU D 17 5.34 -29.58 14.81
N GLY D 18 4.87 -29.89 16.02
CA GLY D 18 5.64 -29.73 17.28
C GLY D 18 5.87 -28.26 17.67
N ARG D 19 5.03 -27.32 17.21
CA ARG D 19 5.26 -25.89 17.51
C ARG D 19 4.24 -25.36 18.53
N TYR D 20 3.25 -26.14 18.94
CA TYR D 20 2.28 -25.74 20.00
C TYR D 20 3.03 -25.59 21.31
N ARG D 21 2.80 -24.50 22.03
CA ARG D 21 3.52 -24.23 23.30
C ARG D 21 2.51 -23.96 24.41
N VAL D 22 2.78 -24.51 25.59
CA VAL D 22 2.00 -24.28 26.82
C VAL D 22 2.92 -23.44 27.69
N PHE D 23 2.36 -22.47 28.38
CA PHE D 23 3.10 -21.55 29.27
C PHE D 23 3.47 -22.28 30.56
N ALA D 24 4.66 -22.00 31.10
CA ALA D 24 5.04 -22.33 32.49
C ALA D 24 4.50 -21.25 33.43
N ASP D 25 3.69 -21.64 34.40
CA ASP D 25 3.16 -20.75 35.45
C ASP D 25 4.27 -20.57 36.50
N LEU D 26 5.03 -19.48 36.42
CA LEU D 26 6.17 -19.21 37.35
C LEU D 26 5.80 -18.05 38.27
N GLU D 27 6.25 -18.10 39.51
CA GLU D 27 6.30 -16.93 40.41
C GLU D 27 7.76 -16.73 40.78
N ARG D 28 8.40 -15.74 40.17
CA ARG D 28 9.76 -15.29 40.53
C ARG D 28 9.69 -14.82 41.99
N HIS D 29 10.72 -15.12 42.77
CA HIS D 29 10.80 -14.79 44.22
C HIS D 29 11.58 -13.50 44.38
N ALA D 30 10.88 -12.37 44.50
CA ALA D 30 11.52 -11.05 44.67
C ALA D 30 12.42 -11.10 45.91
N GLY D 31 13.69 -10.73 45.77
CA GLY D 31 14.67 -10.88 46.86
C GLY D 31 15.53 -12.11 46.65
N SER D 32 15.05 -13.13 45.94
CA SER D 32 15.75 -14.42 45.72
C SER D 32 15.83 -14.76 44.23
N PHE D 33 15.88 -13.79 43.35
CA PHE D 33 16.21 -14.01 41.91
C PHE D 33 17.54 -14.76 41.87
N PRO D 34 17.81 -15.71 40.96
CA PRO D 34 16.90 -16.11 39.87
C PRO D 34 15.99 -17.31 40.15
N ARG D 35 15.69 -17.55 41.43
CA ARG D 35 14.78 -18.64 41.83
C ARG D 35 13.34 -18.24 41.55
N ALA D 36 12.55 -19.23 41.20
CA ALA D 36 11.12 -19.04 40.93
C ALA D 36 10.40 -20.30 41.40
N THR D 37 9.12 -20.15 41.74
CA THR D 37 8.21 -21.28 41.97
C THR D 37 7.60 -21.64 40.63
N HIS D 38 7.68 -22.91 40.24
CA HIS D 38 7.05 -23.49 39.03
C HIS D 38 5.77 -24.19 39.49
N HIS D 39 4.60 -23.61 39.19
CA HIS D 39 3.27 -24.19 39.52
C HIS D 39 2.91 -25.15 38.40
N ARG D 40 3.00 -26.45 38.70
CA ARG D 40 2.58 -27.57 37.81
C ARG D 40 1.35 -28.21 38.44
N PRO D 41 0.58 -29.07 37.73
CA PRO D 41 -0.52 -29.78 38.38
C PRO D 41 0.01 -30.60 39.59
N GLU D 42 1.23 -31.17 39.46
CA GLU D 42 1.94 -31.99 40.48
C GLU D 42 2.18 -31.16 41.75
N GLY D 43 2.20 -29.82 41.63
CA GLY D 43 2.43 -28.92 42.77
C GLY D 43 3.57 -27.95 42.53
N ALA D 44 3.80 -27.08 43.51
CA ALA D 44 4.85 -26.01 43.53
C ALA D 44 6.24 -26.65 43.65
N GLY D 45 7.11 -26.44 42.67
CA GLY D 45 8.52 -26.89 42.68
C GLY D 45 9.45 -25.73 42.40
N ASP D 46 10.62 -25.70 43.05
CA ASP D 46 11.61 -24.60 42.91
C ASP D 46 12.43 -24.83 41.64
N VAL D 47 12.61 -23.79 40.82
CA VAL D 47 13.43 -23.85 39.58
C VAL D 47 14.36 -22.65 39.56
N THR D 48 15.46 -22.81 38.86
CA THR D 48 16.37 -21.70 38.52
C THR D 48 16.03 -21.21 37.11
N VAL D 49 15.69 -19.94 36.97
CA VAL D 49 15.34 -19.33 35.65
C VAL D 49 16.62 -18.92 34.95
N TRP D 50 16.81 -19.44 33.73
CA TRP D 50 18.04 -19.24 32.91
C TRP D 50 17.75 -18.63 31.53
N CYS D 51 16.51 -18.22 31.24
CA CYS D 51 16.22 -17.60 29.93
C CYS D 51 15.39 -16.33 30.10
N SER D 52 15.41 -15.69 31.27
CA SER D 52 14.76 -14.38 31.50
C SER D 52 15.55 -13.26 30.80
N ASN D 53 14.82 -12.25 30.30
CA ASN D 53 15.36 -11.03 29.65
C ASN D 53 15.41 -9.89 30.69
N ASP D 54 15.10 -10.16 31.96
CA ASP D 54 15.36 -9.25 33.11
C ASP D 54 16.84 -9.37 33.47
N TYR D 55 17.69 -8.94 32.55
CA TYR D 55 19.12 -9.30 32.41
C TYR D 55 19.93 -8.98 33.67
N LEU D 56 19.57 -7.96 34.42
CA LEU D 56 20.37 -7.46 35.58
C LEU D 56 19.59 -7.68 36.89
N GLY D 57 18.45 -8.38 36.81
CA GLY D 57 17.53 -8.58 37.94
C GLY D 57 17.06 -7.26 38.54
N MET D 58 16.91 -6.22 37.72
CA MET D 58 16.36 -4.92 38.19
C MET D 58 14.90 -5.11 38.61
N GLY D 59 14.24 -6.17 38.17
CA GLY D 59 12.85 -6.51 38.57
C GLY D 59 12.68 -6.63 40.09
N GLN D 60 13.73 -6.94 40.84
CA GLN D 60 13.68 -7.10 42.31
C GLN D 60 14.50 -6.00 42.98
N HIS D 61 15.00 -5.00 42.25
CA HIS D 61 15.91 -3.99 42.86
C HIS D 61 15.14 -3.15 43.87
N PRO D 62 15.63 -3.05 45.13
CA PRO D 62 14.89 -2.35 46.19
C PRO D 62 14.45 -0.93 45.76
N ALA D 63 15.31 -0.22 45.01
CA ALA D 63 15.05 1.19 44.63
C ALA D 63 13.90 1.24 43.59
N VAL D 64 13.81 0.25 42.69
CA VAL D 64 12.67 0.11 41.72
C VAL D 64 11.38 -0.18 42.48
N LEU D 65 11.37 -1.16 43.39
CA LEU D 65 10.16 -1.52 44.18
C LEU D 65 9.73 -0.32 45.02
N THR D 66 10.63 0.39 45.71
CA THR D 66 10.27 1.59 46.53
C THR D 66 9.57 2.61 45.62
N ALA D 67 10.13 2.94 44.45
CA ALA D 67 9.57 3.99 43.58
C ALA D 67 8.15 3.57 43.17
N MET D 68 7.94 2.29 42.90
CA MET D 68 6.63 1.80 42.42
C MET D 68 5.63 1.88 43.58
N HIS D 69 6.02 1.50 44.81
CA HIS D 69 5.14 1.60 46.01
C HIS D 69 4.72 3.06 46.22
N GLU D 70 5.66 4.01 46.25
CA GLU D 70 5.37 5.47 46.46
C GLU D 70 4.40 6.00 45.39
N ALA D 71 4.61 5.62 44.13
CA ALA D 71 3.80 6.07 42.98
C ALA D 71 2.37 5.52 43.08
N LEU D 72 2.21 4.26 43.49
CA LEU D 72 0.88 3.65 43.72
C LEU D 72 0.14 4.47 44.80
N ASP D 73 0.82 4.76 45.90
CA ASP D 73 0.19 5.48 47.05
C ASP D 73 -0.09 6.95 46.68
N SER D 74 0.77 7.65 45.93
CA SER D 74 0.48 9.07 45.51
C SER D 74 -0.57 9.11 44.40
N CYS D 75 -0.42 8.33 43.33
CA CYS D 75 -1.16 8.50 42.05
C CYS D 75 -2.18 7.39 41.76
N GLY D 76 -2.19 6.30 42.54
CA GLY D 76 -3.12 5.18 42.31
C GLY D 76 -2.63 4.19 41.26
N ALA D 77 -3.55 3.37 40.79
CA ALA D 77 -3.26 2.08 40.12
C ALA D 77 -2.85 2.29 38.66
N GLY D 78 -3.48 3.27 37.99
CA GLY D 78 -3.35 3.48 36.54
C GLY D 78 -3.36 4.95 36.20
N ALA D 79 -3.12 5.26 34.93
CA ALA D 79 -3.04 6.66 34.43
C ALA D 79 -4.45 7.25 34.38
N GLY D 80 -5.45 6.45 34.02
CA GLY D 80 -6.83 6.93 33.97
C GLY D 80 -7.10 7.74 32.72
N GLY D 81 -6.23 7.64 31.70
CA GLY D 81 -6.55 8.09 30.33
C GLY D 81 -5.42 7.89 29.35
N THR D 82 -5.64 8.29 28.09
CA THR D 82 -4.57 8.45 27.08
C THR D 82 -3.66 9.60 27.54
N ARG D 83 -2.48 9.75 26.95
CA ARG D 83 -1.58 10.89 27.29
C ARG D 83 -2.30 12.23 27.04
N ASN D 84 -3.18 12.27 26.03
CA ASN D 84 -4.03 13.45 25.73
C ASN D 84 -5.11 13.64 26.83
N ILE D 85 -5.93 12.64 27.11
CA ILE D 85 -7.14 12.85 27.97
C ILE D 85 -6.85 12.35 29.39
N ALA D 86 -6.25 13.21 30.21
CA ALA D 86 -6.10 13.05 31.69
C ALA D 86 -5.01 12.03 32.02
N GLY D 87 -4.34 11.43 31.03
CA GLY D 87 -3.41 10.31 31.30
C GLY D 87 -1.94 10.70 31.24
N THR D 88 -1.59 11.99 31.15
CA THR D 88 -0.17 12.38 31.33
C THR D 88 0.06 12.56 32.83
N ASN D 89 0.94 11.73 33.38
CA ASN D 89 1.35 11.76 34.80
C ASN D 89 2.78 12.32 34.84
N HIS D 90 3.15 12.98 35.92
CA HIS D 90 4.47 13.63 36.07
C HIS D 90 5.61 12.62 35.88
N TYR D 91 5.38 11.37 36.27
CA TYR D 91 6.37 10.27 36.14
C TYR D 91 6.67 9.98 34.67
N HIS D 92 5.67 10.07 33.78
CA HIS D 92 5.81 9.95 32.31
C HIS D 92 6.78 11.02 31.82
N VAL D 93 6.61 12.26 32.27
CA VAL D 93 7.42 13.46 31.87
C VAL D 93 8.87 13.29 32.37
N LEU D 94 9.07 12.96 33.66
CA LEU D 94 10.43 12.70 34.20
C LEU D 94 11.07 11.54 33.44
N LEU D 95 10.30 10.51 33.16
CA LEU D 95 10.81 9.30 32.46
C LEU D 95 11.27 9.66 31.04
N GLU D 96 10.48 10.46 30.32
CA GLU D 96 10.85 10.87 28.95
C GLU D 96 12.09 11.78 29.00
N GLN D 97 12.20 12.63 30.01
CA GLN D 97 13.40 13.49 30.19
C GLN D 97 14.65 12.60 30.43
N GLU D 98 14.53 11.61 31.31
CA GLU D 98 15.61 10.64 31.67
C GLU D 98 16.07 9.85 30.44
N LEU D 99 15.12 9.33 29.65
CA LEU D 99 15.42 8.54 28.42
C LEU D 99 16.13 9.40 27.38
N ALA D 100 15.66 10.64 27.17
CA ALA D 100 16.36 11.60 26.27
C ALA D 100 17.82 11.77 26.75
N ALA D 101 18.06 12.01 28.03
CA ALA D 101 19.45 12.26 28.53
C ALA D 101 20.27 10.97 28.40
N LEU D 102 19.68 9.79 28.63
CA LEU D 102 20.37 8.48 28.52
C LEU D 102 21.07 8.41 27.16
N HIS D 103 20.42 8.88 26.08
CA HIS D 103 20.84 8.63 24.68
C HIS D 103 21.43 9.91 24.07
N GLY D 104 21.60 10.99 24.83
CA GLY D 104 22.15 12.28 24.35
C GLY D 104 21.22 12.97 23.35
N LYS D 105 19.91 12.74 23.51
CA LYS D 105 18.87 13.22 22.58
C LYS D 105 18.12 14.40 23.19
N GLU D 106 17.51 15.22 22.33
CA GLU D 106 16.65 16.35 22.77
C GLU D 106 15.41 15.83 23.49
N SER D 107 14.84 14.71 23.06
CA SER D 107 13.53 14.27 23.60
CA SER D 107 13.50 14.28 23.50
C SER D 107 13.38 12.75 23.52
N ALA D 108 12.30 12.26 24.11
CA ALA D 108 11.91 10.85 24.08
C ALA D 108 10.40 10.77 24.17
N LEU D 109 9.86 9.63 23.84
CA LEU D 109 8.41 9.40 23.84
C LEU D 109 8.21 8.00 24.39
N LEU D 110 7.32 7.89 25.38
CA LEU D 110 6.96 6.65 26.10
C LEU D 110 5.76 6.00 25.40
N PHE D 111 5.84 4.69 25.20
CA PHE D 111 4.77 3.85 24.66
C PHE D 111 4.46 2.76 25.66
N THR D 112 3.37 2.04 25.43
CA THR D 112 2.91 1.00 26.37
C THR D 112 3.88 -0.18 26.40
N SER D 113 4.62 -0.41 25.31
CA SER D 113 5.58 -1.53 25.16
C SER D 113 6.64 -1.23 24.10
N GLY D 114 7.75 -1.93 24.17
CA GLY D 114 8.79 -1.94 23.12
C GLY D 114 8.17 -2.28 21.78
N TYR D 115 7.28 -3.28 21.78
CA TYR D 115 6.63 -3.80 20.58
C TYR D 115 5.86 -2.67 19.91
N VAL D 116 5.02 -1.96 20.67
CA VAL D 116 4.20 -0.83 20.15
C VAL D 116 5.13 0.33 19.73
N SER D 117 6.21 0.58 20.48
CA SER D 117 7.16 1.64 20.11
C SER D 117 7.63 1.41 18.66
N ASN D 118 8.00 0.19 18.31
CA ASN D 118 8.53 -0.13 16.97
C ASN D 118 7.37 -0.13 15.96
N TRP D 119 6.26 -0.82 16.28
CA TRP D 119 5.12 -0.96 15.33
C TRP D 119 4.56 0.42 14.97
N ALA D 120 4.27 1.26 15.95
CA ALA D 120 3.70 2.62 15.80
C ALA D 120 4.73 3.55 15.16
N SER D 121 5.99 3.57 15.63
CA SER D 121 6.98 4.57 15.13
C SER D 121 7.31 4.29 13.67
N LEU D 122 7.64 3.05 13.33
CA LEU D 122 8.07 2.72 11.96
C LEU D 122 6.90 2.90 11.00
N SER D 123 5.69 2.45 11.35
CA SER D 123 4.55 2.59 10.41
C SER D 123 4.26 4.08 10.20
N THR D 124 4.28 4.90 11.26
CA THR D 124 3.94 6.34 11.16
C THR D 124 5.04 7.09 10.37
N LEU D 125 6.30 6.91 10.72
CA LEU D 125 7.40 7.62 10.04
C LEU D 125 7.34 7.33 8.53
N ALA D 126 7.37 6.05 8.14
CA ALA D 126 7.52 5.66 6.73
C ALA D 126 6.24 6.02 5.95
N SER D 127 5.07 5.78 6.54
CA SER D 127 3.73 6.19 6.03
C SER D 127 3.74 7.61 5.49
N ARG D 128 4.21 8.53 6.33
CA ARG D 128 3.96 9.98 6.19
C ARG D 128 5.14 10.66 5.48
N MET D 129 6.07 9.87 4.97
CA MET D 129 7.19 10.38 4.14
C MET D 129 6.94 9.86 2.74
N PRO D 130 6.38 10.69 1.83
CA PRO D 130 6.04 10.23 0.47
C PRO D 130 7.23 9.62 -0.30
N GLY D 131 6.99 8.44 -0.90
CA GLY D 131 8.00 7.61 -1.61
C GLY D 131 9.03 6.98 -0.68
N CYS D 132 8.84 6.93 0.64
CA CYS D 132 9.88 6.40 1.57
C CYS D 132 10.25 4.96 1.17
N VAL D 133 11.54 4.65 1.10
CA VAL D 133 12.00 3.24 0.96
C VAL D 133 12.58 2.80 2.31
N ILE D 134 12.08 1.70 2.84
CA ILE D 134 12.56 1.17 4.13
C ILE D 134 13.61 0.13 3.83
N LEU D 135 14.79 0.29 4.46
CA LEU D 135 15.89 -0.71 4.41
C LEU D 135 16.00 -1.38 5.76
N SER D 136 15.72 -2.69 5.77
CA SER D 136 15.42 -3.47 6.98
C SER D 136 16.38 -4.64 7.05
N ASP D 137 17.08 -4.76 8.17
CA ASP D 137 17.95 -5.95 8.43
C ASP D 137 17.06 -7.21 8.42
N GLU D 138 17.55 -8.23 7.71
CA GLU D 138 17.01 -9.60 7.56
C GLU D 138 16.52 -10.14 8.90
N LEU D 139 17.22 -9.85 10.01
CA LEU D 139 16.90 -10.50 11.31
C LEU D 139 16.17 -9.55 12.27
N ASN D 140 15.60 -8.45 11.77
CA ASN D 140 14.89 -7.51 12.65
C ASN D 140 13.73 -8.24 13.36
N HIS D 141 13.48 -7.82 14.59
CA HIS D 141 12.42 -8.36 15.49
C HIS D 141 11.04 -8.24 14.85
N ALA D 142 10.10 -9.11 15.24
CA ALA D 142 8.70 -9.12 14.76
C ALA D 142 8.07 -7.71 14.84
N SER D 143 8.29 -6.95 15.92
CA SER D 143 7.73 -5.61 16.11
C SER D 143 8.15 -4.66 14.98
N MET D 144 9.40 -4.72 14.54
CA MET D 144 9.94 -3.90 13.44
C MET D 144 9.32 -4.37 12.12
N ILE D 145 9.26 -5.70 11.94
CA ILE D 145 8.74 -6.35 10.72
C ILE D 145 7.31 -5.84 10.53
N GLU D 146 6.53 -5.87 11.59
CA GLU D 146 5.08 -5.56 11.53
C GLU D 146 4.89 -4.06 11.31
N GLY D 147 5.72 -3.22 11.94
CA GLY D 147 5.71 -1.76 11.72
C GLY D 147 6.03 -1.43 10.27
N ILE D 148 7.06 -2.06 9.73
CA ILE D 148 7.48 -1.86 8.32
C ILE D 148 6.36 -2.36 7.41
N ARG D 149 5.74 -3.50 7.70
CA ARG D 149 4.61 -4.02 6.87
C ARG D 149 3.45 -3.04 6.93
N HIS D 150 3.14 -2.51 8.12
CA HIS D 150 1.94 -1.67 8.33
C HIS D 150 2.09 -0.33 7.60
N SER D 151 3.33 0.14 7.38
CA SER D 151 3.59 1.43 6.67
C SER D 151 3.09 1.38 5.21
N ARG D 152 3.08 0.20 4.59
CA ARG D 152 2.86 -0.10 3.15
C ARG D 152 3.94 0.57 2.28
N SER D 153 5.02 1.05 2.89
CA SER D 153 6.17 1.61 2.14
C SER D 153 6.95 0.50 1.42
N GLU D 154 7.48 0.83 0.24
CA GLU D 154 8.44 -0.07 -0.43
C GLU D 154 9.50 -0.48 0.61
N THR D 155 9.78 -1.78 0.72
CA THR D 155 10.82 -2.25 1.66
C THR D 155 11.78 -3.17 0.91
N ARG D 156 13.05 -3.00 1.23
CA ARG D 156 14.15 -3.87 0.78
C ARG D 156 14.82 -4.44 2.02
N ILE D 157 15.00 -5.75 2.01
CA ILE D 157 15.61 -6.50 3.13
C ILE D 157 17.10 -6.59 2.81
N PHE D 158 17.98 -6.09 3.69
CA PHE D 158 19.44 -6.24 3.46
C PHE D 158 19.96 -7.39 4.31
N ALA D 159 21.00 -8.06 3.77
CA ALA D 159 21.71 -9.18 4.41
C ALA D 159 22.20 -8.76 5.80
N HIS D 160 22.07 -9.68 6.74
CA HIS D 160 22.21 -9.40 8.18
C HIS D 160 23.57 -8.74 8.41
N ASN D 161 23.58 -7.57 9.03
CA ASN D 161 24.82 -6.89 9.50
C ASN D 161 25.77 -6.65 8.33
N ASP D 162 25.25 -6.51 7.11
CA ASP D 162 26.07 -6.39 5.89
C ASP D 162 25.90 -5.00 5.29
N PRO D 163 26.80 -4.05 5.62
CA PRO D 163 26.71 -2.72 5.06
C PRO D 163 26.93 -2.69 3.54
N ARG D 164 27.66 -3.66 2.96
CA ARG D 164 27.87 -3.75 1.48
C ARG D 164 26.53 -4.01 0.80
N ASP D 165 25.75 -4.94 1.32
CA ASP D 165 24.42 -5.30 0.78
C ASP D 165 23.49 -4.10 0.98
N LEU D 166 23.57 -3.44 2.15
CA LEU D 166 22.83 -2.19 2.39
C LEU D 166 23.15 -1.17 1.29
N GLU D 167 24.43 -0.92 1.03
CA GLU D 167 24.86 -0.02 -0.08
C GLU D 167 24.24 -0.48 -1.41
N ARG D 168 24.31 -1.77 -1.74
CA ARG D 168 23.73 -2.34 -2.99
C ARG D 168 22.22 -2.00 -3.05
N LYS D 169 21.50 -2.11 -1.93
CA LYS D 169 20.02 -1.96 -1.99
C LYS D 169 19.64 -0.47 -1.93
N LEU D 170 20.54 0.44 -1.55
CA LEU D 170 20.32 1.92 -1.54
C LEU D 170 20.72 2.56 -2.89
N ALA D 171 21.55 1.88 -3.71
CA ALA D 171 22.38 2.52 -4.77
C ALA D 171 21.50 3.13 -5.86
N ASP D 172 20.41 2.48 -6.26
CA ASP D 172 19.58 2.98 -7.40
C ASP D 172 18.55 4.01 -6.95
N LEU D 173 18.53 4.43 -5.67
CA LEU D 173 17.47 5.34 -5.15
C LEU D 173 17.88 6.78 -5.43
N ASP D 174 16.88 7.66 -5.66
CA ASP D 174 17.09 9.13 -5.79
C ASP D 174 17.75 9.64 -4.51
N PRO D 175 18.85 10.40 -4.60
CA PRO D 175 19.49 10.94 -3.40
C PRO D 175 18.57 11.77 -2.47
N HIS D 176 17.49 12.35 -2.99
CA HIS D 176 16.57 13.24 -2.21
C HIS D 176 15.32 12.47 -1.75
N ALA D 177 15.04 11.28 -2.31
CA ALA D 177 13.91 10.42 -1.85
C ALA D 177 14.15 10.05 -0.38
N PRO D 178 13.08 9.96 0.44
CA PRO D 178 13.22 9.56 1.83
C PRO D 178 13.67 8.09 1.94
N LYS D 179 14.59 7.78 2.84
CA LYS D 179 14.93 6.37 3.17
C LYS D 179 15.06 6.23 4.69
N LEU D 180 14.68 5.06 5.17
CA LEU D 180 14.69 4.74 6.61
C LEU D 180 15.42 3.41 6.74
N VAL D 181 16.64 3.47 7.28
CA VAL D 181 17.43 2.26 7.58
C VAL D 181 17.11 1.82 9.01
N ALA D 182 16.49 0.65 9.16
CA ALA D 182 16.02 0.10 10.44
C ALA D 182 16.83 -1.15 10.78
N PHE D 183 17.39 -1.19 11.98
CA PHE D 183 18.24 -2.31 12.41
C PHE D 183 18.35 -2.31 13.93
N GLU D 184 18.98 -3.36 14.45
CA GLU D 184 19.15 -3.56 15.91
C GLU D 184 20.63 -3.42 16.23
N SER D 185 20.97 -3.12 17.47
CA SER D 185 22.38 -3.06 17.94
C SER D 185 22.83 -4.47 18.33
N VAL D 186 21.98 -5.18 19.07
CA VAL D 186 22.31 -6.54 19.57
C VAL D 186 21.17 -7.45 19.12
N TYR D 187 21.47 -8.53 18.39
CA TYR D 187 20.44 -9.45 17.87
C TYR D 187 20.35 -10.65 18.81
N SER D 188 19.12 -10.96 19.19
CA SER D 188 18.77 -11.87 20.31
C SER D 188 19.21 -13.33 20.06
N MET D 189 19.15 -13.84 18.84
CA MET D 189 19.27 -15.30 18.61
C MET D 189 20.74 -15.69 18.59
N ASP D 190 21.58 -14.93 17.89
CA ASP D 190 23.01 -15.27 17.68
C ASP D 190 23.87 -14.50 18.68
N GLY D 191 23.32 -13.41 19.25
CA GLY D 191 24.07 -12.52 20.17
C GLY D 191 25.08 -11.64 19.47
N ASP D 192 24.97 -11.50 18.14
CA ASP D 192 25.86 -10.65 17.32
C ASP D 192 25.52 -9.17 17.56
N ILE D 193 26.54 -8.33 17.44
CA ILE D 193 26.40 -6.86 17.55
C ILE D 193 26.57 -6.22 16.17
N ALA D 194 25.67 -5.29 15.82
CA ALA D 194 25.66 -4.60 14.52
C ALA D 194 26.92 -3.73 14.36
N PRO D 195 27.47 -3.66 13.13
CA PRO D 195 28.50 -2.66 12.80
C PRO D 195 27.85 -1.27 12.62
N ILE D 196 27.44 -0.65 13.72
CA ILE D 196 26.57 0.55 13.72
C ILE D 196 27.28 1.69 12.96
N ALA D 197 28.56 1.97 13.25
CA ALA D 197 29.36 3.01 12.56
C ALA D 197 29.30 2.81 11.04
N GLU D 198 29.61 1.60 10.58
CA GLU D 198 29.70 1.27 9.13
C GLU D 198 28.30 1.35 8.49
N ILE D 199 27.24 0.95 9.19
CA ILE D 199 25.87 1.10 8.63
C ILE D 199 25.51 2.58 8.53
N CYS D 200 25.82 3.39 9.56
CA CYS D 200 25.56 4.84 9.55
C CYS D 200 26.35 5.51 8.42
N ASP D 201 27.56 5.04 8.13
CA ASP D 201 28.34 5.63 7.02
C ASP D 201 27.56 5.48 5.71
N VAL D 202 27.09 4.26 5.43
CA VAL D 202 26.29 3.95 4.21
C VAL D 202 25.01 4.82 4.22
N ALA D 203 24.29 4.87 5.35
CA ALA D 203 23.02 5.63 5.44
C ALA D 203 23.27 7.11 5.12
N ASP D 204 24.31 7.73 5.66
CA ASP D 204 24.57 9.18 5.43
C ASP D 204 25.00 9.43 3.98
N ALA D 205 25.67 8.48 3.34
CA ALA D 205 26.09 8.64 1.92
C ALA D 205 24.86 8.59 1.01
N HIS D 206 23.70 8.12 1.48
CA HIS D 206 22.44 8.18 0.70
C HIS D 206 21.37 9.04 1.36
N ASN D 207 21.72 9.95 2.29
CA ASN D 207 20.74 10.84 2.96
C ASN D 207 19.60 10.00 3.58
N ALA D 208 19.94 8.86 4.20
CA ALA D 208 18.97 7.93 4.81
C ALA D 208 18.84 8.25 6.29
N MET D 209 17.63 8.25 6.83
CA MET D 209 17.50 8.34 8.30
C MET D 209 17.74 6.94 8.88
N THR D 210 18.12 6.87 10.15
CA THR D 210 18.55 5.64 10.82
C THR D 210 17.68 5.45 12.07
N TYR D 211 17.25 4.22 12.26
CA TYR D 211 16.35 3.78 13.34
C TYR D 211 16.99 2.57 13.96
N LEU D 212 17.45 2.68 15.20
CA LEU D 212 18.23 1.62 15.90
C LEU D 212 17.46 1.14 17.11
N ASP D 213 17.06 -0.11 17.06
CA ASP D 213 16.46 -0.83 18.21
C ASP D 213 17.62 -1.34 19.09
N GLU D 214 17.74 -0.80 20.31
CA GLU D 214 18.79 -1.12 21.30
C GLU D 214 18.20 -1.95 22.43
N VAL D 215 17.08 -2.66 22.17
CA VAL D 215 16.37 -3.45 23.21
C VAL D 215 17.35 -4.37 23.94
N HIS D 216 18.30 -5.01 23.26
CA HIS D 216 19.24 -5.95 23.92
C HIS D 216 20.59 -5.30 24.27
N GLY D 217 20.73 -3.98 24.12
CA GLY D 217 21.96 -3.27 24.57
C GLY D 217 21.66 -2.32 25.72
N VAL D 218 20.52 -1.66 25.71
CA VAL D 218 20.24 -0.54 26.65
C VAL D 218 20.22 -1.10 28.07
N GLY D 219 20.87 -0.38 29.00
CA GLY D 219 21.14 -0.81 30.39
C GLY D 219 22.38 -1.68 30.55
N LEU D 220 22.87 -2.31 29.47
CA LEU D 220 23.90 -3.39 29.57
C LEU D 220 25.29 -2.95 29.10
N TYR D 221 25.40 -1.88 28.30
CA TYR D 221 26.64 -1.41 27.63
C TYR D 221 26.70 0.10 27.67
N GLY D 222 27.93 0.65 27.57
CA GLY D 222 28.21 2.07 27.47
C GLY D 222 28.51 2.69 28.82
N PRO D 223 29.23 3.83 28.84
CA PRO D 223 29.55 4.51 30.09
C PRO D 223 28.30 5.05 30.82
N ASN D 224 27.20 5.31 30.09
CA ASN D 224 25.90 5.77 30.66
C ASN D 224 24.89 4.61 30.73
N GLY D 225 25.28 3.37 30.40
CA GLY D 225 24.35 2.25 30.24
C GLY D 225 23.32 2.50 29.15
N GLY D 226 23.65 3.28 28.13
CA GLY D 226 22.74 3.61 27.01
C GLY D 226 22.75 2.57 25.90
N GLY D 227 23.62 1.55 25.95
CA GLY D 227 23.72 0.50 24.90
C GLY D 227 24.98 0.58 24.03
N ILE D 228 24.91 0.02 22.83
CA ILE D 228 26.08 -0.19 21.93
C ILE D 228 26.48 1.17 21.33
N ALA D 229 25.51 1.96 20.85
CA ALA D 229 25.79 3.29 20.28
C ALA D 229 26.54 4.11 21.34
N ASP D 230 26.05 4.06 22.57
CA ASP D 230 26.65 4.79 23.71
C ASP D 230 28.09 4.32 23.87
N ARG D 231 28.28 3.01 23.95
CA ARG D 231 29.61 2.41 24.16
C ARG D 231 30.55 2.84 23.04
N GLU D 232 30.05 2.90 21.82
CA GLU D 232 30.91 3.22 20.66
C GLU D 232 31.13 4.74 20.52
N GLY D 233 30.46 5.57 21.33
CA GLY D 233 30.58 7.03 21.25
C GLY D 233 29.85 7.62 20.06
N ILE D 234 28.78 6.97 19.58
CA ILE D 234 28.15 7.37 18.28
C ILE D 234 26.62 7.50 18.41
N SER D 235 26.06 7.75 19.60
CA SER D 235 24.60 7.98 19.78
C SER D 235 24.08 9.05 18.81
N HIS D 236 24.85 10.12 18.62
CA HIS D 236 24.51 11.32 17.80
C HIS D 236 24.28 10.91 16.33
N ARG D 237 24.77 9.77 15.89
CA ARG D 237 24.68 9.41 14.44
C ARG D 237 23.29 8.84 14.11
N LEU D 238 22.49 8.48 15.11
CA LEU D 238 21.19 7.80 14.83
C LEU D 238 20.06 8.79 14.88
N THR D 239 19.20 8.78 13.87
CA THR D 239 18.01 9.66 13.89
C THR D 239 17.14 9.26 15.08
N ILE D 240 16.88 7.96 15.24
CA ILE D 240 16.11 7.43 16.40
C ILE D 240 16.86 6.24 17.03
N ILE D 241 16.87 6.24 18.35
CA ILE D 241 17.23 5.08 19.20
C ILE D 241 15.94 4.63 19.89
N GLU D 242 15.54 3.38 19.65
CA GLU D 242 14.35 2.80 20.31
C GLU D 242 14.85 1.83 21.38
N GLY D 243 14.06 1.67 22.43
CA GLY D 243 14.30 0.63 23.44
C GLY D 243 13.05 0.20 24.16
N THR D 244 13.27 -0.67 25.13
CA THR D 244 12.28 -1.25 26.03
C THR D 244 12.69 -0.91 27.46
N LEU D 245 11.69 -0.82 28.31
CA LEU D 245 11.86 -0.69 29.78
C LEU D 245 11.69 -2.06 30.45
N ALA D 246 11.47 -3.12 29.67
CA ALA D 246 11.00 -4.44 30.13
C ALA D 246 12.16 -5.42 30.36
N ALA D 248 16.61 -5.05 30.40
CA ALA D 248 17.64 -4.65 31.38
C ALA D 248 17.01 -3.78 32.47
N PHE D 249 16.01 -2.95 32.15
CA PHE D 249 15.41 -2.00 33.15
C PHE D 249 14.38 -2.70 34.04
N GLY D 250 13.89 -3.87 33.62
CA GLY D 250 13.20 -4.84 34.49
C GLY D 250 11.75 -4.48 34.83
N VAL D 251 11.11 -3.61 34.05
CA VAL D 251 9.70 -3.22 34.36
C VAL D 251 8.83 -3.53 33.13
N VAL D 252 8.34 -2.54 32.41
CA VAL D 252 7.54 -2.74 31.17
C VAL D 252 7.45 -1.38 30.49
N GLY D 253 7.24 -1.36 29.19
CA GLY D 253 7.11 -0.12 28.42
C GLY D 253 8.13 -0.05 27.32
N GLY D 254 7.92 0.86 26.38
CA GLY D 254 8.80 1.11 25.24
C GLY D 254 9.02 2.60 25.06
N TYR D 255 10.01 2.97 24.24
CA TYR D 255 10.34 4.39 23.98
C TYR D 255 11.11 4.53 22.67
N ILE D 256 11.05 5.73 22.12
CA ILE D 256 12.03 6.22 21.11
C ILE D 256 12.67 7.47 21.69
N ALA D 257 13.90 7.75 21.28
CA ALA D 257 14.65 8.96 21.67
C ALA D 257 15.22 9.59 20.41
N GLY D 258 15.14 10.90 20.31
CA GLY D 258 15.71 11.62 19.15
C GLY D 258 15.45 13.09 19.28
N SER D 259 15.36 13.79 18.17
CA SER D 259 15.11 15.25 18.16
C SER D 259 13.71 15.51 18.71
N SER D 260 13.49 16.73 19.19
CA SER D 260 12.16 17.24 19.60
C SER D 260 11.17 17.03 18.46
N ALA D 261 11.59 17.40 17.24
CA ALA D 261 10.74 17.34 16.03
C ALA D 261 10.33 15.89 15.77
N VAL D 262 11.25 14.93 15.77
CA VAL D 262 10.85 13.55 15.41
C VAL D 262 9.93 12.98 16.50
N CYS D 263 10.24 13.19 17.79
CA CYS D 263 9.43 12.63 18.90
C CYS D 263 8.04 13.27 18.88
N ASP D 264 7.98 14.57 18.57
CA ASP D 264 6.71 15.32 18.56
C ASP D 264 5.91 14.88 17.35
N PHE D 265 6.59 14.57 16.25
CA PHE D 265 5.90 14.06 15.04
C PHE D 265 5.23 12.73 15.38
N VAL D 266 5.97 11.82 16.00
CA VAL D 266 5.41 10.48 16.31
C VAL D 266 4.30 10.67 17.34
N ARG D 267 4.50 11.55 18.33
CA ARG D 267 3.51 11.85 19.40
C ARG D 267 2.17 12.29 18.81
N SER D 268 2.25 13.07 17.73
CA SER D 268 1.13 13.85 17.13
C SER D 268 0.39 13.02 16.08
N PHE D 269 1.05 12.02 15.49
CA PHE D 269 0.52 11.29 14.31
C PHE D 269 0.33 9.78 14.59
N ALA D 270 1.03 9.16 15.55
CA ALA D 270 1.07 7.68 15.63
C ALA D 270 -0.17 7.12 16.37
N SER D 271 -1.04 6.43 15.66
CA SER D 271 -2.27 5.82 16.22
C SER D 271 -1.97 4.99 17.49
N GLY D 272 -0.97 4.13 17.44
CA GLY D 272 -0.54 3.25 18.56
C GLY D 272 -0.08 4.01 19.79
N PHE D 273 0.36 5.26 19.63
CA PHE D 273 0.69 6.16 20.77
C PHE D 273 -0.58 6.84 21.27
N ILE D 274 -1.41 7.30 20.34
CA ILE D 274 -2.49 8.27 20.67
C ILE D 274 -3.61 7.53 21.42
N PHE D 275 -4.09 6.43 20.87
CA PHE D 275 -5.39 5.82 21.23
C PHE D 275 -5.25 4.67 22.23
N SER D 276 -4.35 4.77 23.20
CA SER D 276 -4.11 3.73 24.25
C SER D 276 -3.81 4.43 25.57
N THR D 277 -4.37 3.90 26.64
CA THR D 277 -4.11 4.39 28.01
C THR D 277 -2.60 4.41 28.25
N SER D 278 -2.11 5.50 28.83
CA SER D 278 -0.71 5.62 29.29
C SER D 278 -0.34 4.47 30.21
N PRO D 279 0.97 4.12 30.28
CA PRO D 279 1.47 3.23 31.32
C PRO D 279 1.05 3.68 32.72
N PRO D 280 0.78 2.75 33.65
CA PRO D 280 0.52 3.16 35.03
C PRO D 280 1.65 4.03 35.57
N PRO D 281 1.32 5.04 36.40
CA PRO D 281 2.34 5.83 37.08
C PRO D 281 3.44 5.02 37.80
N ALA D 282 3.10 3.90 38.42
CA ALA D 282 4.06 3.04 39.15
C ALA D 282 5.03 2.42 38.15
N VAL D 283 4.54 2.04 36.98
CA VAL D 283 5.42 1.52 35.90
C VAL D 283 6.41 2.62 35.53
N ALA D 284 5.95 3.84 35.29
CA ALA D 284 6.84 4.93 34.87
C ALA D 284 7.84 5.22 36.01
N ALA D 285 7.39 5.24 37.27
CA ALA D 285 8.23 5.50 38.46
C ALA D 285 9.31 4.42 38.59
N GLY D 286 8.92 3.16 38.41
CA GLY D 286 9.82 2.00 38.49
C GLY D 286 10.91 2.13 37.45
N ALA D 287 10.52 2.33 36.19
CA ALA D 287 11.43 2.49 35.03
C ALA D 287 12.40 3.64 35.32
N LEU D 288 11.88 4.75 35.86
CA LEU D 288 12.70 5.98 36.10
C LEU D 288 13.79 5.63 37.11
N ALA D 289 13.41 4.93 38.20
CA ALA D 289 14.35 4.53 39.27
C ALA D 289 15.38 3.56 38.69
N SER D 290 14.93 2.62 37.84
CA SER D 290 15.84 1.60 37.22
C SER D 290 16.90 2.32 36.39
N ILE D 291 16.46 3.21 35.51
CA ILE D 291 17.37 3.95 34.58
C ILE D 291 18.30 4.82 35.42
N ARG D 292 17.80 5.54 36.41
CA ARG D 292 18.65 6.42 37.27
C ARG D 292 19.72 5.58 37.97
N HIS D 293 19.37 4.39 38.46
CA HIS D 293 20.35 3.52 39.14
C HIS D 293 21.40 3.02 38.13
N LEU D 294 20.99 2.63 36.93
CA LEU D 294 21.91 1.98 35.98
C LEU D 294 22.79 3.00 35.26
N ARG D 295 22.40 4.28 35.23
CA ARG D 295 23.27 5.38 34.71
C ARG D 295 24.37 5.66 35.74
N ALA D 296 24.05 5.55 37.03
CA ALA D 296 24.96 5.91 38.14
C ALA D 296 25.88 4.72 38.45
N SER D 297 25.38 3.49 38.33
CA SER D 297 26.07 2.26 38.80
C SER D 297 26.45 1.34 37.61
N SER D 298 27.69 0.89 37.61
CA SER D 298 28.24 -0.14 36.69
C SER D 298 28.42 -1.48 37.43
N ALA D 299 28.11 -1.58 38.73
CA ALA D 299 28.35 -2.80 39.53
C ALA D 299 27.57 -4.00 38.96
N GLU D 300 26.30 -3.83 38.63
CA GLU D 300 25.45 -4.92 38.08
C GLU D 300 25.96 -5.36 36.70
N ARG D 301 26.36 -4.44 35.84
CA ARG D 301 26.85 -4.79 34.48
C ARG D 301 28.16 -5.56 34.60
N GLU D 302 29.04 -5.15 35.52
CA GLU D 302 30.32 -5.88 35.75
C GLU D 302 30.04 -7.34 36.17
N ARG D 303 29.17 -7.53 37.15
CA ARG D 303 28.80 -8.87 37.69
C ARG D 303 28.11 -9.68 36.58
N HIS D 304 27.32 -8.99 35.73
CA HIS D 304 26.58 -9.59 34.60
C HIS D 304 27.61 -10.20 33.65
N GLN D 305 28.60 -9.41 33.25
CA GLN D 305 29.62 -9.82 32.25
C GLN D 305 30.52 -10.91 32.86
N ASP D 306 30.80 -10.84 34.16
CA ASP D 306 31.54 -11.92 34.89
C ASP D 306 30.77 -13.25 34.86
N ARG D 307 29.45 -13.25 35.09
CA ARG D 307 28.64 -14.51 35.06
C ARG D 307 28.65 -15.08 33.64
N VAL D 308 28.45 -14.24 32.63
CA VAL D 308 28.44 -14.68 31.20
C VAL D 308 29.80 -15.29 30.89
N ALA D 309 30.91 -14.60 31.19
CA ALA D 309 32.25 -15.09 30.84
C ALA D 309 32.54 -16.42 31.57
N ARG D 310 32.19 -16.51 32.86
CA ARG D 310 32.44 -17.76 33.62
C ARG D 310 31.64 -18.90 33.01
N LEU D 311 30.36 -18.67 32.66
CA LEU D 311 29.53 -19.76 32.07
C LEU D 311 30.22 -20.21 30.78
N ARG D 312 30.66 -19.29 29.93
CA ARG D 312 31.34 -19.66 28.65
C ARG D 312 32.62 -20.49 28.92
N ALA D 313 33.46 -20.05 29.86
CA ALA D 313 34.74 -20.76 30.13
C ALA D 313 34.44 -22.16 30.71
N ARG D 314 33.42 -22.29 31.54
CA ARG D 314 33.03 -23.58 32.14
C ARG D 314 32.41 -24.47 31.06
N LEU D 315 31.55 -23.92 30.20
CA LEU D 315 30.95 -24.73 29.10
C LEU D 315 32.07 -25.24 28.18
N ASP D 316 33.07 -24.40 27.91
CA ASP D 316 34.19 -24.78 27.00
C ASP D 316 34.96 -25.95 27.67
N GLN D 317 35.20 -25.87 28.97
CA GLN D 317 35.96 -26.94 29.70
C GLN D 317 35.13 -28.21 29.70
N ALA D 318 33.81 -28.10 29.79
CA ALA D 318 32.91 -29.30 29.80
C ALA D 318 32.69 -29.82 28.38
N GLY D 319 33.18 -29.19 27.31
CA GLY D 319 32.92 -29.66 25.94
C GLY D 319 31.47 -29.45 25.49
N VAL D 320 30.75 -28.49 26.08
CA VAL D 320 29.33 -28.21 25.71
C VAL D 320 29.36 -27.05 24.72
N ALA D 321 28.89 -27.31 23.49
CA ALA D 321 28.93 -26.32 22.38
C ALA D 321 27.98 -25.14 22.64
N HIS D 322 28.49 -23.94 22.45
CA HIS D 322 27.69 -22.70 22.48
C HIS D 322 28.24 -21.77 21.39
N MET D 323 27.37 -20.91 20.87
CA MET D 323 27.68 -19.99 19.75
C MET D 323 28.41 -18.80 20.31
N PRO D 324 29.71 -18.62 19.98
CA PRO D 324 30.47 -17.49 20.49
C PRO D 324 29.96 -16.20 19.88
N ASN D 325 30.00 -15.11 20.65
CA ASN D 325 29.48 -13.79 20.24
C ASN D 325 30.00 -12.78 21.26
N PRO D 326 30.02 -11.48 20.93
CA PRO D 326 30.49 -10.50 21.89
C PRO D 326 29.42 -9.97 22.85
N SER D 327 28.18 -10.48 22.84
CA SER D 327 27.17 -9.97 23.80
C SER D 327 27.16 -10.83 25.08
N HIS D 328 26.02 -10.80 25.78
CA HIS D 328 25.77 -11.39 27.11
C HIS D 328 24.86 -12.61 26.90
N ILE D 329 24.59 -13.00 25.65
CA ILE D 329 23.64 -14.11 25.32
C ILE D 329 24.47 -15.34 25.01
N VAL D 330 24.13 -16.48 25.60
CA VAL D 330 24.90 -17.75 25.45
C VAL D 330 23.97 -18.78 24.81
N PRO D 331 23.98 -18.90 23.47
CA PRO D 331 23.13 -19.89 22.80
C PRO D 331 23.82 -21.25 22.84
N VAL D 332 23.25 -22.17 23.61
CA VAL D 332 23.74 -23.56 23.72
C VAL D 332 23.18 -24.34 22.53
N MET D 333 24.07 -24.92 21.74
CA MET D 333 23.75 -25.38 20.38
C MET D 333 23.35 -26.86 20.46
N VAL D 334 22.18 -27.20 19.93
CA VAL D 334 21.61 -28.58 19.96
C VAL D 334 21.60 -29.14 18.53
N GLY D 335 21.05 -28.41 17.57
CA GLY D 335 21.13 -28.77 16.15
C GLY D 335 20.12 -29.83 15.74
N ASP D 336 19.06 -30.03 16.53
CA ASP D 336 17.94 -30.95 16.18
C ASP D 336 16.70 -30.56 16.98
N ALA D 337 15.55 -30.39 16.30
CA ALA D 337 14.28 -29.91 16.90
C ALA D 337 13.81 -30.82 18.05
N ALA D 338 13.60 -32.11 17.78
CA ALA D 338 13.07 -33.02 18.81
C ALA D 338 14.06 -33.08 19.99
N LEU D 339 15.36 -33.21 19.71
CA LEU D 339 16.42 -33.24 20.74
C LEU D 339 16.38 -31.94 21.57
N CYS D 340 16.19 -30.79 20.91
CA CYS D 340 16.18 -29.47 21.61
C CYS D 340 15.06 -29.45 22.65
N LYS D 341 13.86 -29.84 22.25
CA LYS D 341 12.67 -29.93 23.14
C LYS D 341 12.94 -30.97 24.24
N GLN D 342 13.54 -32.14 23.94
CA GLN D 342 13.85 -33.19 24.95
C GLN D 342 14.82 -32.66 26.02
N ILE D 343 15.90 -32.00 25.60
CA ILE D 343 16.90 -31.40 26.54
C ILE D 343 16.21 -30.36 27.43
N SER D 344 15.39 -29.46 26.87
CA SER D 344 14.66 -28.44 27.65
C SER D 344 13.75 -29.09 28.72
N ASP D 345 12.92 -30.06 28.31
CA ASP D 345 12.05 -30.85 29.24
C ASP D 345 12.87 -31.55 30.32
N GLU D 346 13.99 -32.16 29.97
CA GLU D 346 14.77 -32.87 31.01
C GLU D 346 15.40 -31.82 31.95
N LEU D 347 15.84 -30.68 31.43
CA LEU D 347 16.45 -29.64 32.30
C LEU D 347 15.42 -29.19 33.35
N ILE D 348 14.15 -28.96 32.95
CA ILE D 348 13.09 -28.51 33.90
C ILE D 348 12.78 -29.65 34.89
N SER D 349 12.50 -30.87 34.43
CA SER D 349 11.93 -31.95 35.29
C SER D 349 13.03 -32.64 36.11
N ARG D 350 14.20 -32.91 35.54
CA ARG D 350 15.30 -33.61 36.25
C ARG D 350 16.08 -32.58 37.09
N TYR D 351 16.41 -31.40 36.56
CA TYR D 351 17.44 -30.51 37.17
C TYR D 351 16.87 -29.22 37.77
N GLY D 352 15.56 -28.99 37.71
CA GLY D 352 14.98 -27.73 38.20
C GLY D 352 15.57 -26.51 37.47
N ILE D 353 15.81 -26.64 36.16
CA ILE D 353 16.47 -25.58 35.34
C ILE D 353 15.52 -25.15 34.22
N TYR D 354 15.09 -23.90 34.21
CA TYR D 354 14.11 -23.36 33.22
C TYR D 354 14.87 -22.65 32.08
N VAL D 355 14.93 -23.33 30.95
CA VAL D 355 15.41 -22.82 29.63
C VAL D 355 14.29 -23.16 28.65
N GLN D 356 14.22 -22.47 27.52
CA GLN D 356 13.19 -22.80 26.52
C GLN D 356 13.90 -23.21 25.24
N PRO D 357 13.34 -24.19 24.50
CA PRO D 357 13.94 -24.61 23.24
C PRO D 357 13.65 -23.55 22.16
N ILE D 358 14.62 -23.28 21.27
CA ILE D 358 14.44 -22.40 20.07
C ILE D 358 14.68 -23.21 18.79
N ASN D 359 13.64 -23.34 17.98
CA ASN D 359 13.61 -24.22 16.78
C ASN D 359 13.18 -23.42 15.55
N TYR D 360 13.31 -24.01 14.35
CA TYR D 360 12.68 -23.47 13.12
C TYR D 360 11.21 -23.21 13.44
N PRO D 361 10.58 -22.08 13.06
CA PRO D 361 11.18 -21.07 12.18
C PRO D 361 11.99 -19.95 12.87
N THR D 362 11.99 -19.87 14.20
CA THR D 362 12.68 -18.77 14.92
C THR D 362 14.14 -18.70 14.47
N VAL D 363 14.68 -19.82 14.06
CA VAL D 363 16.12 -20.05 13.80
C VAL D 363 16.21 -21.11 12.72
N PRO D 364 17.25 -21.13 11.86
CA PRO D 364 17.36 -22.12 10.78
C PRO D 364 17.37 -23.58 11.23
N ARG D 365 16.70 -24.47 10.48
CA ARG D 365 16.72 -25.93 10.75
C ARG D 365 18.17 -26.36 10.82
N GLY D 366 18.52 -27.22 11.79
CA GLY D 366 19.91 -27.64 12.08
C GLY D 366 20.65 -26.70 13.05
N THR D 367 20.09 -25.54 13.39
CA THR D 367 20.74 -24.55 14.30
C THR D 367 19.89 -24.37 15.58
N GLU D 368 19.08 -25.36 15.92
CA GLU D 368 18.21 -25.36 17.12
C GLU D 368 19.08 -25.20 18.37
N ARG D 369 18.59 -24.47 19.36
CA ARG D 369 19.47 -24.02 20.46
C ARG D 369 18.64 -23.77 21.72
N LEU D 370 19.35 -23.63 22.83
CA LEU D 370 18.83 -23.21 24.14
C LEU D 370 19.43 -21.83 24.46
N ARG D 371 18.59 -20.81 24.52
CA ARG D 371 19.06 -19.42 24.72
C ARG D 371 19.18 -19.26 26.22
N ILE D 372 20.41 -19.10 26.68
CA ILE D 372 20.73 -18.91 28.11
C ILE D 372 21.18 -17.47 28.33
N THR D 373 20.63 -16.84 29.36
CA THR D 373 20.84 -15.42 29.70
C THR D 373 21.29 -15.36 31.15
N PRO D 374 22.59 -15.57 31.42
CA PRO D 374 23.11 -15.37 32.77
C PRO D 374 22.80 -13.95 33.26
N SER D 375 22.48 -13.84 34.54
CA SER D 375 22.22 -12.59 35.28
C SER D 375 23.26 -12.45 36.38
N PRO D 376 23.45 -11.25 36.95
CA PRO D 376 24.32 -11.06 38.10
C PRO D 376 23.95 -11.92 39.31
N GLN D 377 22.69 -12.31 39.42
CA GLN D 377 22.17 -13.11 40.56
C GLN D 377 22.49 -14.61 40.39
N HIS D 378 22.91 -15.07 39.22
CA HIS D 378 23.35 -16.47 39.01
C HIS D 378 24.69 -16.67 39.75
N THR D 379 24.74 -17.62 40.70
CA THR D 379 25.94 -17.90 41.54
C THR D 379 26.89 -18.85 40.82
N ASP D 380 28.13 -18.96 41.29
CA ASP D 380 29.05 -19.99 40.74
C ASP D 380 28.39 -21.36 40.88
N ALA D 381 27.66 -21.60 41.97
CA ALA D 381 26.94 -22.88 42.22
C ALA D 381 25.81 -23.08 41.20
N ASP D 382 25.06 -22.04 40.86
CA ASP D 382 24.03 -22.13 39.78
C ASP D 382 24.72 -22.51 38.47
N ILE D 383 25.86 -21.87 38.16
CA ILE D 383 26.61 -22.14 36.91
C ILE D 383 27.04 -23.61 36.88
N GLU D 384 27.56 -24.14 37.98
CA GLU D 384 28.08 -25.54 38.07
C GLU D 384 26.92 -26.52 37.87
N HIS D 385 25.79 -26.24 38.49
CA HIS D 385 24.57 -27.09 38.33
C HIS D 385 24.14 -27.09 36.85
N LEU D 386 24.19 -25.96 36.14
CA LEU D 386 23.79 -25.90 34.71
C LEU D 386 24.82 -26.62 33.82
N VAL D 387 26.11 -26.37 34.06
CA VAL D 387 27.21 -26.97 33.27
C VAL D 387 27.17 -28.49 33.45
N GLN D 388 27.06 -28.95 34.69
CA GLN D 388 26.98 -30.39 35.04
C GLN D 388 25.75 -30.99 34.35
N ALA D 389 24.56 -30.36 34.48
CA ALA D 389 23.31 -30.86 33.85
C ALA D 389 23.53 -31.06 32.36
N LEU D 390 24.03 -30.03 31.68
CA LEU D 390 24.22 -30.11 30.21
C LEU D 390 25.24 -31.21 29.88
N SER D 391 26.30 -31.30 30.66
CA SER D 391 27.41 -32.26 30.42
C SER D 391 26.81 -33.67 30.54
N GLU D 392 26.04 -33.90 31.59
CA GLU D 392 25.41 -35.22 31.86
C GLU D 392 24.44 -35.55 30.73
N ILE D 393 23.61 -34.60 30.29
CA ILE D 393 22.58 -34.85 29.26
C ILE D 393 23.28 -35.13 27.93
N TRP D 394 24.32 -34.36 27.60
CA TRP D 394 25.09 -34.56 26.36
C TRP D 394 25.72 -35.97 26.33
N THR D 395 26.29 -36.44 27.45
CA THR D 395 26.97 -37.76 27.53
C THR D 395 25.91 -38.85 27.29
N ARG D 396 24.69 -38.70 27.84
CA ARG D 396 23.58 -39.66 27.58
C ARG D 396 23.15 -39.60 26.11
N VAL D 397 23.21 -38.45 25.46
CA VAL D 397 22.88 -38.38 24.00
C VAL D 397 23.95 -39.15 23.22
N GLY D 398 25.22 -38.83 23.43
CA GLY D 398 26.33 -39.57 22.78
C GLY D 398 26.23 -41.08 22.86
N LEU D 399 25.67 -41.62 23.94
CA LEU D 399 25.58 -43.09 24.13
C LEU D 399 24.36 -43.64 23.37
#